data_7SWH
#
_entry.id   7SWH
#
_cell.length_a   68.730
_cell.length_b   156.890
_cell.length_c   81.710
_cell.angle_alpha   90.000
_cell.angle_beta   113.110
_cell.angle_gamma   90.000
#
_symmetry.space_group_name_H-M   'P 1 21 1'
#
loop_
_entity.id
_entity.type
_entity.pdbx_description
1 polymer 'Putative cystathionine gamma-synthase'
2 non-polymer 1,2-ETHANEDIOL
3 water water
#
_entity_poly.entity_id   1
_entity_poly.type   'polypeptide(L)'
_entity_poly.pdbx_seq_one_letter_code
;MAHHHHHHMGTLEAQTQGPGSMTYSSYHKKDIEGRPLHPETQMMSYGFDPFLSEGAVKPPVFLTSTFAFRSAEDGADFFD
IVSGRKPLPQGEAAGLVYSRFNHPNLEIVEDRLALLDGSEAAVVTSSGMSAISAIFLAFLRPGDQLVQSVPLYGGTETLI
AKYFREWGVGAHSIDNGLSPQAIGAALEAAAQQGPVRLCYVETPANPTNALIDLDGMRRELDAFEARHGYRPISVCDNTL
LGPIFQKPSEHGVDMSVYSLT(LLP)YVGGHSDLVGGGVTGRRDLVAKVRAVRSAFGSQLDPHSSWMLIRSMETVVLRMK
QAARTASAVAKWLATNPHQKVDVYHPELIVDDAYQAVYKRQCTGAGSTFAFVLNGGRAEAFRFINALHLFKSAVSLGGTE
SLICHPASTTHSGVPEAARKAAGVSEGLIRVSIGLEHEEDLIADLDHAFRRSGLATGV
;
_entity_poly.pdbx_strand_id   A,B,C,D
#
# COMPACT_ATOMS: atom_id res chain seq x y z
N SER A 26 5.27 5.37 29.42
CA SER A 26 5.90 4.05 29.27
C SER A 26 6.22 3.76 27.80
N TYR A 27 5.36 4.24 26.90
CA TYR A 27 5.66 4.24 25.48
C TYR A 27 6.16 5.61 25.01
N HIS A 28 6.24 6.59 25.92
CA HIS A 28 6.85 7.88 25.66
C HIS A 28 8.01 8.13 26.61
N LYS A 29 8.91 7.15 26.73
CA LYS A 29 10.08 7.28 27.59
C LYS A 29 11.18 8.04 26.83
N LYS A 30 11.68 9.12 27.44
CA LYS A 30 12.66 10.00 26.80
C LYS A 30 14.09 9.77 27.29
N ASP A 31 14.30 8.92 28.28
CA ASP A 31 15.62 8.77 28.88
C ASP A 31 15.83 7.32 29.30
N ILE A 32 17.07 7.01 29.67
CA ILE A 32 17.45 5.70 30.22
C ILE A 32 18.49 5.92 31.30
N GLU A 33 18.16 5.56 32.55
CA GLU A 33 19.06 5.72 33.70
C GLU A 33 19.58 7.15 33.83
N GLY A 34 18.80 8.13 33.35
CA GLY A 34 19.12 9.54 33.43
C GLY A 34 19.59 10.18 32.12
N ARG A 35 20.31 9.43 31.28
CA ARG A 35 20.75 10.08 30.04
C ARG A 35 19.66 9.96 28.98
N PRO A 36 19.40 11.04 28.23
CA PRO A 36 18.34 10.97 27.21
C PRO A 36 18.77 10.11 26.03
N LEU A 37 17.81 9.40 25.46
CA LEU A 37 18.09 8.54 24.31
C LEU A 37 18.44 9.39 23.10
N HIS A 38 19.32 8.86 22.25
CA HIS A 38 19.62 9.54 20.99
C HIS A 38 18.43 9.47 20.05
N PRO A 39 18.28 10.46 19.17
CA PRO A 39 17.13 10.46 18.25
C PRO A 39 17.05 9.24 17.38
N GLU A 40 18.18 8.71 16.85
CA GLU A 40 18.05 7.53 16.00
C GLU A 40 17.52 6.34 16.80
N THR A 41 17.81 6.29 18.10
CA THR A 41 17.24 5.23 18.94
C THR A 41 15.74 5.41 19.12
N GLN A 42 15.30 6.65 19.37
CA GLN A 42 13.88 6.91 19.63
C GLN A 42 13.01 6.64 18.42
N MET A 43 13.57 6.74 17.20
CA MET A 43 12.75 6.60 16.01
C MET A 43 12.31 5.17 15.76
N MET A 44 12.74 4.23 16.59
CA MET A 44 12.34 2.85 16.44
C MET A 44 11.32 2.40 17.48
N SER A 45 10.98 3.26 18.46
CA SER A 45 10.06 2.80 19.49
C SER A 45 9.14 3.89 20.02
N TYR A 46 9.60 5.15 20.05
CA TYR A 46 8.89 6.22 20.75
C TYR A 46 7.43 6.34 20.32
N GLY A 47 6.55 6.38 21.32
CA GLY A 47 5.14 6.55 21.07
C GLY A 47 4.40 5.31 20.63
N PHE A 48 5.03 4.13 20.67
CA PHE A 48 4.39 2.88 20.26
C PHE A 48 4.70 1.77 21.26
N ASP A 49 3.66 1.11 21.75
CA ASP A 49 3.81 -0.04 22.65
C ASP A 49 3.45 -1.32 21.91
N PRO A 50 4.41 -2.16 21.52
CA PRO A 50 4.07 -3.37 20.75
C PRO A 50 3.00 -4.24 21.42
N PHE A 51 2.94 -4.27 22.73
CA PHE A 51 2.04 -5.21 23.40
C PHE A 51 0.63 -4.69 23.53
N LEU A 52 0.37 -3.48 23.06
CA LEU A 52 -1.00 -3.06 22.79
C LEU A 52 -1.38 -3.32 21.33
N SER A 53 -0.49 -3.93 20.56
CA SER A 53 -0.74 -4.35 19.18
C SER A 53 -0.25 -5.77 18.95
N GLU A 54 -0.55 -6.66 19.90
CA GLU A 54 -0.26 -8.09 19.80
C GLU A 54 1.22 -8.40 19.65
N GLY A 55 2.10 -7.52 20.12
CA GLY A 55 3.52 -7.76 20.05
C GLY A 55 4.16 -7.34 18.75
N ALA A 56 3.38 -6.81 17.81
CA ALA A 56 3.94 -6.31 16.56
C ALA A 56 5.04 -5.31 16.84
N VAL A 57 6.23 -5.52 16.26
CA VAL A 57 7.36 -4.64 16.52
C VAL A 57 7.23 -3.33 15.76
N LYS A 58 6.37 -3.27 14.75
CA LYS A 58 6.08 -2.02 14.05
C LYS A 58 4.59 -1.69 14.19
N PRO A 59 4.22 -0.42 14.12
CA PRO A 59 2.81 -0.04 14.26
C PRO A 59 2.00 -0.56 13.08
N PRO A 60 0.85 -1.18 13.33
CA PRO A 60 -0.04 -1.51 12.22
C PRO A 60 -0.61 -0.24 11.60
N VAL A 61 -1.04 -0.38 10.35
CA VAL A 61 -1.60 0.71 9.57
C VAL A 61 -3.11 0.62 9.66
N PHE A 62 -3.72 1.65 10.23
CA PHE A 62 -5.18 1.79 10.26
C PHE A 62 -5.58 2.51 8.97
N LEU A 63 -5.86 1.73 7.93
CA LEU A 63 -6.34 2.30 6.66
C LEU A 63 -7.84 2.59 6.72
N THR A 64 -8.19 3.47 7.66
CA THR A 64 -9.55 3.97 7.81
C THR A 64 -9.49 5.23 8.63
N SER A 65 -10.49 6.09 8.44
CA SER A 65 -10.69 7.21 9.34
C SER A 65 -11.94 7.05 10.19
N THR A 66 -12.65 5.92 10.06
CA THR A 66 -13.92 5.68 10.76
C THR A 66 -13.71 4.77 11.96
N PHE A 67 -13.90 5.32 13.16
CA PHE A 67 -13.73 4.62 14.43
C PHE A 67 -15.05 4.65 15.20
N ALA A 68 -15.55 3.47 15.53
CA ALA A 68 -16.87 3.32 16.09
C ALA A 68 -16.86 3.55 17.59
N PHE A 69 -18.03 3.87 18.11
CA PHE A 69 -18.21 4.02 19.54
C PHE A 69 -18.66 2.70 20.15
N ARG A 70 -18.26 2.47 21.39
CA ARG A 70 -18.74 1.28 22.09
C ARG A 70 -20.19 1.42 22.48
N SER A 71 -20.70 2.64 22.57
CA SER A 71 -22.07 2.88 22.99
C SER A 71 -22.50 4.25 22.52
N ALA A 72 -23.82 4.43 22.40
CA ALA A 72 -24.34 5.75 22.07
C ALA A 72 -23.87 6.79 23.07
N GLU A 73 -23.78 6.42 24.35
CA GLU A 73 -23.27 7.34 25.37
C GLU A 73 -21.83 7.70 25.09
N ASP A 74 -21.02 6.74 24.63
CA ASP A 74 -19.64 7.06 24.26
C ASP A 74 -19.59 8.11 23.15
N GLY A 75 -20.45 7.97 22.14
CA GLY A 75 -20.48 8.94 21.05
C GLY A 75 -20.83 10.34 21.50
N ALA A 76 -21.81 10.45 22.40
CA ALA A 76 -22.17 11.78 22.90
C ALA A 76 -21.04 12.38 23.72
N ASP A 77 -20.38 11.55 24.52
CA ASP A 77 -19.22 12.00 25.28
C ASP A 77 -18.10 12.48 24.35
N PHE A 78 -17.86 11.74 23.27
CA PHE A 78 -16.83 12.10 22.31
C PHE A 78 -17.06 13.51 21.77
N PHE A 79 -18.28 13.80 21.31
CA PHE A 79 -18.56 15.11 20.73
C PHE A 79 -18.67 16.19 21.80
N ASP A 80 -19.03 15.83 23.03
CA ASP A 80 -18.90 16.77 24.12
C ASP A 80 -17.47 17.30 24.20
N ILE A 81 -16.48 16.43 24.00
CA ILE A 81 -15.10 16.85 24.10
C ILE A 81 -14.64 17.53 22.82
N VAL A 82 -14.95 16.92 21.67
CA VAL A 82 -14.50 17.42 20.36
C VAL A 82 -14.89 18.88 20.15
N SER A 83 -16.05 19.28 20.67
CA SER A 83 -16.53 20.64 20.51
C SER A 83 -16.04 21.58 21.60
N GLY A 84 -15.37 21.06 22.64
CA GLY A 84 -14.93 21.89 23.74
C GLY A 84 -15.96 22.10 24.83
N ARG A 85 -17.13 21.44 24.75
CA ARG A 85 -18.14 21.54 25.80
C ARG A 85 -17.69 20.84 27.07
N LYS A 86 -16.81 19.84 26.96
CA LYS A 86 -16.23 19.14 28.10
C LYS A 86 -14.74 18.93 27.81
N PRO A 87 -13.87 19.16 28.80
CA PRO A 87 -12.43 19.02 28.58
C PRO A 87 -11.99 17.56 28.51
N LEU A 88 -10.87 17.35 27.82
CA LEU A 88 -10.33 16.01 27.60
C LEU A 88 -9.84 15.42 28.93
N PRO A 89 -10.39 14.27 29.37
CA PRO A 89 -10.01 13.67 30.67
C PRO A 89 -8.71 12.88 30.61
N SER A 99 -5.15 7.91 21.85
CA SER A 99 -6.11 9.02 21.91
C SER A 99 -7.26 8.85 20.90
N ARG A 100 -8.48 9.06 21.37
CA ARG A 100 -9.65 8.89 20.51
C ARG A 100 -9.79 10.02 19.49
N PHE A 101 -9.11 11.15 19.71
CA PHE A 101 -9.23 12.31 18.84
C PHE A 101 -8.10 12.45 17.85
N ASN A 102 -7.26 11.42 17.70
CA ASN A 102 -6.19 11.44 16.73
C ASN A 102 -6.14 10.07 16.07
N HIS A 103 -5.82 10.07 14.79
CA HIS A 103 -5.61 8.81 14.10
C HIS A 103 -4.34 8.14 14.62
N PRO A 104 -4.39 6.83 14.91
CA PRO A 104 -3.21 6.18 15.51
C PRO A 104 -1.92 6.38 14.73
N ASN A 105 -1.97 6.32 13.41
CA ASN A 105 -0.72 6.44 12.67
C ASN A 105 -0.22 7.90 12.59
N LEU A 106 -1.14 8.86 12.44
CA LEU A 106 -0.70 10.26 12.46
C LEU A 106 -0.12 10.63 13.81
N GLU A 107 -0.67 10.05 14.89
CA GLU A 107 -0.20 10.40 16.22
C GLU A 107 1.25 9.96 16.45
N ILE A 108 1.62 8.77 15.99
CA ILE A 108 3.00 8.33 16.15
C ILE A 108 3.94 9.25 15.37
N VAL A 109 3.56 9.59 14.13
CA VAL A 109 4.39 10.51 13.33
C VAL A 109 4.56 11.83 14.04
N GLU A 110 3.49 12.34 14.65
CA GLU A 110 3.53 13.66 15.29
C GLU A 110 4.36 13.65 16.57
N ASP A 111 4.21 12.62 17.40
CA ASP A 111 5.08 12.47 18.57
C ASP A 111 6.56 12.40 18.18
N ARG A 112 6.89 11.63 17.14
CA ARG A 112 8.28 11.46 16.75
C ARG A 112 8.83 12.73 16.10
N LEU A 113 8.02 13.44 15.32
CA LEU A 113 8.50 14.68 14.71
C LEU A 113 8.78 15.73 15.78
N ALA A 114 7.85 15.94 16.71
CA ALA A 114 8.07 16.91 17.77
C ALA A 114 9.28 16.54 18.62
N LEU A 115 9.49 15.23 18.83
CA LEU A 115 10.69 14.78 19.57
C LEU A 115 11.96 15.14 18.81
N LEU A 116 11.96 14.91 17.49
CA LEU A 116 13.16 15.18 16.69
C LEU A 116 13.57 16.66 16.73
N ASP A 117 12.60 17.59 16.77
CA ASP A 117 13.03 18.98 16.70
C ASP A 117 12.82 19.73 18.02
N GLY A 118 12.56 19.02 19.11
CA GLY A 118 12.45 19.63 20.43
C GLY A 118 11.22 20.46 20.70
N SER A 119 10.11 20.21 20.01
CA SER A 119 8.87 20.97 20.17
C SER A 119 7.94 20.30 21.16
N GLU A 120 6.98 21.08 21.67
CA GLU A 120 5.96 20.53 22.57
C GLU A 120 4.94 19.68 21.81
N ALA A 121 4.66 20.01 20.55
CA ALA A 121 3.55 19.39 19.85
C ALA A 121 3.78 19.52 18.36
N ALA A 122 3.03 18.71 17.60
CA ALA A 122 3.14 18.69 16.14
C ALA A 122 1.81 18.29 15.54
N VAL A 123 1.57 18.76 14.32
CA VAL A 123 0.41 18.34 13.54
C VAL A 123 0.90 18.11 12.12
N VAL A 124 0.53 16.97 11.52
CA VAL A 124 0.96 16.64 10.16
C VAL A 124 -0.22 16.79 9.20
N THR A 125 0.08 17.28 7.99
CA THR A 125 -0.94 17.58 6.98
C THR A 125 -0.55 16.87 5.69
N SER A 126 -1.41 17.02 4.67
CA SER A 126 -1.24 16.30 3.40
C SER A 126 -0.02 16.73 2.61
N SER A 127 0.53 17.92 2.88
CA SER A 127 1.63 18.43 2.09
C SER A 127 2.28 19.57 2.84
N GLY A 128 3.52 19.88 2.43
CA GLY A 128 4.19 21.07 2.93
C GLY A 128 3.37 22.32 2.69
N MET A 129 2.77 22.44 1.51
CA MET A 129 1.96 23.62 1.21
C MET A 129 0.66 23.65 2.02
N SER A 130 0.04 22.49 2.31
CA SER A 130 -1.16 22.52 3.14
C SER A 130 -0.83 22.78 4.60
N ALA A 131 0.38 22.45 5.04
CA ALA A 131 0.82 22.84 6.38
C ALA A 131 1.07 24.34 6.45
N ILE A 132 1.81 24.89 5.48
CA ILE A 132 2.03 26.34 5.44
C ILE A 132 0.70 27.08 5.32
N SER A 133 -0.19 26.59 4.44
CA SER A 133 -1.51 27.20 4.30
C SER A 133 -2.27 27.21 5.62
N ALA A 134 -2.23 26.10 6.37
CA ALA A 134 -2.97 26.03 7.64
C ALA A 134 -2.46 27.07 8.64
N ILE A 135 -1.15 27.33 8.64
CA ILE A 135 -0.62 28.39 9.50
C ILE A 135 -1.19 29.74 9.08
N PHE A 136 -1.18 30.02 7.77
CA PHE A 136 -1.72 31.29 7.28
C PHE A 136 -3.21 31.41 7.58
N LEU A 137 -3.97 30.35 7.33
CA LEU A 137 -5.40 30.39 7.57
C LEU A 137 -5.73 30.44 9.06
N ALA A 138 -4.87 29.92 9.93
CA ALA A 138 -5.19 29.94 11.34
C ALA A 138 -5.03 31.34 11.93
N PHE A 139 -4.15 32.17 11.37
CA PHE A 139 -3.75 33.41 12.02
C PHE A 139 -4.02 34.68 11.21
N LEU A 140 -4.03 34.63 9.88
CA LEU A 140 -4.21 35.85 9.09
C LEU A 140 -5.69 36.23 9.00
N ARG A 141 -5.93 37.52 8.99
CA ARG A 141 -7.23 38.14 8.79
C ARG A 141 -7.02 39.29 7.81
N PRO A 142 -8.10 39.76 7.17
CA PRO A 142 -7.97 40.95 6.30
C PRO A 142 -7.38 42.13 7.04
N GLY A 143 -6.46 42.85 6.38
CA GLY A 143 -5.77 43.94 7.00
C GLY A 143 -4.51 43.55 7.74
N ASP A 144 -4.31 42.27 8.01
CA ASP A 144 -3.11 41.84 8.70
C ASP A 144 -1.87 42.08 7.85
N GLN A 145 -0.74 42.32 8.52
CA GLN A 145 0.55 42.40 7.87
C GLN A 145 1.41 41.24 8.35
N LEU A 146 2.35 40.81 7.52
CA LEU A 146 3.34 39.85 7.93
C LEU A 146 4.71 40.32 7.49
N VAL A 147 5.71 39.91 8.23
CA VAL A 147 7.10 40.08 7.84
C VAL A 147 7.62 38.75 7.32
N GLN A 148 8.40 38.80 6.25
CA GLN A 148 8.95 37.60 5.64
C GLN A 148 10.43 37.79 5.35
N SER A 149 11.16 36.69 5.37
CA SER A 149 12.49 36.63 4.79
C SER A 149 12.39 36.45 3.28
N VAL A 150 13.51 36.66 2.60
CA VAL A 150 13.61 36.44 1.16
C VAL A 150 14.94 35.76 0.85
N PRO A 151 14.99 34.86 -0.14
CA PRO A 151 13.84 34.40 -0.91
C PRO A 151 13.13 33.26 -0.20
N LEU A 152 11.84 33.12 -0.45
CA LEU A 152 11.07 32.00 0.05
C LEU A 152 10.86 30.98 -1.05
N TYR A 153 10.50 29.78 -0.64
CA TYR A 153 10.04 28.78 -1.57
C TYR A 153 8.97 29.38 -2.49
N GLY A 154 9.06 29.05 -3.79
CA GLY A 154 8.14 29.62 -4.76
C GLY A 154 6.67 29.45 -4.41
N GLY A 155 6.32 28.28 -3.88
CA GLY A 155 4.92 28.05 -3.51
C GLY A 155 4.47 28.93 -2.36
N THR A 156 5.33 29.14 -1.36
CA THR A 156 5.01 30.06 -0.27
C THR A 156 4.86 31.48 -0.80
N GLU A 157 5.78 31.92 -1.65
CA GLU A 157 5.71 33.27 -2.20
C GLU A 157 4.43 33.47 -2.99
N THR A 158 3.93 32.43 -3.68
CA THR A 158 2.68 32.54 -4.40
C THR A 158 1.49 32.70 -3.44
N LEU A 159 1.47 31.91 -2.36
CA LEU A 159 0.41 32.05 -1.38
C LEU A 159 0.36 33.45 -0.80
N ILE A 160 1.52 34.01 -0.46
CA ILE A 160 1.55 35.34 0.17
C ILE A 160 1.17 36.42 -0.83
N ALA A 161 1.84 36.44 -1.99
CA ALA A 161 1.74 37.59 -2.89
C ALA A 161 0.52 37.51 -3.79
N LYS A 162 0.02 36.30 -4.10
CA LYS A 162 -1.23 36.23 -4.87
C LYS A 162 -2.46 36.02 -3.99
N TYR A 163 -2.57 34.87 -3.33
CA TYR A 163 -3.84 34.51 -2.70
C TYR A 163 -4.12 35.33 -1.46
N PHE A 164 -3.17 35.38 -0.53
CA PHE A 164 -3.48 36.14 0.68
C PHE A 164 -3.41 37.64 0.44
N ARG A 165 -2.65 38.10 -0.56
CA ARG A 165 -2.72 39.51 -0.95
C ARG A 165 -4.14 39.88 -1.37
N GLU A 166 -4.80 39.03 -2.16
CA GLU A 166 -6.17 39.30 -2.58
C GLU A 166 -7.16 39.21 -1.43
N TRP A 167 -6.85 38.49 -0.36
CA TRP A 167 -7.67 38.48 0.84
C TRP A 167 -7.37 39.63 1.81
N GLY A 168 -6.50 40.58 1.42
CA GLY A 168 -6.25 41.77 2.22
C GLY A 168 -5.05 41.70 3.16
N VAL A 169 -4.07 40.84 2.90
CA VAL A 169 -2.90 40.68 3.74
C VAL A 169 -1.70 41.32 3.07
N GLY A 170 -0.98 42.18 3.80
CA GLY A 170 0.23 42.80 3.30
C GLY A 170 1.50 42.13 3.80
N ALA A 171 2.55 42.13 2.98
CA ALA A 171 3.81 41.51 3.33
C ALA A 171 4.96 42.49 3.18
N HIS A 172 5.98 42.32 4.04
CA HIS A 172 7.14 43.19 4.14
C HIS A 172 8.38 42.33 4.31
N SER A 173 9.41 42.59 3.53
CA SER A 173 10.58 41.71 3.46
C SER A 173 11.74 42.22 4.32
N ILE A 174 12.44 41.29 4.96
CA ILE A 174 13.68 41.58 5.67
C ILE A 174 14.80 41.72 4.66
N ASP A 175 15.48 42.88 4.67
CA ASP A 175 16.51 43.16 3.66
C ASP A 175 17.74 42.26 3.85
N ASN A 176 18.21 42.10 5.08
CA ASN A 176 19.41 41.33 5.37
C ASN A 176 19.13 40.48 6.60
N GLY A 177 18.92 39.18 6.39
CA GLY A 177 18.55 38.30 7.48
C GLY A 177 19.60 38.18 8.57
N LEU A 178 20.85 38.56 8.27
CA LEU A 178 21.91 38.58 9.28
C LEU A 178 21.93 39.88 10.08
N SER A 179 21.09 40.86 9.75
CA SER A 179 21.12 42.15 10.42
C SER A 179 19.90 42.29 11.32
N PRO A 180 20.07 42.24 12.65
CA PRO A 180 18.93 42.49 13.54
C PRO A 180 18.26 43.83 13.28
N GLN A 181 19.05 44.85 12.92
CA GLN A 181 18.46 46.14 12.58
C GLN A 181 17.53 46.01 11.37
N ALA A 182 17.92 45.19 10.39
CA ALA A 182 17.07 44.99 9.22
C ALA A 182 15.79 44.24 9.57
N ILE A 183 15.85 43.29 10.51
CA ILE A 183 14.64 42.59 10.93
C ILE A 183 13.68 43.55 11.63
N GLY A 184 14.19 44.32 12.60
CA GLY A 184 13.35 45.28 13.31
C GLY A 184 12.78 46.35 12.39
N ALA A 185 13.56 46.80 11.40
CA ALA A 185 13.05 47.79 10.46
C ALA A 185 11.87 47.23 9.66
N ALA A 186 11.98 45.96 9.23
CA ALA A 186 10.87 45.33 8.51
C ALA A 186 9.63 45.23 9.40
N LEU A 187 9.81 44.90 10.68
CA LEU A 187 8.68 44.83 11.59
C LEU A 187 8.03 46.19 11.75
N GLU A 188 8.84 47.25 11.92
CA GLU A 188 8.29 48.60 12.07
C GLU A 188 7.57 49.05 10.82
N ALA A 189 8.14 48.78 9.65
CA ALA A 189 7.47 49.15 8.41
C ALA A 189 6.11 48.45 8.32
N ALA A 190 6.08 47.16 8.69
CA ALA A 190 4.84 46.40 8.63
C ALA A 190 3.79 46.96 9.57
N ALA A 191 4.19 47.31 10.80
CA ALA A 191 3.25 47.80 11.81
C ALA A 191 2.60 49.13 11.43
N GLN A 192 3.24 49.92 10.56
CA GLN A 192 2.66 51.16 10.08
C GLN A 192 1.36 50.92 9.32
N GLN A 193 1.24 49.75 8.68
CA GLN A 193 0.11 49.47 7.80
C GLN A 193 -0.93 48.55 8.40
N GLY A 194 -0.68 47.97 9.57
CA GLY A 194 -1.67 47.15 10.24
C GLY A 194 -1.05 46.23 11.26
N PRO A 195 -1.86 45.39 11.90
CA PRO A 195 -1.31 44.45 12.90
C PRO A 195 -0.37 43.45 12.24
N VAL A 196 0.83 43.34 12.82
CA VAL A 196 1.85 42.39 12.35
C VAL A 196 1.55 41.05 13.03
N ARG A 197 0.89 40.16 12.28
CA ARG A 197 0.42 38.88 12.81
C ARG A 197 1.53 37.82 12.79
N LEU A 198 2.32 37.78 11.73
CA LEU A 198 3.30 36.72 11.56
C LEU A 198 4.66 37.30 11.23
N CYS A 199 5.70 36.64 11.73
CA CYS A 199 7.07 36.85 11.27
C CYS A 199 7.51 35.50 10.72
N TYR A 200 7.47 35.36 9.40
CA TYR A 200 7.64 34.09 8.70
C TYR A 200 9.00 34.08 8.01
N VAL A 201 9.90 33.21 8.47
CA VAL A 201 11.22 33.13 7.87
C VAL A 201 11.50 31.71 7.39
N GLU A 202 12.44 31.61 6.48
CA GLU A 202 12.86 30.33 5.92
C GLU A 202 14.38 30.36 5.96
N THR A 203 14.98 29.54 6.82
CA THR A 203 16.45 29.60 6.99
C THR A 203 16.98 28.18 7.21
N PRO A 204 18.02 27.77 6.44
CA PRO A 204 18.65 28.56 5.37
C PRO A 204 17.67 28.78 4.24
N ALA A 205 17.91 29.77 3.39
CA ALA A 205 16.97 30.07 2.34
C ALA A 205 17.20 29.19 1.12
N ASN A 206 16.12 28.99 0.36
CA ASN A 206 16.18 28.21 -0.86
C ASN A 206 16.34 29.20 -2.01
N PRO A 207 17.39 29.14 -2.84
CA PRO A 207 18.51 28.20 -3.01
C PRO A 207 19.87 28.69 -2.57
N THR A 208 19.93 29.86 -1.92
CA THR A 208 21.20 30.51 -1.68
C THR A 208 21.86 30.11 -0.36
N ASN A 209 21.14 29.43 0.53
CA ASN A 209 21.60 29.15 1.90
C ASN A 209 21.88 30.43 2.69
N ALA A 210 21.35 31.57 2.26
CA ALA A 210 21.33 32.76 3.10
C ALA A 210 20.65 32.43 4.42
N LEU A 211 21.04 33.14 5.49
CA LEU A 211 20.62 32.81 6.85
C LEU A 211 19.76 33.91 7.44
N ILE A 212 18.85 33.52 8.33
CA ILE A 212 18.19 34.43 9.26
C ILE A 212 18.79 34.20 10.64
N ASP A 213 19.24 35.27 11.26
CA ASP A 213 19.74 35.22 12.64
C ASP A 213 18.54 35.02 13.55
N LEU A 214 18.33 33.76 13.96
CA LEU A 214 17.13 33.42 14.74
C LEU A 214 17.15 34.06 16.12
N ASP A 215 18.31 34.05 16.79
CA ASP A 215 18.40 34.69 18.10
C ASP A 215 18.18 36.19 17.97
N GLY A 216 18.75 36.80 16.93
CA GLY A 216 18.50 38.21 16.68
C GLY A 216 17.06 38.50 16.34
N MET A 217 16.39 37.57 15.63
CA MET A 217 14.97 37.74 15.37
C MET A 217 14.15 37.71 16.66
N ARG A 218 14.46 36.78 17.57
CA ARG A 218 13.74 36.72 18.83
C ARG A 218 13.90 38.01 19.62
N ARG A 219 15.12 38.55 19.69
CA ARG A 219 15.30 39.78 20.46
C ARG A 219 14.62 40.96 19.78
N GLU A 220 14.60 40.98 18.44
CA GLU A 220 13.89 42.06 17.77
C GLU A 220 12.38 41.94 18.01
N LEU A 221 11.85 40.73 18.11
CA LEU A 221 10.44 40.58 18.44
C LEU A 221 10.17 40.94 19.90
N ASP A 222 11.16 40.74 20.78
CA ASP A 222 11.02 41.24 22.14
C ASP A 222 10.91 42.76 22.15
N ALA A 223 11.81 43.44 21.42
CA ALA A 223 11.77 44.91 21.40
C ALA A 223 10.51 45.41 20.72
N PHE A 224 10.10 44.76 19.64
CA PHE A 224 8.84 45.09 18.99
C PHE A 224 7.67 44.96 19.97
N GLU A 225 7.61 43.85 20.71
CA GLU A 225 6.54 43.64 21.67
C GLU A 225 6.54 44.72 22.73
N ALA A 226 7.74 45.14 23.16
CA ALA A 226 7.82 46.20 24.15
C ALA A 226 7.27 47.51 23.60
N ARG A 227 7.49 47.78 22.31
CA ARG A 227 7.03 49.07 21.77
C ARG A 227 5.54 49.06 21.46
N HIS A 228 5.01 47.95 20.96
CA HIS A 228 3.66 47.92 20.43
C HIS A 228 2.66 47.20 21.31
N GLY A 229 3.14 46.42 22.30
CA GLY A 229 2.25 45.73 23.21
C GLY A 229 1.65 44.44 22.69
N TYR A 230 2.12 43.95 21.54
CA TYR A 230 1.69 42.67 21.02
C TYR A 230 2.89 42.06 20.33
N ARG A 231 2.85 40.74 20.12
CA ARG A 231 3.97 40.00 19.55
C ARG A 231 3.54 39.23 18.31
N PRO A 232 4.13 39.48 17.14
CA PRO A 232 3.89 38.57 16.01
C PRO A 232 4.34 37.17 16.34
N ILE A 233 3.57 36.20 15.86
CA ILE A 233 3.97 34.80 15.95
C ILE A 233 5.11 34.55 14.97
N SER A 234 6.18 33.90 15.42
CA SER A 234 7.33 33.60 14.58
C SER A 234 7.23 32.18 14.04
N VAL A 235 7.49 32.02 12.75
CA VAL A 235 7.37 30.75 12.05
C VAL A 235 8.63 30.57 11.21
N CYS A 236 9.22 29.39 11.27
CA CYS A 236 10.42 29.09 10.49
C CYS A 236 10.14 27.88 9.61
N ASP A 237 10.26 28.06 8.30
CA ASP A 237 10.29 26.93 7.40
C ASP A 237 11.65 26.26 7.56
N ASN A 238 11.65 25.08 8.16
CA ASN A 238 12.85 24.39 8.62
C ASN A 238 13.15 23.16 7.74
N THR A 239 12.80 23.23 6.45
CA THR A 239 12.88 22.04 5.60
C THR A 239 14.32 21.69 5.22
N LEU A 240 15.16 22.70 4.95
CA LEU A 240 16.49 22.41 4.38
C LEU A 240 17.42 21.73 5.39
N LEU A 241 17.33 22.09 6.68
CA LEU A 241 18.23 21.56 7.71
C LEU A 241 17.54 20.71 8.76
N GLY A 242 16.24 20.92 8.98
CA GLY A 242 15.56 20.27 10.07
C GLY A 242 15.07 18.91 9.68
N PRO A 243 14.70 18.09 10.68
CA PRO A 243 14.76 18.52 12.07
C PRO A 243 16.09 18.22 12.75
N ILE A 244 17.02 17.65 11.99
CA ILE A 244 18.25 17.08 12.54
C ILE A 244 19.31 18.16 12.77
N PHE A 245 19.45 19.10 11.85
CA PHE A 245 20.55 20.06 11.91
C PHE A 245 20.13 21.46 12.39
N GLN A 246 18.85 21.67 12.70
CA GLN A 246 18.39 22.96 13.17
C GLN A 246 17.06 22.75 13.89
N LYS A 247 16.95 23.32 15.09
CA LYS A 247 15.77 23.20 15.94
C LYS A 247 15.33 24.60 16.32
N PRO A 248 14.47 25.24 15.53
CA PRO A 248 14.05 26.61 15.85
C PRO A 248 13.49 26.80 17.25
N SER A 249 12.91 25.74 17.83
CA SER A 249 12.36 25.85 19.19
C SER A 249 13.45 26.11 20.23
N GLU A 250 14.69 25.72 19.94
CA GLU A 250 15.77 26.05 20.85
C GLU A 250 16.16 27.54 20.81
N HIS A 251 15.62 28.30 19.85
CA HIS A 251 15.95 29.72 19.69
C HIS A 251 14.72 30.61 19.81
N GLY A 252 13.67 30.15 20.49
CA GLY A 252 12.48 30.96 20.72
C GLY A 252 11.52 31.11 19.56
N VAL A 253 11.70 30.35 18.48
CA VAL A 253 10.74 30.39 17.39
C VAL A 253 9.46 29.67 17.82
N ASP A 254 8.31 30.29 17.54
CA ASP A 254 7.05 29.77 18.06
C ASP A 254 6.65 28.48 17.37
N MET A 255 6.85 28.40 16.05
CA MET A 255 6.47 27.25 15.26
C MET A 255 7.48 27.00 14.14
N SER A 256 7.68 25.72 13.82
CA SER A 256 8.39 25.28 12.63
C SER A 256 7.40 24.59 11.71
N VAL A 257 7.63 24.73 10.41
CA VAL A 257 6.86 24.06 9.38
C VAL A 257 7.83 23.31 8.49
N TYR A 258 7.40 22.13 8.02
CA TYR A 258 8.24 21.24 7.23
C TYR A 258 7.49 20.79 5.99
N SER A 259 8.23 20.64 4.90
CA SER A 259 7.79 19.80 3.81
C SER A 259 8.38 18.42 4.07
N LEU A 260 7.60 17.55 4.70
CA LEU A 260 8.06 16.19 4.97
C LEU A 260 8.32 15.43 3.69
N THR A 261 7.81 15.93 2.58
CA THR A 261 8.11 15.43 1.24
C THR A 261 9.63 15.38 0.95
N TYR A 263 13.46 15.87 3.11
CA TYR A 263 14.38 15.03 3.90
C TYR A 263 13.72 14.00 4.84
N VAL A 264 12.62 14.35 5.49
CA VAL A 264 12.06 13.43 6.48
C VAL A 264 11.52 12.16 5.81
N GLY A 265 10.72 12.33 4.76
CA GLY A 265 10.36 11.20 3.93
C GLY A 265 11.58 10.63 3.24
N GLY A 266 12.28 11.50 2.51
CA GLY A 266 13.62 11.26 2.00
C GLY A 266 13.73 10.37 0.78
N HIS A 267 12.63 9.78 0.31
CA HIS A 267 12.67 8.82 -0.78
C HIS A 267 11.90 9.27 -2.02
N SER A 268 11.57 10.57 -2.14
CA SER A 268 10.81 11.09 -3.28
C SER A 268 9.59 10.24 -3.61
N ASP A 269 8.83 9.84 -2.59
CA ASP A 269 7.71 8.95 -2.87
C ASP A 269 6.48 9.19 -2.02
N LEU A 270 6.45 10.24 -1.21
CA LEU A 270 5.30 10.57 -0.40
C LEU A 270 5.26 12.08 -0.31
N VAL A 271 4.07 12.62 -0.10
CA VAL A 271 3.88 14.05 0.08
C VAL A 271 3.28 14.25 1.46
N GLY A 272 3.81 15.20 2.21
CA GLY A 272 3.33 15.44 3.56
C GLY A 272 3.90 16.72 4.14
N GLY A 273 3.17 17.30 5.08
CA GLY A 273 3.60 18.50 5.76
C GLY A 273 3.59 18.32 7.26
N GLY A 274 4.38 19.13 7.93
CA GLY A 274 4.38 19.11 9.38
C GLY A 274 4.49 20.50 9.95
N VAL A 275 3.81 20.76 11.06
CA VAL A 275 3.94 21.99 11.84
C VAL A 275 4.23 21.56 13.25
N THR A 276 5.32 22.08 13.83
CA THR A 276 5.71 21.79 15.20
C THR A 276 5.83 23.10 15.99
N GLY A 277 5.70 23.00 17.29
CA GLY A 277 5.90 24.18 18.12
C GLY A 277 5.09 24.09 19.40
N ARG A 278 4.77 25.26 19.92
CA ARG A 278 4.05 25.41 21.18
C ARG A 278 2.66 24.80 21.10
N ARG A 279 2.23 24.15 22.19
CA ARG A 279 0.99 23.39 22.14
C ARG A 279 -0.22 24.26 21.78
N ASP A 280 -0.33 25.47 22.36
CA ASP A 280 -1.52 26.27 22.08
C ASP A 280 -1.57 26.71 20.62
N LEU A 281 -0.41 27.01 20.03
CA LEU A 281 -0.39 27.40 18.62
C LEU A 281 -0.68 26.22 17.69
N VAL A 282 -0.03 25.08 17.93
CA VAL A 282 -0.29 23.89 17.13
C VAL A 282 -1.76 23.49 17.22
N ALA A 283 -2.38 23.67 18.40
CA ALA A 283 -3.80 23.35 18.55
C ALA A 283 -4.65 24.20 17.61
N LYS A 284 -4.30 25.49 17.45
CA LYS A 284 -5.04 26.33 16.52
C LYS A 284 -4.78 25.91 15.09
N VAL A 285 -3.54 25.50 14.78
CA VAL A 285 -3.25 24.99 13.43
C VAL A 285 -4.00 23.69 13.18
N ARG A 286 -4.07 22.82 14.20
CA ARG A 286 -4.74 21.53 14.06
C ARG A 286 -6.22 21.73 13.77
N ALA A 287 -6.85 22.68 14.45
CA ALA A 287 -8.27 22.96 14.21
C ALA A 287 -8.51 23.40 12.77
N VAL A 288 -7.60 24.23 12.23
CA VAL A 288 -7.71 24.63 10.83
C VAL A 288 -7.52 23.43 9.91
N ARG A 289 -6.52 22.57 10.20
CA ARG A 289 -6.31 21.37 9.41
C ARG A 289 -7.58 20.55 9.31
N SER A 290 -8.30 20.41 10.42
CA SER A 290 -9.52 19.65 10.38
C SER A 290 -10.61 20.38 9.61
N ALA A 291 -10.72 21.70 9.79
CA ALA A 291 -11.80 22.43 9.15
C ALA A 291 -11.63 22.48 7.64
N PHE A 292 -10.38 22.56 7.17
CA PHE A 292 -10.07 22.62 5.74
C PHE A 292 -9.69 21.26 5.16
N GLY A 293 -9.80 20.19 5.94
CA GLY A 293 -9.64 18.83 5.46
C GLY A 293 -8.26 18.49 4.92
N SER A 294 -7.19 18.89 5.61
CA SER A 294 -5.85 18.67 5.10
C SER A 294 -5.04 17.66 5.92
N GLN A 295 -5.69 16.71 6.60
CA GLN A 295 -4.96 15.65 7.30
C GLN A 295 -4.14 14.81 6.32
N LEU A 296 -2.99 14.34 6.79
CA LEU A 296 -2.23 13.33 6.05
C LEU A 296 -2.98 12.01 6.06
N ASP A 297 -2.85 11.23 4.97
CA ASP A 297 -3.55 9.95 4.88
C ASP A 297 -2.79 8.86 5.62
N PRO A 298 -3.50 7.79 6.02
CA PRO A 298 -2.85 6.74 6.82
C PRO A 298 -1.68 6.06 6.13
N HIS A 299 -1.82 5.74 4.84
CA HIS A 299 -0.73 5.04 4.15
C HIS A 299 0.53 5.89 4.07
N SER A 300 0.40 7.18 3.75
CA SER A 300 1.58 8.05 3.74
C SER A 300 2.18 8.17 5.13
N SER A 301 1.34 8.14 6.18
CA SER A 301 1.84 8.16 7.55
C SER A 301 2.68 6.93 7.85
N TRP A 302 2.23 5.76 7.41
CA TRP A 302 3.03 4.55 7.58
C TRP A 302 4.35 4.63 6.84
N MET A 303 4.35 5.24 5.64
CA MET A 303 5.62 5.46 4.94
C MET A 303 6.51 6.41 5.71
N LEU A 304 5.92 7.41 6.35
CA LEU A 304 6.68 8.39 7.13
C LEU A 304 7.34 7.75 8.33
N ILE A 305 6.58 6.93 9.07
CA ILE A 305 7.13 6.18 10.20
C ILE A 305 8.32 5.33 9.74
N ARG A 306 8.16 4.65 8.60
CA ARG A 306 9.27 3.87 8.05
C ARG A 306 10.45 4.78 7.71
N SER A 307 10.17 5.91 7.05
CA SER A 307 11.24 6.84 6.69
C SER A 307 11.99 7.32 7.92
N MET A 308 11.27 7.69 8.98
CA MET A 308 11.91 8.30 10.13
C MET A 308 12.85 7.33 10.83
N GLU A 309 12.70 6.03 10.57
CA GLU A 309 13.66 5.09 11.14
C GLU A 309 15.07 5.27 10.57
N THR A 310 15.22 5.93 9.42
CA THR A 310 16.54 6.20 8.85
C THR A 310 16.80 7.69 8.62
N VAL A 311 15.99 8.58 9.19
CA VAL A 311 16.14 10.01 8.88
C VAL A 311 17.47 10.56 9.41
N VAL A 312 17.87 10.17 10.62
CA VAL A 312 19.17 10.59 11.14
C VAL A 312 20.29 10.07 10.22
N LEU A 313 20.26 8.77 9.92
CA LEU A 313 21.31 8.19 9.08
C LEU A 313 21.38 8.88 7.73
N ARG A 314 20.23 9.09 7.08
CA ARG A 314 20.21 9.61 5.72
C ARG A 314 20.65 11.08 5.67
N MET A 315 20.14 11.89 6.59
CA MET A 315 20.48 13.31 6.55
C MET A 315 21.96 13.52 6.87
N LYS A 316 22.52 12.73 7.79
CA LYS A 316 23.95 12.86 8.08
C LYS A 316 24.80 12.41 6.89
N GLN A 317 24.38 11.34 6.22
CA GLN A 317 25.13 10.86 5.06
C GLN A 317 25.09 11.87 3.93
N ALA A 318 23.90 12.34 3.57
CA ALA A 318 23.77 13.37 2.53
C ALA A 318 24.59 14.61 2.88
N ALA A 319 24.60 14.99 4.17
CA ALA A 319 25.37 16.16 4.58
C ALA A 319 26.87 15.93 4.39
N ARG A 320 27.36 14.73 4.73
CA ARG A 320 28.77 14.38 4.51
C ARG A 320 29.13 14.51 3.04
N THR A 321 28.34 13.89 2.18
CA THR A 321 28.60 13.94 0.73
C THR A 321 28.54 15.37 0.23
N ALA A 322 27.56 16.16 0.72
CA ALA A 322 27.43 17.54 0.27
C ALA A 322 28.66 18.37 0.61
N SER A 323 29.22 18.21 1.81
CA SER A 323 30.45 18.91 2.15
C SER A 323 31.56 18.57 1.16
N ALA A 324 31.71 17.28 0.85
CA ALA A 324 32.80 16.88 -0.04
C ALA A 324 32.58 17.37 -1.45
N VAL A 325 31.33 17.31 -1.95
CA VAL A 325 31.04 17.83 -3.27
C VAL A 325 31.23 19.34 -3.33
N ALA A 326 30.76 20.05 -2.30
CA ALA A 326 30.93 21.50 -2.27
C ALA A 326 32.42 21.88 -2.22
N LYS A 327 33.19 21.21 -1.37
CA LYS A 327 34.62 21.51 -1.29
C LYS A 327 35.30 21.27 -2.63
N TRP A 328 34.90 20.21 -3.33
CA TRP A 328 35.49 19.95 -4.64
C TRP A 328 35.11 21.04 -5.64
N LEU A 329 33.85 21.46 -5.63
CA LEU A 329 33.41 22.54 -6.51
C LEU A 329 34.19 23.84 -6.26
N ALA A 330 34.46 24.14 -4.99
CA ALA A 330 35.14 25.38 -4.66
C ALA A 330 36.55 25.42 -5.21
N THR A 331 37.13 24.25 -5.53
CA THR A 331 38.51 24.16 -5.99
C THR A 331 38.66 23.37 -7.29
N ASN A 332 37.59 23.17 -8.05
CA ASN A 332 37.69 22.32 -9.22
C ASN A 332 38.67 22.92 -10.22
N PRO A 333 39.36 22.08 -11.00
CA PRO A 333 40.40 22.59 -11.92
C PRO A 333 39.86 23.15 -13.22
N HIS A 334 38.54 23.25 -13.39
CA HIS A 334 37.94 23.64 -14.67
C HIS A 334 37.51 25.10 -14.72
N GLN A 335 36.79 25.58 -13.71
CA GLN A 335 36.28 26.94 -13.77
C GLN A 335 35.99 27.44 -12.37
N LYS A 336 36.49 28.64 -12.05
CA LYS A 336 36.18 29.25 -10.76
C LYS A 336 34.68 29.51 -10.66
N VAL A 337 34.05 28.94 -9.63
CA VAL A 337 32.63 29.14 -9.38
C VAL A 337 32.44 29.52 -7.93
N ASP A 338 31.45 30.35 -7.66
CA ASP A 338 31.05 30.64 -6.29
C ASP A 338 30.20 29.49 -5.78
N VAL A 339 30.49 29.02 -4.57
CA VAL A 339 29.81 27.87 -3.97
C VAL A 339 29.08 28.37 -2.73
N TYR A 340 27.75 28.34 -2.76
CA TYR A 340 26.94 28.81 -1.65
C TYR A 340 26.55 27.64 -0.76
N HIS A 341 27.56 27.07 -0.14
CA HIS A 341 27.38 26.05 0.86
C HIS A 341 27.75 26.66 2.20
N PRO A 342 26.96 26.43 3.25
CA PRO A 342 27.23 27.10 4.53
C PRO A 342 28.67 26.99 4.99
N GLU A 343 29.35 25.87 4.72
CA GLU A 343 30.72 25.72 5.19
C GLU A 343 31.73 26.49 4.36
N LEU A 344 31.34 27.01 3.20
CA LEU A 344 32.25 27.74 2.32
C LEU A 344 31.98 29.23 2.29
N ILE A 345 31.03 29.71 3.07
CA ILE A 345 30.72 31.13 3.15
C ILE A 345 31.53 31.72 4.29
N VAL A 346 32.48 32.60 3.96
CA VAL A 346 33.52 32.97 4.90
C VAL A 346 33.13 34.14 5.84
N ASP A 347 32.13 34.93 5.48
CA ASP A 347 31.69 36.08 6.27
C ASP A 347 31.53 35.80 7.78
N ASP A 348 32.03 36.73 8.61
CA ASP A 348 32.00 36.54 10.07
C ASP A 348 30.57 36.49 10.62
N ALA A 349 29.72 37.41 10.20
CA ALA A 349 28.35 37.41 10.72
C ALA A 349 27.63 36.13 10.35
N TYR A 350 27.81 35.67 9.10
CA TYR A 350 27.19 34.43 8.68
C TYR A 350 27.65 33.27 9.57
N GLN A 351 28.96 33.15 9.76
CA GLN A 351 29.46 31.99 10.50
C GLN A 351 29.04 32.03 11.96
N ALA A 352 28.97 33.22 12.57
CA ALA A 352 28.50 33.30 13.94
C ALA A 352 27.04 32.83 14.04
N VAL A 353 26.20 33.24 13.09
CA VAL A 353 24.82 32.76 13.12
C VAL A 353 24.79 31.25 12.90
N TYR A 354 25.49 30.77 11.89
CA TYR A 354 25.48 29.34 11.56
C TYR A 354 25.99 28.50 12.72
N LYS A 355 27.12 28.90 13.32
CA LYS A 355 27.69 28.13 14.42
C LYS A 355 26.71 28.02 15.59
N ARG A 356 25.86 29.02 15.77
CA ARG A 356 25.00 29.14 16.94
C ARG A 356 23.69 28.37 16.80
N GLN A 357 23.13 28.31 15.60
CA GLN A 357 21.81 27.71 15.41
C GLN A 357 21.80 26.49 14.50
N CYS A 358 22.91 26.11 13.89
CA CYS A 358 22.98 24.92 13.05
C CYS A 358 24.02 23.96 13.59
N THR A 359 23.73 22.66 13.51
CA THR A 359 24.68 21.62 13.85
C THR A 359 25.10 20.85 12.60
N GLY A 360 24.73 21.34 11.42
CA GLY A 360 25.13 20.74 10.15
C GLY A 360 24.65 21.62 9.02
N ALA A 361 25.14 21.31 7.81
CA ALA A 361 24.93 22.18 6.65
C ALA A 361 23.86 21.67 5.70
N GLY A 362 23.20 20.54 5.99
CA GLY A 362 22.26 20.01 5.03
C GLY A 362 22.96 19.45 3.79
N SER A 363 22.17 19.19 2.75
CA SER A 363 22.75 18.66 1.52
C SER A 363 22.29 19.38 0.27
N THR A 364 21.53 20.48 0.41
CA THR A 364 21.12 21.31 -0.70
C THR A 364 21.97 22.57 -0.69
N PHE A 365 22.54 22.90 -1.84
CA PHE A 365 23.34 24.11 -1.94
C PHE A 365 23.40 24.51 -3.40
N ALA A 366 23.96 25.69 -3.65
CA ALA A 366 24.01 26.26 -4.99
C ALA A 366 25.44 26.61 -5.34
N PHE A 367 25.73 26.64 -6.65
CA PHE A 367 26.97 27.20 -7.16
C PHE A 367 26.67 27.98 -8.44
N VAL A 368 27.53 28.94 -8.77
CA VAL A 368 27.25 29.92 -9.82
C VAL A 368 28.30 29.86 -10.90
N LEU A 369 27.88 29.45 -12.11
CA LEU A 369 28.69 29.48 -13.33
C LEU A 369 28.75 30.90 -13.88
N ASN A 370 29.77 31.15 -14.71
CA ASN A 370 29.92 32.46 -15.35
C ASN A 370 28.98 32.68 -16.54
N GLY A 371 28.62 31.62 -17.27
CA GLY A 371 27.98 31.77 -18.56
C GLY A 371 26.48 31.99 -18.64
N GLY A 372 25.85 32.42 -17.54
CA GLY A 372 24.42 32.63 -17.41
C GLY A 372 23.59 31.41 -17.75
N ARG A 373 22.35 31.67 -18.21
CA ARG A 373 21.40 30.58 -18.44
C ARG A 373 21.92 29.58 -19.45
N ALA A 374 22.53 30.07 -20.54
CA ALA A 374 22.99 29.19 -21.60
C ALA A 374 24.04 28.20 -21.09
N GLU A 375 25.01 28.68 -20.30
CA GLU A 375 26.00 27.76 -19.76
C GLU A 375 25.39 26.84 -18.70
N ALA A 376 24.54 27.40 -17.83
CA ALA A 376 23.88 26.57 -16.82
C ALA A 376 23.14 25.40 -17.47
N PHE A 377 22.45 25.66 -18.58
CA PHE A 377 21.69 24.62 -19.27
C PHE A 377 22.60 23.56 -19.87
N ARG A 378 23.72 23.96 -20.48
CA ARG A 378 24.64 22.98 -21.03
C ARG A 378 25.23 22.10 -19.93
N PHE A 379 25.55 22.70 -18.78
CA PHE A 379 26.09 21.93 -17.67
C PHE A 379 25.07 20.90 -17.17
N ILE A 380 23.86 21.34 -16.85
CA ILE A 380 22.82 20.46 -16.33
C ILE A 380 22.52 19.33 -17.30
N ASN A 381 22.46 19.63 -18.60
CA ASN A 381 22.12 18.63 -19.60
C ASN A 381 23.20 17.57 -19.78
N ALA A 382 24.43 17.83 -19.33
CA ALA A 382 25.55 16.90 -19.49
C ALA A 382 25.66 15.86 -18.39
N LEU A 383 24.93 16.02 -17.28
CA LEU A 383 25.06 15.12 -16.14
C LEU A 383 24.30 13.82 -16.37
N HIS A 384 24.79 12.75 -15.75
CA HIS A 384 24.19 11.42 -15.85
C HIS A 384 23.59 10.89 -14.55
N LEU A 385 24.13 11.29 -13.39
CA LEU A 385 23.69 10.80 -12.09
C LEU A 385 22.75 11.75 -11.38
N PHE A 386 22.90 13.06 -11.57
CA PHE A 386 21.94 14.01 -11.03
C PHE A 386 20.69 14.00 -11.90
N LYS A 387 19.51 13.87 -11.29
CA LYS A 387 18.28 13.98 -12.07
C LYS A 387 17.84 15.44 -12.16
N SER A 388 17.39 15.83 -13.35
CA SER A 388 16.91 17.19 -13.57
C SER A 388 15.48 17.27 -13.07
N ALA A 389 15.30 17.79 -11.85
CA ALA A 389 13.99 17.92 -11.24
C ALA A 389 14.07 19.00 -10.18
N VAL A 390 12.90 19.44 -9.72
CA VAL A 390 12.82 20.59 -8.80
C VAL A 390 12.70 20.19 -7.33
N SER A 391 12.58 18.89 -7.02
CA SER A 391 12.46 18.52 -5.62
C SER A 391 13.84 18.56 -4.94
N LEU A 392 13.87 18.29 -3.64
CA LEU A 392 15.13 18.21 -2.92
C LEU A 392 15.00 17.18 -1.81
N GLY A 393 16.14 16.77 -1.27
CA GLY A 393 16.14 15.85 -0.13
C GLY A 393 15.65 14.45 -0.43
N GLY A 394 15.98 13.91 -1.62
CA GLY A 394 15.66 12.55 -1.94
C GLY A 394 16.87 11.65 -1.77
N THR A 395 16.64 10.35 -1.95
CA THR A 395 17.74 9.42 -1.96
C THR A 395 18.61 9.61 -3.20
N GLU A 396 18.00 10.04 -4.30
CA GLU A 396 18.72 10.40 -5.50
C GLU A 396 19.08 11.87 -5.45
N SER A 397 20.28 12.21 -5.93
CA SER A 397 20.68 13.61 -6.04
C SER A 397 19.96 14.27 -7.20
N LEU A 398 19.56 15.53 -7.00
CA LEU A 398 18.77 16.26 -7.98
C LEU A 398 19.45 17.58 -8.33
N ILE A 399 19.10 18.12 -9.49
CA ILE A 399 19.67 19.39 -9.94
C ILE A 399 18.64 20.14 -10.78
N CYS A 400 18.63 21.46 -10.64
CA CYS A 400 17.74 22.33 -11.40
C CYS A 400 18.33 23.73 -11.48
N HIS A 401 17.73 24.55 -12.35
CA HIS A 401 18.10 25.95 -12.58
C HIS A 401 17.00 26.85 -12.02
N PRO A 402 17.17 27.42 -10.83
CA PRO A 402 16.03 28.06 -10.14
C PRO A 402 15.38 29.24 -10.87
N ALA A 403 16.13 30.04 -11.64
CA ALA A 403 15.55 31.21 -12.29
C ALA A 403 14.47 30.83 -13.29
N SER A 404 14.58 29.66 -13.91
CA SER A 404 13.62 29.20 -14.89
C SER A 404 12.68 28.13 -14.36
N THR A 405 12.87 27.68 -13.12
CA THR A 405 12.00 26.67 -12.55
C THR A 405 11.49 27.12 -11.17
N THR A 406 12.20 26.74 -10.11
CA THR A 406 11.69 26.94 -8.75
C THR A 406 11.36 28.41 -8.46
N HIS A 407 12.12 29.35 -9.01
CA HIS A 407 11.92 30.76 -8.71
C HIS A 407 11.52 31.59 -9.94
N SER A 408 10.92 30.95 -10.96
CA SER A 408 10.52 31.65 -12.17
C SER A 408 9.23 32.45 -11.98
N GLY A 409 8.44 32.16 -10.95
CA GLY A 409 7.21 32.88 -10.69
C GLY A 409 7.36 34.19 -9.93
N VAL A 410 8.50 34.41 -9.28
CA VAL A 410 8.79 35.67 -8.59
C VAL A 410 9.33 36.64 -9.64
N PRO A 411 8.97 37.94 -9.58
CA PRO A 411 9.49 38.89 -10.59
C PRO A 411 11.01 38.90 -10.60
N GLU A 412 11.56 39.20 -11.78
CA GLU A 412 13.01 39.18 -11.96
C GLU A 412 13.71 40.16 -11.02
N ALA A 413 13.10 41.32 -10.78
CA ALA A 413 13.71 42.29 -9.87
C ALA A 413 13.86 41.69 -8.48
N ALA A 414 12.80 41.07 -7.97
CA ALA A 414 12.87 40.47 -6.65
C ALA A 414 13.78 39.24 -6.64
N ARG A 415 13.80 38.50 -7.74
CA ARG A 415 14.70 37.36 -7.86
C ARG A 415 16.16 37.79 -7.77
N LYS A 416 16.55 38.79 -8.57
CA LYS A 416 17.95 39.19 -8.63
C LYS A 416 18.44 39.73 -7.29
N ALA A 417 17.61 40.52 -6.60
CA ALA A 417 18.04 41.09 -5.33
C ALA A 417 18.23 40.02 -4.27
N ALA A 418 17.58 38.88 -4.40
CA ALA A 418 17.73 37.78 -3.46
C ALA A 418 18.90 36.86 -3.80
N GLY A 419 19.70 37.23 -4.80
CA GLY A 419 20.85 36.46 -5.20
C GLY A 419 20.58 35.28 -6.11
N VAL A 420 19.36 35.13 -6.62
CA VAL A 420 19.02 34.07 -7.56
C VAL A 420 19.30 34.65 -8.94
N SER A 421 20.43 34.26 -9.52
CA SER A 421 20.87 34.81 -10.79
C SER A 421 20.78 33.77 -11.89
N GLU A 422 20.92 34.25 -13.14
CA GLU A 422 20.75 33.39 -14.30
C GLU A 422 21.83 32.31 -14.38
N GLY A 423 22.96 32.50 -13.70
CA GLY A 423 24.00 31.50 -13.65
C GLY A 423 23.93 30.52 -12.50
N LEU A 424 22.94 30.64 -11.61
CA LEU A 424 22.90 29.86 -10.38
C LEU A 424 22.30 28.47 -10.63
N ILE A 425 22.96 27.46 -10.07
CA ILE A 425 22.53 26.07 -10.19
C ILE A 425 22.35 25.52 -8.79
N ARG A 426 21.22 24.87 -8.54
CA ARG A 426 20.97 24.25 -7.24
C ARG A 426 21.04 22.74 -7.36
N VAL A 427 21.80 22.13 -6.46
CA VAL A 427 21.90 20.68 -6.34
C VAL A 427 21.38 20.28 -4.98
N SER A 428 20.76 19.10 -4.92
CA SER A 428 20.38 18.52 -3.64
C SER A 428 20.98 17.12 -3.59
N ILE A 429 21.99 16.93 -2.73
CA ILE A 429 22.76 15.68 -2.68
C ILE A 429 21.98 14.59 -1.96
N GLY A 430 21.95 13.41 -2.55
CA GLY A 430 21.32 12.23 -1.95
C GLY A 430 22.33 11.30 -1.34
N LEU A 431 22.09 10.00 -1.51
CA LEU A 431 22.89 8.96 -0.86
C LEU A 431 23.96 8.35 -1.79
N GLU A 432 24.14 8.88 -2.99
CA GLU A 432 25.18 8.33 -3.87
C GLU A 432 26.57 8.60 -3.28
N HIS A 433 27.54 7.82 -3.72
CA HIS A 433 28.89 8.01 -3.24
C HIS A 433 29.47 9.28 -3.82
N GLU A 434 30.18 10.03 -2.98
CA GLU A 434 30.70 11.34 -3.39
C GLU A 434 31.62 11.24 -4.60
N GLU A 435 32.39 10.16 -4.73
CA GLU A 435 33.31 10.06 -5.85
C GLU A 435 32.55 9.96 -7.17
N ASP A 436 31.35 9.39 -7.15
CA ASP A 436 30.54 9.29 -8.36
C ASP A 436 29.90 10.61 -8.72
N LEU A 437 29.39 11.33 -7.72
CA LEU A 437 28.81 12.64 -7.99
C LEU A 437 29.86 13.60 -8.52
N ILE A 438 31.04 13.60 -7.88
CA ILE A 438 32.15 14.46 -8.31
C ILE A 438 32.58 14.10 -9.73
N ALA A 439 32.69 12.81 -10.04
CA ALA A 439 33.05 12.43 -11.40
C ALA A 439 32.00 12.91 -12.40
N ASP A 440 30.72 12.89 -11.99
CA ASP A 440 29.64 13.34 -12.86
C ASP A 440 29.72 14.84 -13.12
N LEU A 441 29.96 15.63 -12.07
CA LEU A 441 30.12 17.07 -12.25
C LEU A 441 31.37 17.40 -13.06
N ASP A 442 32.44 16.63 -12.85
CA ASP A 442 33.64 16.79 -13.66
C ASP A 442 33.34 16.62 -15.15
N HIS A 443 32.55 15.59 -15.50
CA HIS A 443 32.20 15.38 -16.90
C HIS A 443 31.39 16.55 -17.45
N ALA A 444 30.50 17.11 -16.63
CA ALA A 444 29.69 18.23 -17.08
C ALA A 444 30.54 19.46 -17.41
N PHE A 445 31.53 19.77 -16.57
CA PHE A 445 32.42 20.90 -16.85
C PHE A 445 33.14 20.75 -18.18
N ARG A 446 33.64 19.55 -18.48
CA ARG A 446 34.36 19.31 -19.72
C ARG A 446 33.46 19.49 -20.93
N ARG A 447 32.27 18.90 -20.89
CA ARG A 447 31.33 18.97 -22.01
C ARG A 447 30.71 20.36 -22.17
N SER A 448 31.08 21.31 -21.31
CA SER A 448 30.60 22.70 -21.40
C SER A 448 31.69 23.65 -21.88
N SER B 26 -9.08 7.83 -28.45
CA SER B 26 -9.17 6.38 -28.68
C SER B 26 -9.36 5.56 -27.37
N TYR B 27 -8.76 6.03 -26.27
CA TYR B 27 -9.05 5.46 -24.96
C TYR B 27 -10.08 6.25 -24.16
N HIS B 28 -10.71 7.26 -24.78
CA HIS B 28 -11.86 7.95 -24.18
C HIS B 28 -13.11 7.72 -25.03
N LYS B 29 -13.39 6.46 -25.37
CA LYS B 29 -14.56 6.13 -26.18
C LYS B 29 -15.79 6.03 -25.26
N LYS B 30 -16.83 6.81 -25.59
CA LYS B 30 -18.04 6.90 -24.79
C LYS B 30 -19.21 6.08 -25.35
N ASP B 31 -19.05 5.45 -26.51
CA ASP B 31 -20.16 4.77 -27.17
C ASP B 31 -19.64 3.54 -27.91
N ILE B 32 -20.59 2.74 -28.39
CA ILE B 32 -20.31 1.59 -29.24
C ILE B 32 -21.38 1.51 -30.31
N GLU B 33 -20.98 1.64 -31.58
CA GLU B 33 -21.87 1.61 -32.74
C GLU B 33 -23.03 2.61 -32.62
N GLY B 34 -22.82 3.71 -31.89
CA GLY B 34 -23.82 4.76 -31.73
C GLY B 34 -24.48 4.82 -30.36
N ARG B 35 -24.65 3.66 -29.70
CA ARG B 35 -25.28 3.70 -28.38
C ARG B 35 -24.22 3.97 -27.32
N PRO B 36 -24.49 4.86 -26.35
CA PRO B 36 -23.50 5.15 -25.32
C PRO B 36 -23.32 4.00 -24.36
N LEU B 37 -22.08 3.83 -23.90
CA LEU B 37 -21.76 2.78 -22.94
C LEU B 37 -22.35 3.09 -21.56
N HIS B 38 -22.68 2.04 -20.83
CA HIS B 38 -23.16 2.19 -19.47
C HIS B 38 -22.01 2.58 -18.54
N PRO B 39 -22.30 3.31 -17.45
CA PRO B 39 -21.21 3.73 -16.55
C PRO B 39 -20.40 2.58 -15.99
N GLU B 40 -21.04 1.47 -15.61
CA GLU B 40 -20.33 0.33 -15.05
C GLU B 40 -19.38 -0.29 -16.07
N THR B 41 -19.72 -0.21 -17.35
CA THR B 41 -18.78 -0.68 -18.37
C THR B 41 -17.58 0.25 -18.45
N GLN B 42 -17.84 1.56 -18.41
CA GLN B 42 -16.80 2.55 -18.58
C GLN B 42 -15.78 2.53 -17.46
N MET B 43 -16.19 2.18 -16.24
CA MET B 43 -15.27 2.24 -15.12
C MET B 43 -14.17 1.18 -15.17
N MET B 44 -14.13 0.33 -16.20
CA MET B 44 -13.05 -0.64 -16.28
C MET B 44 -11.98 -0.27 -17.29
N SER B 45 -12.18 0.79 -18.08
CA SER B 45 -11.17 1.10 -19.07
C SER B 45 -11.02 2.58 -19.36
N TYR B 46 -12.09 3.36 -19.23
CA TYR B 46 -12.13 4.75 -19.71
C TYR B 46 -10.94 5.55 -19.20
N GLY B 47 -10.26 6.24 -20.11
CA GLY B 47 -9.16 7.08 -19.74
C GLY B 47 -7.84 6.36 -19.49
N PHE B 48 -7.75 5.07 -19.80
CA PHE B 48 -6.53 4.30 -19.59
C PHE B 48 -6.27 3.40 -20.79
N ASP B 49 -5.07 3.51 -21.37
CA ASP B 49 -4.63 2.70 -22.50
C ASP B 49 -3.63 1.68 -21.97
N PRO B 50 -4.03 0.43 -21.77
CA PRO B 50 -3.10 -0.56 -21.22
C PRO B 50 -1.79 -0.69 -21.98
N PHE B 51 -1.79 -0.47 -23.29
CA PHE B 51 -0.59 -0.74 -24.06
C PHE B 51 0.38 0.43 -24.02
N LEU B 52 0.03 1.52 -23.35
CA LEU B 52 1.01 2.52 -22.95
C LEU B 52 1.56 2.27 -21.56
N SER B 53 1.18 1.15 -20.92
CA SER B 53 1.69 0.74 -19.62
C SER B 53 2.02 -0.76 -19.62
N GLU B 54 2.72 -1.20 -20.66
CA GLU B 54 3.22 -2.56 -20.79
C GLU B 54 2.11 -3.60 -20.90
N GLY B 55 0.90 -3.18 -21.28
CA GLY B 55 -0.20 -4.11 -21.37
C GLY B 55 -0.89 -4.39 -20.05
N ALA B 56 -0.41 -3.79 -18.95
CA ALA B 56 -1.07 -3.95 -17.67
C ALA B 56 -2.54 -3.59 -17.78
N VAL B 57 -3.41 -4.50 -17.34
CA VAL B 57 -4.84 -4.26 -17.52
C VAL B 57 -5.36 -3.24 -16.52
N LYS B 58 -4.62 -2.99 -15.43
CA LYS B 58 -4.96 -1.94 -14.49
C LYS B 58 -3.83 -0.91 -14.46
N PRO B 59 -4.13 0.36 -14.18
CA PRO B 59 -3.09 1.41 -14.21
C PRO B 59 -2.09 1.21 -13.09
N PRO B 60 -0.79 1.30 -13.39
CA PRO B 60 0.22 1.26 -12.33
C PRO B 60 0.13 2.49 -11.43
N VAL B 61 0.63 2.35 -10.21
CA VAL B 61 0.60 3.42 -9.23
C VAL B 61 1.93 4.17 -9.27
N PHE B 62 1.88 5.46 -9.61
CA PHE B 62 3.05 6.34 -9.54
C PHE B 62 3.09 6.89 -8.12
N LEU B 63 3.77 6.16 -7.23
CA LEU B 63 3.98 6.58 -5.83
C LEU B 63 5.12 7.59 -5.74
N THR B 64 4.95 8.71 -6.43
CA THR B 64 5.92 9.79 -6.38
C THR B 64 5.23 11.03 -6.93
N SER B 65 5.72 12.20 -6.52
CA SER B 65 5.28 13.44 -7.15
C SER B 65 6.37 14.10 -7.95
N THR B 66 7.55 13.48 -8.02
CA THR B 66 8.73 14.07 -8.64
C THR B 66 8.94 13.45 -10.03
N PHE B 67 8.80 14.26 -11.07
CA PHE B 67 8.97 13.84 -12.45
C PHE B 67 10.07 14.70 -13.06
N ALA B 68 11.11 14.05 -13.57
CA ALA B 68 12.29 14.75 -14.06
C ALA B 68 12.07 15.22 -15.50
N PHE B 69 12.82 16.25 -15.89
CA PHE B 69 12.77 16.79 -17.24
C PHE B 69 13.82 16.14 -18.12
N ARG B 70 13.50 16.05 -19.41
CA ARG B 70 14.46 15.53 -20.37
C ARG B 70 15.61 16.51 -20.60
N SER B 71 15.41 17.79 -20.31
CA SER B 71 16.43 18.80 -20.51
C SER B 71 16.08 20.01 -19.68
N ALA B 72 17.09 20.85 -19.40
CA ALA B 72 16.82 22.12 -18.74
C ALA B 72 15.86 22.97 -19.57
N GLU B 73 15.99 22.92 -20.90
CA GLU B 73 15.09 23.65 -21.78
C GLU B 73 13.66 23.18 -21.59
N ASP B 74 13.46 21.87 -21.44
CA ASP B 74 12.14 21.34 -21.12
C ASP B 74 11.65 21.85 -19.76
N GLY B 75 12.53 21.89 -18.77
CA GLY B 75 12.12 22.42 -17.48
C GLY B 75 11.67 23.87 -17.55
N ALA B 76 12.40 24.68 -18.31
CA ALA B 76 11.99 26.09 -18.46
C ALA B 76 10.70 26.19 -19.26
N ASP B 77 10.59 25.39 -20.32
CA ASP B 77 9.37 25.36 -21.12
C ASP B 77 8.18 24.94 -20.27
N PHE B 78 8.37 23.93 -19.41
CA PHE B 78 7.30 23.46 -18.54
C PHE B 78 6.77 24.59 -17.66
N PHE B 79 7.66 25.34 -17.01
CA PHE B 79 7.22 26.41 -16.12
C PHE B 79 6.68 27.62 -16.88
N ASP B 80 7.13 27.84 -18.12
CA ASP B 80 6.49 28.84 -18.98
C ASP B 80 5.00 28.53 -19.16
N ILE B 81 4.66 27.25 -19.34
CA ILE B 81 3.26 26.89 -19.61
C ILE B 81 2.45 26.91 -18.32
N VAL B 82 3.00 26.33 -17.24
CA VAL B 82 2.28 26.28 -15.96
C VAL B 82 1.90 27.68 -15.49
N SER B 83 2.77 28.66 -15.74
CA SER B 83 2.54 30.03 -15.27
C SER B 83 1.75 30.89 -16.25
N GLY B 84 1.53 30.43 -17.47
CA GLY B 84 0.85 31.26 -18.44
C GLY B 84 1.74 32.24 -19.18
N ARG B 85 3.06 32.21 -18.98
CA ARG B 85 3.92 33.09 -19.76
C ARG B 85 3.95 32.71 -21.23
N LYS B 86 3.61 31.45 -21.55
CA LYS B 86 3.44 30.92 -22.89
C LYS B 86 2.15 30.11 -22.92
N PRO B 87 1.35 30.24 -23.98
CA PRO B 87 0.06 29.54 -23.99
C PRO B 87 0.23 28.04 -24.19
N LEU B 88 -0.75 27.30 -23.66
CA LEU B 88 -0.72 25.84 -23.63
C LEU B 88 -0.81 25.22 -25.02
N ARG B 100 1.45 16.26 -18.96
CA ARG B 100 2.66 16.47 -18.15
C ARG B 100 2.35 17.30 -16.90
N PHE B 101 1.19 17.98 -16.93
CA PHE B 101 0.78 18.90 -15.87
C PHE B 101 -0.22 18.27 -14.90
N ASN B 102 -0.39 16.95 -14.94
CA ASN B 102 -1.28 16.26 -14.02
C ASN B 102 -0.57 14.98 -13.58
N HIS B 103 -0.83 14.56 -12.36
CA HIS B 103 -0.35 13.26 -11.94
C HIS B 103 -1.11 12.15 -12.67
N PRO B 104 -0.43 11.12 -13.18
CA PRO B 104 -1.11 10.09 -13.99
C PRO B 104 -2.29 9.41 -13.28
N ASN B 105 -2.15 9.10 -12.00
CA ASN B 105 -3.22 8.38 -11.32
C ASN B 105 -4.41 9.29 -11.00
N LEU B 106 -4.15 10.58 -10.68
CA LEU B 106 -5.23 11.52 -10.44
C LEU B 106 -6.04 11.79 -11.71
N GLU B 107 -5.37 11.79 -12.88
CA GLU B 107 -6.06 12.08 -14.12
C GLU B 107 -7.07 10.99 -14.49
N ILE B 108 -6.73 9.74 -14.23
CA ILE B 108 -7.67 8.66 -14.54
C ILE B 108 -8.89 8.77 -13.63
N VAL B 109 -8.68 9.04 -12.33
CA VAL B 109 -9.79 9.20 -11.41
C VAL B 109 -10.69 10.34 -11.86
N GLU B 110 -10.08 11.46 -12.26
CA GLU B 110 -10.84 12.65 -12.61
C GLU B 110 -11.64 12.44 -13.89
N ASP B 111 -11.01 11.81 -14.90
CA ASP B 111 -11.73 11.44 -16.11
C ASP B 111 -12.94 10.58 -15.78
N ARG B 112 -12.77 9.56 -14.94
CA ARG B 112 -13.87 8.64 -14.67
C ARG B 112 -14.95 9.29 -13.83
N LEU B 113 -14.56 10.15 -12.87
CA LEU B 113 -15.55 10.82 -12.03
C LEU B 113 -16.41 11.77 -12.85
N ALA B 114 -15.78 12.60 -13.68
CA ALA B 114 -16.55 13.51 -14.54
C ALA B 114 -17.48 12.75 -15.47
N LEU B 115 -17.02 11.60 -15.98
CA LEU B 115 -17.87 10.76 -16.81
C LEU B 115 -19.09 10.27 -16.04
N LEU B 116 -18.88 9.82 -14.80
CA LEU B 116 -19.97 9.28 -13.99
C LEU B 116 -21.08 10.29 -13.77
N ASP B 117 -20.77 11.57 -13.65
CA ASP B 117 -21.85 12.52 -13.41
C ASP B 117 -22.10 13.49 -14.58
N GLY B 118 -21.60 13.18 -15.77
CA GLY B 118 -21.89 13.99 -16.94
C GLY B 118 -21.21 15.36 -16.99
N SER B 119 -20.05 15.51 -16.35
CA SER B 119 -19.37 16.80 -16.29
C SER B 119 -18.26 16.90 -17.35
N GLU B 120 -17.90 18.14 -17.67
CA GLU B 120 -16.81 18.35 -18.61
C GLU B 120 -15.44 18.01 -18.00
N ALA B 121 -15.27 18.19 -16.68
CA ALA B 121 -13.95 18.15 -16.06
C ALA B 121 -14.10 17.88 -14.57
N ALA B 122 -12.99 17.49 -13.94
CA ALA B 122 -12.99 17.12 -12.53
C ALA B 122 -11.61 17.35 -11.94
N VAL B 123 -11.58 17.60 -10.63
CA VAL B 123 -10.34 17.68 -9.87
C VAL B 123 -10.55 16.97 -8.54
N VAL B 124 -9.62 16.09 -8.17
CA VAL B 124 -9.73 15.34 -6.91
C VAL B 124 -8.73 15.91 -5.91
N THR B 125 -9.14 15.94 -4.65
CA THR B 125 -8.39 16.52 -3.56
C THR B 125 -8.28 15.52 -2.42
N SER B 126 -7.56 15.93 -1.37
CA SER B 126 -7.27 15.03 -0.26
C SER B 126 -8.51 14.62 0.54
N SER B 127 -9.61 15.38 0.46
CA SER B 127 -10.79 15.11 1.27
C SER B 127 -11.98 15.90 0.75
N GLY B 128 -13.17 15.47 1.17
CA GLY B 128 -14.36 16.25 0.90
C GLY B 128 -14.24 17.69 1.35
N MET B 129 -13.68 17.91 2.54
CA MET B 129 -13.58 19.28 3.03
C MET B 129 -12.54 20.09 2.25
N SER B 130 -11.44 19.48 1.82
CA SER B 130 -10.49 20.25 1.04
C SER B 130 -11.00 20.51 -0.37
N ALA B 131 -11.93 19.70 -0.86
CA ALA B 131 -12.58 19.99 -2.13
C ALA B 131 -13.53 21.19 -1.99
N ILE B 132 -14.35 21.19 -0.94
CA ILE B 132 -15.24 22.33 -0.66
C ILE B 132 -14.41 23.59 -0.42
N SER B 133 -13.35 23.48 0.40
CA SER B 133 -12.46 24.63 0.65
C SER B 133 -11.87 25.19 -0.63
N ALA B 134 -11.41 24.31 -1.54
CA ALA B 134 -10.80 24.81 -2.77
C ALA B 134 -11.81 25.62 -3.58
N ILE B 135 -13.07 25.21 -3.58
CA ILE B 135 -14.11 25.98 -4.26
C ILE B 135 -14.25 27.37 -3.63
N PHE B 136 -14.34 27.40 -2.30
CA PHE B 136 -14.49 28.69 -1.63
C PHE B 136 -13.26 29.56 -1.87
N LEU B 137 -12.07 28.97 -1.78
CA LEU B 137 -10.84 29.73 -2.00
C LEU B 137 -10.69 30.15 -3.45
N ALA B 138 -11.24 29.37 -4.39
CA ALA B 138 -11.09 29.73 -5.79
C ALA B 138 -11.93 30.93 -6.17
N PHE B 139 -13.07 31.13 -5.53
CA PHE B 139 -14.02 32.09 -6.05
C PHE B 139 -14.36 33.23 -5.12
N LEU B 140 -14.29 33.04 -3.80
CA LEU B 140 -14.70 34.07 -2.87
C LEU B 140 -13.60 35.10 -2.64
N ARG B 141 -14.01 36.36 -2.44
CA ARG B 141 -13.13 37.46 -2.10
C ARG B 141 -13.79 38.29 -1.01
N PRO B 142 -13.01 39.11 -0.28
CA PRO B 142 -13.62 40.00 0.71
C PRO B 142 -14.69 40.85 0.05
N GLY B 143 -15.81 41.02 0.74
CA GLY B 143 -16.98 41.69 0.20
C GLY B 143 -17.96 40.79 -0.53
N ASP B 144 -17.53 39.60 -0.94
CA ASP B 144 -18.42 38.68 -1.65
C ASP B 144 -19.56 38.20 -0.77
N GLN B 145 -20.68 37.90 -1.41
CA GLN B 145 -21.83 37.26 -0.78
C GLN B 145 -22.04 35.90 -1.42
N LEU B 146 -22.60 34.99 -0.65
CA LEU B 146 -23.03 33.72 -1.19
C LEU B 146 -24.42 33.41 -0.67
N VAL B 147 -25.17 32.67 -1.46
CA VAL B 147 -26.43 32.09 -1.05
C VAL B 147 -26.16 30.63 -0.74
N GLN B 148 -26.82 30.10 0.31
CA GLN B 148 -26.67 28.72 0.70
C GLN B 148 -28.03 28.10 0.97
N SER B 149 -28.14 26.81 0.68
CA SER B 149 -29.29 26.08 1.21
C SER B 149 -29.02 25.76 2.67
N VAL B 150 -30.07 25.29 3.36
CA VAL B 150 -29.98 24.92 4.77
C VAL B 150 -30.74 23.60 4.86
N PRO B 151 -30.25 22.61 5.63
CA PRO B 151 -28.96 22.61 6.33
C PRO B 151 -27.81 22.09 5.47
N LEU B 152 -26.59 22.54 5.76
CA LEU B 152 -25.40 22.01 5.11
C LEU B 152 -24.67 21.08 6.06
N TYR B 153 -23.80 20.26 5.49
CA TYR B 153 -22.87 19.47 6.28
C TYR B 153 -22.15 20.39 7.28
N GLY B 154 -22.00 19.89 8.51
CA GLY B 154 -21.46 20.73 9.59
C GLY B 154 -20.13 21.39 9.25
N GLY B 155 -19.23 20.63 8.61
CA GLY B 155 -17.93 21.20 8.25
C GLY B 155 -18.05 22.33 7.24
N THR B 156 -18.96 22.19 6.28
CA THR B 156 -19.23 23.27 5.32
C THR B 156 -19.78 24.50 6.02
N GLU B 157 -20.74 24.30 6.93
CA GLU B 157 -21.30 25.41 7.68
C GLU B 157 -20.23 26.10 8.52
N THR B 158 -19.29 25.31 9.04
CA THR B 158 -18.19 25.88 9.83
C THR B 158 -17.27 26.73 8.96
N LEU B 159 -16.93 26.25 7.75
CA LEU B 159 -16.13 27.05 6.84
C LEU B 159 -16.81 28.38 6.51
N ILE B 160 -18.11 28.33 6.23
CA ILE B 160 -18.83 29.54 5.86
C ILE B 160 -18.99 30.46 7.06
N ALA B 161 -19.52 29.93 8.17
CA ALA B 161 -19.93 30.78 9.27
C ALA B 161 -18.77 31.19 10.18
N LYS B 162 -17.73 30.37 10.29
CA LYS B 162 -16.57 30.74 11.09
C LYS B 162 -15.45 31.35 10.23
N TYR B 163 -14.89 30.58 9.29
CA TYR B 163 -13.67 31.07 8.66
C TYR B 163 -13.95 32.15 7.62
N PHE B 164 -14.81 31.87 6.64
CA PHE B 164 -14.98 32.83 5.56
C PHE B 164 -15.80 34.03 5.97
N ARG B 165 -16.70 33.88 6.95
CA ARG B 165 -17.37 35.06 7.49
C ARG B 165 -16.35 36.06 8.03
N GLU B 166 -15.32 35.56 8.73
CA GLU B 166 -14.27 36.43 9.27
C GLU B 166 -13.38 37.00 8.18
N TRP B 167 -13.30 36.35 7.02
CA TRP B 167 -12.56 36.92 5.91
C TRP B 167 -13.41 37.91 5.11
N GLY B 168 -14.59 38.28 5.60
CA GLY B 168 -15.40 39.31 4.97
C GLY B 168 -16.43 38.79 3.99
N VAL B 169 -16.82 37.52 4.08
CA VAL B 169 -17.80 36.93 3.19
C VAL B 169 -19.12 36.80 3.92
N GLY B 170 -20.19 37.31 3.33
CA GLY B 170 -21.53 37.20 3.88
C GLY B 170 -22.29 36.03 3.28
N ALA B 171 -23.17 35.44 4.09
CA ALA B 171 -23.96 34.29 3.67
C ALA B 171 -25.43 34.57 3.90
N HIS B 172 -26.27 34.04 3.01
CA HIS B 172 -27.70 34.30 3.05
C HIS B 172 -28.40 33.00 2.76
N SER B 173 -29.34 32.64 3.61
CA SER B 173 -29.93 31.31 3.59
C SER B 173 -31.22 31.29 2.77
N ILE B 174 -31.39 30.22 2.00
CA ILE B 174 -32.65 29.98 1.31
C ILE B 174 -33.68 29.50 2.34
N ASP B 175 -34.81 30.20 2.41
CA ASP B 175 -35.80 29.90 3.42
C ASP B 175 -36.42 28.51 3.21
N ASN B 176 -36.76 28.18 1.97
CA ASN B 176 -37.44 26.92 1.63
C ASN B 176 -36.88 26.44 0.31
N GLY B 177 -36.09 25.36 0.33
CA GLY B 177 -35.46 24.87 -0.89
C GLY B 177 -36.42 24.37 -1.95
N LEU B 178 -37.67 24.08 -1.57
CA LEU B 178 -38.70 23.69 -2.51
C LEU B 178 -39.47 24.88 -3.10
N SER B 179 -39.16 26.11 -2.67
CA SER B 179 -39.85 27.30 -3.17
C SER B 179 -38.94 28.13 -4.06
N PRO B 180 -39.16 28.17 -5.38
CA PRO B 180 -38.33 29.03 -6.23
C PRO B 180 -38.34 30.50 -5.81
N GLN B 181 -39.48 31.00 -5.32
CA GLN B 181 -39.55 32.38 -4.85
C GLN B 181 -38.60 32.61 -3.68
N ALA B 182 -38.46 31.63 -2.78
CA ALA B 182 -37.54 31.75 -1.66
C ALA B 182 -36.08 31.72 -2.12
N ILE B 183 -35.77 30.97 -3.18
CA ILE B 183 -34.42 31.00 -3.74
C ILE B 183 -34.12 32.37 -4.33
N GLY B 184 -35.06 32.92 -5.11
CA GLY B 184 -34.89 34.25 -5.68
C GLY B 184 -34.77 35.32 -4.60
N ALA B 185 -35.54 35.19 -3.52
CA ALA B 185 -35.45 36.15 -2.43
C ALA B 185 -34.07 36.12 -1.80
N ALA B 186 -33.53 34.92 -1.58
CA ALA B 186 -32.19 34.82 -1.02
C ALA B 186 -31.16 35.46 -1.94
N LEU B 187 -31.30 35.23 -3.26
CA LEU B 187 -30.39 35.87 -4.21
C LEU B 187 -30.49 37.38 -4.17
N GLU B 188 -31.71 37.92 -4.10
CA GLU B 188 -31.86 39.37 -4.02
C GLU B 188 -31.31 39.91 -2.70
N ALA B 189 -31.57 39.20 -1.60
CA ALA B 189 -31.05 39.65 -0.31
C ALA B 189 -29.53 39.68 -0.33
N ALA B 190 -28.91 38.67 -0.94
CA ALA B 190 -27.46 38.67 -1.06
C ALA B 190 -26.99 39.82 -1.93
N ALA B 191 -27.67 40.06 -3.05
CA ALA B 191 -27.23 41.13 -3.95
C ALA B 191 -27.28 42.51 -3.30
N GLN B 192 -28.14 42.71 -2.29
CA GLN B 192 -28.18 43.99 -1.59
C GLN B 192 -26.88 44.31 -0.86
N GLN B 193 -26.14 43.30 -0.45
CA GLN B 193 -24.97 43.52 0.38
C GLN B 193 -23.64 43.41 -0.37
N GLY B 194 -23.65 42.90 -1.60
CA GLY B 194 -22.45 42.76 -2.38
C GLY B 194 -22.62 41.80 -3.56
N PRO B 195 -21.54 41.54 -4.30
CA PRO B 195 -21.63 40.63 -5.46
C PRO B 195 -21.95 39.22 -4.98
N VAL B 196 -22.95 38.60 -5.61
CA VAL B 196 -23.33 37.21 -5.30
C VAL B 196 -22.44 36.28 -6.13
N ARG B 197 -21.40 35.74 -5.50
CA ARG B 197 -20.43 34.94 -6.23
C ARG B 197 -20.86 33.49 -6.35
N LEU B 198 -21.41 32.91 -5.28
CA LEU B 198 -21.73 31.49 -5.25
C LEU B 198 -23.16 31.30 -4.75
N CYS B 199 -23.82 30.31 -5.32
CA CYS B 199 -25.09 29.75 -4.84
C CYS B 199 -24.81 28.28 -4.54
N TYR B 200 -24.61 27.95 -3.28
CA TYR B 200 -24.12 26.65 -2.82
C TYR B 200 -25.26 25.89 -2.15
N VAL B 201 -25.67 24.78 -2.75
CA VAL B 201 -26.75 24.00 -2.16
C VAL B 201 -26.27 22.57 -1.91
N GLU B 202 -26.97 21.88 -1.02
CA GLU B 202 -26.68 20.50 -0.67
C GLU B 202 -28.01 19.76 -0.64
N THR B 203 -28.18 18.82 -1.58
CA THR B 203 -29.45 18.14 -1.71
C THR B 203 -29.19 16.70 -2.11
N PRO B 204 -29.82 15.72 -1.44
CA PRO B 204 -30.70 15.89 -0.26
C PRO B 204 -29.91 16.33 0.97
N ALA B 205 -30.61 16.88 1.96
CA ALA B 205 -30.01 17.38 3.19
C ALA B 205 -29.84 16.27 4.22
N ASN B 206 -28.88 16.44 5.11
CA ASN B 206 -28.66 15.52 6.21
C ASN B 206 -29.31 16.06 7.47
N PRO B 207 -30.12 15.27 8.18
CA PRO B 207 -30.44 13.86 7.99
C PRO B 207 -31.87 13.59 7.52
N THR B 208 -32.63 14.64 7.16
CA THR B 208 -34.05 14.50 6.89
C THR B 208 -34.33 14.16 5.43
N ASN B 209 -33.30 14.16 4.57
CA ASN B 209 -33.46 14.00 3.13
C ASN B 209 -34.37 15.08 2.51
N ALA B 210 -34.51 16.23 3.18
CA ALA B 210 -35.13 17.39 2.55
C ALA B 210 -34.42 17.70 1.23
N LEU B 211 -35.15 18.32 0.29
CA LEU B 211 -34.64 18.53 -1.06
C LEU B 211 -34.54 20.01 -1.38
N ILE B 212 -33.58 20.34 -2.24
CA ILE B 212 -33.50 21.65 -2.90
C ILE B 212 -33.89 21.45 -4.36
N ASP B 213 -34.78 22.31 -4.85
CA ASP B 213 -35.29 22.29 -6.24
C ASP B 213 -34.23 22.81 -7.20
N LEU B 214 -33.51 21.90 -7.87
CA LEU B 214 -32.40 22.32 -8.73
C LEU B 214 -32.89 23.05 -9.98
N ASP B 215 -33.96 22.55 -10.61
CA ASP B 215 -34.48 23.23 -11.79
C ASP B 215 -35.01 24.60 -11.43
N GLY B 216 -35.70 24.72 -10.30
CA GLY B 216 -36.16 26.03 -9.86
C GLY B 216 -35.00 26.94 -9.54
N MET B 217 -33.92 26.37 -8.99
CA MET B 217 -32.73 27.17 -8.73
C MET B 217 -32.14 27.70 -10.02
N ARG B 218 -32.06 26.86 -11.05
CA ARG B 218 -31.52 27.30 -12.34
C ARG B 218 -32.36 28.43 -12.92
N ARG B 219 -33.70 28.29 -12.88
CA ARG B 219 -34.56 29.33 -13.43
C ARG B 219 -34.47 30.62 -12.62
N GLU B 220 -34.30 30.51 -11.30
CA GLU B 220 -34.12 31.73 -10.51
C GLU B 220 -32.79 32.39 -10.79
N LEU B 221 -31.74 31.59 -11.06
CA LEU B 221 -30.46 32.18 -11.44
C LEU B 221 -30.51 32.77 -12.83
N ASP B 222 -31.33 32.21 -13.73
CA ASP B 222 -31.54 32.84 -15.03
C ASP B 222 -32.18 34.22 -14.89
N ALA B 223 -33.23 34.31 -14.05
CA ALA B 223 -33.91 35.59 -13.88
C ALA B 223 -33.02 36.59 -13.20
N PHE B 224 -32.26 36.13 -12.20
CA PHE B 224 -31.26 36.97 -11.54
C PHE B 224 -30.28 37.52 -12.56
N GLU B 225 -29.76 36.65 -13.42
CA GLU B 225 -28.80 37.10 -14.42
C GLU B 225 -29.43 38.14 -15.34
N ALA B 226 -30.70 37.95 -15.69
CA ALA B 226 -31.39 38.93 -16.51
C ALA B 226 -31.53 40.28 -15.79
N ARG B 227 -31.67 40.27 -14.46
CA ARG B 227 -31.84 41.53 -13.72
C ARG B 227 -30.51 42.25 -13.45
N HIS B 228 -29.46 41.50 -13.11
CA HIS B 228 -28.20 42.08 -12.63
C HIS B 228 -27.05 42.03 -13.63
N GLY B 229 -27.17 41.23 -14.70
CA GLY B 229 -26.12 41.18 -15.71
C GLY B 229 -24.94 40.31 -15.36
N TYR B 230 -25.03 39.50 -14.30
CA TYR B 230 -24.01 38.53 -13.94
C TYR B 230 -24.70 37.33 -13.29
N ARG B 231 -24.00 36.19 -13.29
CA ARG B 231 -24.61 34.96 -12.80
C ARG B 231 -23.77 34.37 -11.68
N PRO B 232 -24.33 34.19 -10.48
CA PRO B 232 -23.62 33.44 -9.43
C PRO B 232 -23.27 32.04 -9.91
N ILE B 233 -22.09 31.57 -9.52
CA ILE B 233 -21.71 30.19 -9.78
C ILE B 233 -22.48 29.28 -8.84
N SER B 234 -23.15 28.27 -9.40
CA SER B 234 -23.94 27.31 -8.65
C SER B 234 -23.10 26.05 -8.37
N VAL B 235 -23.22 25.55 -7.14
CA VAL B 235 -22.46 24.40 -6.65
C VAL B 235 -23.43 23.51 -5.85
N CYS B 236 -23.36 22.20 -6.07
CA CYS B 236 -24.20 21.27 -5.32
C CYS B 236 -23.31 20.23 -4.64
N ASP B 237 -23.39 20.15 -3.32
CA ASP B 237 -22.75 19.04 -2.62
C ASP B 237 -23.57 17.78 -2.91
N ASN B 238 -23.01 16.88 -3.72
CA ASN B 238 -23.74 15.77 -4.33
C ASN B 238 -23.35 14.43 -3.72
N THR B 239 -22.97 14.45 -2.44
CA THR B 239 -22.40 13.27 -1.79
C THR B 239 -23.45 12.18 -1.54
N LEU B 240 -24.68 12.54 -1.15
CA LEU B 240 -25.61 11.53 -0.69
C LEU B 240 -26.12 10.66 -1.82
N LEU B 241 -26.36 11.23 -3.00
CA LEU B 241 -26.98 10.50 -4.10
C LEU B 241 -26.06 10.33 -5.30
N GLY B 242 -25.06 11.18 -5.46
CA GLY B 242 -24.24 11.19 -6.64
C GLY B 242 -23.08 10.22 -6.55
N PRO B 243 -22.48 9.90 -7.69
CA PRO B 243 -22.90 10.47 -8.97
C PRO B 243 -23.95 9.61 -9.68
N ILE B 244 -24.36 8.52 -9.05
CA ILE B 244 -25.19 7.54 -9.74
C ILE B 244 -26.67 7.97 -9.75
N PHE B 245 -27.17 8.51 -8.63
CA PHE B 245 -28.60 8.78 -8.50
C PHE B 245 -28.98 10.24 -8.72
N GLN B 246 -27.99 11.12 -8.96
CA GLN B 246 -28.26 12.54 -9.18
C GLN B 246 -27.06 13.17 -9.89
N LYS B 247 -27.34 13.94 -10.94
CA LYS B 247 -26.30 14.58 -11.75
C LYS B 247 -26.65 16.05 -11.89
N PRO B 248 -26.16 16.89 -10.97
CA PRO B 248 -26.48 18.33 -11.05
C PRO B 248 -26.15 18.98 -12.38
N SER B 249 -25.13 18.49 -13.11
CA SER B 249 -24.78 19.12 -14.37
C SER B 249 -25.91 19.00 -15.40
N GLU B 250 -26.76 17.97 -15.29
CA GLU B 250 -27.92 17.85 -16.16
C GLU B 250 -28.98 18.89 -15.83
N HIS B 251 -28.85 19.61 -14.73
CA HIS B 251 -29.82 20.60 -14.32
C HIS B 251 -29.20 21.99 -14.30
N GLY B 252 -28.13 22.20 -15.06
CA GLY B 252 -27.52 23.51 -15.17
C GLY B 252 -26.68 23.92 -13.98
N VAL B 253 -26.42 23.03 -13.03
CA VAL B 253 -25.53 23.35 -11.92
C VAL B 253 -24.09 23.36 -12.43
N ASP B 254 -23.34 24.41 -12.07
CA ASP B 254 -22.01 24.60 -12.65
C ASP B 254 -21.03 23.57 -12.12
N MET B 255 -21.08 23.28 -10.82
CA MET B 255 -20.13 22.37 -10.20
C MET B 255 -20.83 21.48 -9.19
N SER B 256 -20.34 20.25 -9.10
CA SER B 256 -20.72 19.34 -8.05
C SER B 256 -19.48 19.07 -7.20
N VAL B 257 -19.67 18.93 -5.89
CA VAL B 257 -18.59 18.57 -5.00
C VAL B 257 -18.98 17.29 -4.28
N TYR B 258 -17.99 16.43 -4.03
CA TYR B 258 -18.20 15.11 -3.46
C TYR B 258 -17.19 14.85 -2.37
N SER B 259 -17.66 14.20 -1.30
CA SER B 259 -16.78 13.51 -0.36
C SER B 259 -16.67 12.10 -0.88
N LEU B 260 -15.60 11.83 -1.64
CA LEU B 260 -15.38 10.49 -2.19
C LEU B 260 -15.16 9.47 -1.08
N THR B 261 -14.86 9.95 0.12
CA THR B 261 -14.76 9.16 1.32
C THR B 261 -15.98 8.28 1.52
N TYR B 263 -19.63 7.21 -0.63
CA TYR B 263 -20.04 6.15 -1.58
C TYR B 263 -19.02 5.76 -2.66
N VAL B 264 -18.32 6.75 -3.24
CA VAL B 264 -17.49 6.41 -4.39
C VAL B 264 -16.35 5.50 -3.97
N GLY B 265 -15.65 5.84 -2.88
CA GLY B 265 -14.71 4.94 -2.26
C GLY B 265 -15.44 3.73 -1.70
N GLY B 266 -16.41 3.98 -0.83
CA GLY B 266 -17.41 3.01 -0.46
C GLY B 266 -16.99 1.94 0.53
N HIS B 267 -15.72 1.90 0.94
CA HIS B 267 -15.22 0.85 1.81
C HIS B 267 -14.72 1.39 3.16
N SER B 268 -15.10 2.62 3.52
CA SER B 268 -14.64 3.26 4.76
C SER B 268 -13.14 3.11 4.95
N ASP B 269 -12.36 3.38 3.89
CA ASP B 269 -10.93 3.14 4.03
C ASP B 269 -10.03 4.11 3.26
N LEU B 270 -10.54 5.24 2.78
CA LEU B 270 -9.74 6.24 2.10
C LEU B 270 -10.50 7.52 2.27
N VAL B 271 -9.77 8.62 2.35
CA VAL B 271 -10.36 9.94 2.42
C VAL B 271 -10.05 10.64 1.11
N GLY B 272 -11.06 11.26 0.51
CA GLY B 272 -10.82 11.97 -0.73
C GLY B 272 -11.98 12.88 -1.09
N GLY B 273 -11.71 13.95 -1.82
CA GLY B 273 -12.73 14.84 -2.33
C GLY B 273 -12.68 14.98 -3.84
N GLY B 274 -13.78 15.35 -4.45
CA GLY B 274 -13.82 15.59 -5.87
C GLY B 274 -14.69 16.78 -6.21
N VAL B 275 -14.30 17.55 -7.23
CA VAL B 275 -15.09 18.63 -7.79
C VAL B 275 -15.24 18.37 -9.28
N THR B 276 -16.47 18.38 -9.78
CA THR B 276 -16.75 18.18 -11.20
C THR B 276 -17.50 19.38 -11.76
N GLY B 277 -17.41 19.60 -13.07
CA GLY B 277 -18.22 20.61 -13.71
C GLY B 277 -17.54 21.21 -14.93
N ARG B 278 -17.93 22.45 -15.22
CA ARG B 278 -17.45 23.16 -16.40
C ARG B 278 -15.94 23.32 -16.34
N ARG B 279 -15.28 23.19 -17.50
CA ARG B 279 -13.83 23.09 -17.50
C ARG B 279 -13.16 24.34 -16.93
N ASP B 280 -13.62 25.54 -17.32
CA ASP B 280 -12.96 26.76 -16.86
C ASP B 280 -13.11 26.96 -15.36
N LEU B 281 -14.25 26.58 -14.78
CA LEU B 281 -14.41 26.69 -13.33
C LEU B 281 -13.57 25.67 -12.59
N VAL B 282 -13.62 24.41 -13.03
CA VAL B 282 -12.80 23.38 -12.43
C VAL B 282 -11.32 23.74 -12.52
N ALA B 283 -10.92 24.44 -13.60
CA ALA B 283 -9.54 24.87 -13.76
C ALA B 283 -9.13 25.82 -12.65
N LYS B 284 -10.03 26.73 -12.24
CA LYS B 284 -9.69 27.62 -11.13
C LYS B 284 -9.57 26.84 -9.82
N VAL B 285 -10.44 25.84 -9.61
CA VAL B 285 -10.31 25.00 -8.42
C VAL B 285 -8.99 24.23 -8.47
N ARG B 286 -8.58 23.75 -9.65
CA ARG B 286 -7.34 22.99 -9.76
C ARG B 286 -6.15 23.87 -9.41
N ALA B 287 -6.18 25.14 -9.84
CA ALA B 287 -5.12 26.07 -9.49
C ALA B 287 -5.00 26.26 -7.98
N VAL B 288 -6.14 26.41 -7.29
CA VAL B 288 -6.14 26.53 -5.83
C VAL B 288 -5.65 25.26 -5.17
N ARG B 289 -6.08 24.10 -5.67
CA ARG B 289 -5.58 22.83 -5.16
C ARG B 289 -4.07 22.77 -5.22
N SER B 290 -3.50 23.21 -6.32
CA SER B 290 -2.06 23.16 -6.44
C SER B 290 -1.41 24.18 -5.50
N ALA B 291 -2.00 25.36 -5.38
CA ALA B 291 -1.41 26.42 -4.55
C ALA B 291 -1.48 26.11 -3.06
N PHE B 292 -2.57 25.47 -2.61
CA PHE B 292 -2.77 25.15 -1.20
C PHE B 292 -2.37 23.71 -0.87
N GLY B 293 -1.80 22.99 -1.82
CA GLY B 293 -1.29 21.65 -1.59
C GLY B 293 -2.34 20.65 -1.19
N SER B 294 -3.48 20.61 -1.89
CA SER B 294 -4.63 19.78 -1.54
C SER B 294 -4.80 18.55 -2.43
N GLN B 295 -3.76 18.11 -3.13
CA GLN B 295 -3.89 16.96 -4.03
C GLN B 295 -4.22 15.68 -3.27
N LEU B 296 -5.02 14.82 -3.88
CA LEU B 296 -5.16 13.47 -3.39
C LEU B 296 -3.85 12.72 -3.63
N ASP B 297 -3.50 11.81 -2.72
CA ASP B 297 -2.26 11.06 -2.86
C ASP B 297 -2.40 9.89 -3.84
N PRO B 298 -1.28 9.43 -4.41
CA PRO B 298 -1.35 8.35 -5.42
C PRO B 298 -1.92 7.05 -4.87
N HIS B 299 -1.56 6.65 -3.65
CA HIS B 299 -2.08 5.40 -3.13
C HIS B 299 -3.60 5.45 -2.97
N SER B 300 -4.12 6.54 -2.42
CA SER B 300 -5.56 6.68 -2.33
C SER B 300 -6.20 6.77 -3.71
N SER B 301 -5.49 7.34 -4.69
CA SER B 301 -6.02 7.36 -6.05
C SER B 301 -6.16 5.95 -6.60
N TRP B 302 -5.18 5.10 -6.33
CA TRP B 302 -5.26 3.71 -6.77
C TRP B 302 -6.45 3.00 -6.12
N MET B 303 -6.71 3.26 -4.83
CA MET B 303 -7.89 2.69 -4.17
C MET B 303 -9.17 3.22 -4.79
N LEU B 304 -9.19 4.50 -5.17
CA LEU B 304 -10.39 5.09 -5.77
C LEU B 304 -10.73 4.43 -7.10
N ILE B 305 -9.73 4.25 -7.96
CA ILE B 305 -9.93 3.54 -9.23
C ILE B 305 -10.49 2.15 -8.97
N ARG B 306 -9.90 1.43 -8.02
CA ARG B 306 -10.40 0.11 -7.66
C ARG B 306 -11.83 0.20 -7.17
N SER B 307 -12.10 1.18 -6.31
CA SER B 307 -13.47 1.39 -5.82
C SER B 307 -14.43 1.70 -6.95
N MET B 308 -14.02 2.52 -7.93
CA MET B 308 -14.97 2.93 -8.95
C MET B 308 -15.40 1.79 -9.87
N GLU B 309 -14.67 0.67 -9.86
CA GLU B 309 -15.08 -0.52 -10.61
C GLU B 309 -16.36 -1.15 -10.07
N THR B 310 -16.72 -0.89 -8.82
CA THR B 310 -17.94 -1.43 -8.23
C THR B 310 -18.88 -0.34 -7.73
N VAL B 311 -18.66 0.94 -8.10
CA VAL B 311 -19.50 2.00 -7.51
C VAL B 311 -20.94 1.87 -7.99
N VAL B 312 -21.16 1.59 -9.29
CA VAL B 312 -22.51 1.37 -9.79
C VAL B 312 -23.16 0.21 -9.05
N LEU B 313 -22.45 -0.93 -8.99
CA LEU B 313 -22.98 -2.12 -8.34
C LEU B 313 -23.31 -1.85 -6.87
N ARG B 314 -22.38 -1.20 -6.15
CA ARG B 314 -22.53 -0.98 -4.71
C ARG B 314 -23.66 0.01 -4.42
N MET B 315 -23.71 1.13 -5.14
CA MET B 315 -24.72 2.13 -4.80
C MET B 315 -26.14 1.62 -5.07
N LYS B 316 -26.32 0.89 -6.18
CA LYS B 316 -27.66 0.35 -6.46
C LYS B 316 -28.05 -0.70 -5.43
N GLN B 317 -27.10 -1.53 -5.01
CA GLN B 317 -27.42 -2.54 -4.01
C GLN B 317 -27.80 -1.90 -2.68
N ALA B 318 -26.97 -0.97 -2.20
CA ALA B 318 -27.26 -0.29 -0.94
C ALA B 318 -28.61 0.43 -1.01
N ALA B 319 -28.89 1.07 -2.14
CA ALA B 319 -30.17 1.78 -2.27
C ALA B 319 -31.35 0.80 -2.26
N ARG B 320 -31.20 -0.36 -2.92
CA ARG B 320 -32.27 -1.36 -2.89
C ARG B 320 -32.54 -1.79 -1.45
N THR B 321 -31.48 -2.13 -0.72
CA THR B 321 -31.67 -2.55 0.66
C THR B 321 -32.29 -1.44 1.51
N ALA B 322 -31.79 -0.21 1.36
CA ALA B 322 -32.31 0.88 2.17
C ALA B 322 -33.80 1.10 1.89
N SER B 323 -34.19 1.00 0.62
CA SER B 323 -35.61 1.08 0.28
C SER B 323 -36.42 0.03 1.04
N ALA B 324 -35.92 -1.21 1.12
CA ALA B 324 -36.66 -2.25 1.84
C ALA B 324 -36.64 -2.00 3.33
N VAL B 325 -35.49 -1.60 3.87
CA VAL B 325 -35.43 -1.37 5.31
C VAL B 325 -36.34 -0.21 5.70
N ALA B 326 -36.38 0.85 4.87
CA ALA B 326 -37.25 1.98 5.16
C ALA B 326 -38.73 1.58 5.14
N LYS B 327 -39.15 0.84 4.10
CA LYS B 327 -40.55 0.39 4.07
C LYS B 327 -40.88 -0.49 5.28
N TRP B 328 -39.94 -1.33 5.71
CA TRP B 328 -40.21 -2.15 6.89
C TRP B 328 -40.34 -1.27 8.13
N LEU B 329 -39.47 -0.28 8.27
CA LEU B 329 -39.62 0.65 9.39
C LEU B 329 -40.97 1.34 9.37
N ALA B 330 -41.44 1.74 8.19
CA ALA B 330 -42.66 2.53 8.09
C ALA B 330 -43.89 1.76 8.53
N THR B 331 -43.83 0.43 8.53
CA THR B 331 -44.96 -0.40 8.94
C THR B 331 -44.55 -1.45 9.98
N ASN B 332 -43.46 -1.23 10.72
CA ASN B 332 -42.99 -2.26 11.63
C ASN B 332 -44.03 -2.60 12.70
N PRO B 333 -44.05 -3.84 13.18
CA PRO B 333 -45.09 -4.25 14.14
C PRO B 333 -44.82 -3.80 15.56
N HIS B 334 -43.78 -3.02 15.81
CA HIS B 334 -43.39 -2.68 17.18
C HIS B 334 -43.82 -1.28 17.60
N GLN B 335 -43.45 -0.26 16.82
CA GLN B 335 -43.69 1.10 17.29
C GLN B 335 -43.73 2.03 16.09
N LYS B 336 -44.77 2.87 16.01
CA LYS B 336 -44.90 3.83 14.93
C LYS B 336 -43.73 4.81 14.94
N VAL B 337 -43.03 4.90 13.81
CA VAL B 337 -41.91 5.81 13.66
C VAL B 337 -42.10 6.59 12.36
N ASP B 338 -41.66 7.85 12.38
CA ASP B 338 -41.62 8.65 11.17
C ASP B 338 -40.38 8.27 10.38
N VAL B 339 -40.51 8.05 9.07
CA VAL B 339 -39.38 7.58 8.26
C VAL B 339 -39.08 8.61 7.19
N TYR B 340 -37.92 9.26 7.27
CA TYR B 340 -37.52 10.33 6.35
C TYR B 340 -36.62 9.77 5.24
N HIS B 341 -37.23 8.92 4.46
CA HIS B 341 -36.68 8.30 3.27
C HIS B 341 -37.41 8.85 2.06
N PRO B 342 -36.70 9.22 0.98
CA PRO B 342 -37.37 9.92 -0.11
C PRO B 342 -38.61 9.21 -0.65
N GLU B 343 -38.64 7.89 -0.66
CA GLU B 343 -39.80 7.21 -1.20
C GLU B 343 -40.98 7.21 -0.24
N LEU B 344 -40.79 7.65 1.01
CA LEU B 344 -41.85 7.64 1.99
C LEU B 344 -42.34 9.05 2.34
N ILE B 345 -41.78 10.06 1.69
CA ILE B 345 -42.18 11.45 1.93
C ILE B 345 -43.26 11.82 0.91
N VAL B 346 -44.48 12.07 1.39
CA VAL B 346 -45.68 12.11 0.55
C VAL B 346 -45.95 13.45 -0.13
N ASP B 347 -45.40 14.56 0.39
CA ASP B 347 -45.66 15.90 -0.14
C ASP B 347 -45.51 15.99 -1.67
N ASP B 348 -46.48 16.64 -2.30
CA ASP B 348 -46.53 16.74 -3.76
C ASP B 348 -45.31 17.48 -4.32
N ALA B 349 -44.98 18.63 -3.73
CA ALA B 349 -43.84 19.41 -4.21
C ALA B 349 -42.54 18.62 -4.06
N TYR B 350 -42.38 17.91 -2.95
CA TYR B 350 -41.20 17.07 -2.75
C TYR B 350 -41.05 16.04 -3.86
N GLN B 351 -42.12 15.29 -4.13
CA GLN B 351 -42.05 14.21 -5.11
C GLN B 351 -41.84 14.74 -6.52
N ALA B 352 -42.40 15.91 -6.84
CA ALA B 352 -42.16 16.51 -8.16
C ALA B 352 -40.68 16.83 -8.34
N VAL B 353 -40.03 17.36 -7.31
CA VAL B 353 -38.60 17.59 -7.38
C VAL B 353 -37.86 16.26 -7.44
N TYR B 354 -38.24 15.31 -6.58
CA TYR B 354 -37.53 14.04 -6.52
C TYR B 354 -37.59 13.30 -7.85
N LYS B 355 -38.80 13.19 -8.43
CA LYS B 355 -38.95 12.46 -9.68
C LYS B 355 -38.12 13.08 -10.79
N ARG B 356 -37.91 14.40 -10.72
CA ARG B 356 -37.30 15.19 -11.78
C ARG B 356 -35.78 15.19 -11.75
N GLN B 357 -35.17 15.19 -10.57
CA GLN B 357 -33.72 15.32 -10.48
C GLN B 357 -33.02 14.11 -9.85
N CYS B 358 -33.75 13.11 -9.34
CA CYS B 358 -33.13 11.95 -8.71
C CYS B 358 -33.57 10.68 -9.42
N THR B 359 -32.67 9.70 -9.54
CA THR B 359 -33.03 8.42 -10.14
C THR B 359 -32.97 7.29 -9.13
N GLY B 360 -32.82 7.63 -7.86
CA GLY B 360 -32.83 6.68 -6.77
C GLY B 360 -32.76 7.47 -5.48
N ALA B 361 -32.95 6.78 -4.36
CA ALA B 361 -33.07 7.43 -3.07
C ALA B 361 -31.80 7.32 -2.22
N GLY B 362 -30.73 6.70 -2.73
CA GLY B 362 -29.54 6.52 -1.93
C GLY B 362 -29.78 5.50 -0.83
N SER B 363 -28.85 5.48 0.12
CA SER B 363 -28.98 4.50 1.20
C SER B 363 -28.84 5.13 2.58
N THR B 364 -28.78 6.46 2.69
CA THR B 364 -28.78 7.12 3.99
C THR B 364 -30.16 7.75 4.26
N PHE B 365 -30.73 7.45 5.42
CA PHE B 365 -32.01 8.04 5.81
C PHE B 365 -32.13 7.96 7.31
N ALA B 366 -33.15 8.63 7.83
CA ALA B 366 -33.39 8.71 9.26
C ALA B 366 -34.81 8.25 9.56
N PHE B 367 -35.02 7.85 10.81
CA PHE B 367 -36.35 7.62 11.36
C PHE B 367 -36.36 8.17 12.78
N VAL B 368 -37.57 8.41 13.29
CA VAL B 368 -37.78 9.13 14.55
C VAL B 368 -38.55 8.22 15.48
N LEU B 369 -37.91 7.81 16.57
CA LEU B 369 -38.60 7.05 17.59
C LEU B 369 -39.49 7.96 18.44
N ASN B 370 -40.50 7.34 19.05
CA ASN B 370 -41.22 8.08 20.08
C ASN B 370 -40.34 8.04 21.33
N GLY B 371 -40.41 9.11 22.11
CA GLY B 371 -39.46 9.26 23.19
C GLY B 371 -38.24 10.02 22.73
N GLY B 372 -37.32 10.24 23.67
CA GLY B 372 -36.18 11.07 23.38
C GLY B 372 -34.87 10.32 23.28
N ARG B 373 -33.81 10.98 23.75
CA ARG B 373 -32.47 10.45 23.64
C ARG B 373 -32.35 9.08 24.30
N ALA B 374 -33.00 8.91 25.46
CA ALA B 374 -32.88 7.67 26.22
C ALA B 374 -33.35 6.47 25.41
N GLU B 375 -34.52 6.57 24.75
CA GLU B 375 -35.01 5.47 23.92
CA GLU B 375 -34.99 5.46 23.93
C GLU B 375 -34.08 5.23 22.73
N ALA B 376 -33.67 6.30 22.05
CA ALA B 376 -32.76 6.17 20.92
C ALA B 376 -31.45 5.52 21.34
N PHE B 377 -30.90 5.89 22.50
CA PHE B 377 -29.65 5.29 22.95
C PHE B 377 -29.83 3.80 23.22
N ARG B 378 -30.92 3.42 23.89
CA ARG B 378 -31.16 2.00 24.14
C ARG B 378 -31.33 1.25 22.84
N PHE B 379 -31.99 1.87 21.85
CA PHE B 379 -32.18 1.22 20.56
C PHE B 379 -30.84 0.96 19.88
N ILE B 380 -30.03 2.02 19.73
CA ILE B 380 -28.75 1.89 19.04
C ILE B 380 -27.87 0.86 19.72
N ASN B 381 -27.85 0.88 21.06
CA ASN B 381 -26.97 -0.02 21.80
C ASN B 381 -27.39 -1.48 21.68
N ALA B 382 -28.62 -1.77 21.25
CA ALA B 382 -29.06 -3.15 21.13
C ALA B 382 -28.68 -3.79 19.79
N LEU B 383 -28.24 -3.01 18.81
CA LEU B 383 -27.97 -3.53 17.48
C LEU B 383 -26.63 -4.26 17.43
N HIS B 384 -26.56 -5.26 16.57
CA HIS B 384 -25.35 -6.05 16.40
C HIS B 384 -24.66 -5.82 15.06
N LEU B 385 -25.41 -5.46 14.02
CA LEU B 385 -24.90 -5.32 12.66
C LEU B 385 -24.62 -3.88 12.25
N PHE B 386 -25.39 -2.92 12.75
CA PHE B 386 -25.09 -1.51 12.48
C PHE B 386 -23.98 -1.06 13.42
N LYS B 387 -22.93 -0.46 12.85
CA LYS B 387 -21.83 0.07 13.67
C LYS B 387 -22.10 1.54 13.99
N SER B 388 -21.83 1.91 15.24
CA SER B 388 -22.07 3.28 15.75
C SER B 388 -20.94 4.18 15.29
N ALA B 389 -21.21 4.99 14.26
CA ALA B 389 -20.21 5.93 13.76
C ALA B 389 -20.94 7.00 12.99
N VAL B 390 -20.27 8.12 12.73
CA VAL B 390 -20.93 9.26 12.11
C VAL B 390 -20.72 9.29 10.60
N SER B 391 -19.95 8.37 10.05
CA SER B 391 -19.71 8.32 8.61
C SER B 391 -20.93 7.73 7.88
N LEU B 392 -20.86 7.71 6.54
CA LEU B 392 -21.94 7.13 5.76
C LEU B 392 -21.41 6.54 4.45
N GLY B 393 -22.23 5.71 3.82
CA GLY B 393 -21.87 5.15 2.52
C GLY B 393 -20.72 4.16 2.51
N GLY B 394 -20.61 3.31 3.55
CA GLY B 394 -19.60 2.27 3.55
C GLY B 394 -20.19 0.93 3.16
N THR B 395 -19.31 -0.08 3.02
CA THR B 395 -19.80 -1.44 2.78
C THR B 395 -20.57 -1.97 3.99
N GLU B 396 -20.16 -1.57 5.20
CA GLU B 396 -20.87 -1.88 6.44
C GLU B 396 -21.94 -0.82 6.71
N SER B 397 -23.06 -1.26 7.28
CA SER B 397 -24.10 -0.33 7.69
C SER B 397 -23.69 0.45 8.94
N LEU B 398 -24.05 1.74 8.98
CA LEU B 398 -23.68 2.62 10.08
C LEU B 398 -24.93 3.28 10.65
N ILE B 399 -24.83 3.66 11.92
CA ILE B 399 -25.96 4.28 12.61
C ILE B 399 -25.42 5.30 13.59
N CYS B 400 -26.14 6.40 13.75
CA CYS B 400 -25.79 7.38 14.76
C CYS B 400 -27.03 8.16 15.16
N HIS B 401 -26.90 8.88 16.26
CA HIS B 401 -27.95 9.71 16.83
C HIS B 401 -27.52 11.17 16.63
N PRO B 402 -28.03 11.86 15.60
CA PRO B 402 -27.44 13.17 15.25
C PRO B 402 -27.49 14.21 16.36
N ALA B 403 -28.54 14.22 17.19
CA ALA B 403 -28.66 15.27 18.20
C ALA B 403 -27.51 15.24 19.19
N SER B 404 -26.93 14.07 19.46
CA SER B 404 -25.82 13.96 20.40
C SER B 404 -24.46 13.85 19.71
N THR B 405 -24.43 13.80 18.38
CA THR B 405 -23.15 13.71 17.68
C THR B 405 -23.03 14.80 16.62
N THR B 406 -23.43 14.49 15.39
CA THR B 406 -23.19 15.40 14.26
C THR B 406 -23.77 16.78 14.50
N HIS B 407 -24.89 16.87 15.22
CA HIS B 407 -25.61 18.12 15.46
C HIS B 407 -25.61 18.52 16.93
N SER B 408 -24.67 18.01 17.73
CA SER B 408 -24.64 18.35 19.16
C SER B 408 -24.10 19.76 19.42
N GLY B 409 -23.39 20.36 18.47
CA GLY B 409 -22.91 21.72 18.66
C GLY B 409 -23.94 22.80 18.38
N VAL B 410 -25.04 22.44 17.70
CA VAL B 410 -26.12 23.38 17.42
C VAL B 410 -27.01 23.52 18.65
N PRO B 411 -27.49 24.74 18.96
CA PRO B 411 -28.42 24.90 20.08
C PRO B 411 -29.67 24.07 19.91
N GLU B 412 -30.27 23.68 21.03
CA GLU B 412 -31.44 22.80 21.00
C GLU B 412 -32.57 23.41 20.19
N ALA B 413 -32.71 24.74 20.26
CA ALA B 413 -33.75 25.43 19.49
C ALA B 413 -33.51 25.27 17.98
N ALA B 414 -32.27 25.51 17.53
CA ALA B 414 -31.97 25.38 16.11
C ALA B 414 -32.06 23.95 15.61
N ARG B 415 -31.76 22.97 16.47
CA ARG B 415 -31.98 21.58 16.10
C ARG B 415 -33.46 21.32 15.83
N LYS B 416 -34.32 21.75 16.76
CA LYS B 416 -35.75 21.48 16.63
C LYS B 416 -36.32 22.11 15.37
N ALA B 417 -35.92 23.34 15.05
CA ALA B 417 -36.41 23.98 13.84
C ALA B 417 -35.88 23.30 12.58
N ALA B 418 -34.75 22.61 12.67
CA ALA B 418 -34.19 21.88 11.54
C ALA B 418 -34.67 20.44 11.46
N GLY B 419 -35.59 20.03 12.33
CA GLY B 419 -36.11 18.68 12.32
C GLY B 419 -35.23 17.62 12.94
N VAL B 420 -34.13 18.02 13.59
CA VAL B 420 -33.24 17.09 14.27
C VAL B 420 -33.73 17.00 15.71
N SER B 421 -34.48 15.95 16.03
CA SER B 421 -35.07 15.81 17.35
C SER B 421 -34.33 14.73 18.14
N GLU B 422 -34.60 14.69 19.44
CA GLU B 422 -33.88 13.77 20.32
C GLU B 422 -34.20 12.31 20.04
N GLY B 423 -35.33 12.03 19.38
CA GLY B 423 -35.68 10.69 18.96
C GLY B 423 -35.18 10.28 17.57
N LEU B 424 -34.53 11.17 16.84
CA LEU B 424 -34.17 10.88 15.46
C LEU B 424 -32.91 10.04 15.42
N ILE B 425 -32.94 8.99 14.59
CA ILE B 425 -31.83 8.07 14.39
C ILE B 425 -31.54 8.03 12.90
N ARG B 426 -30.27 8.18 12.50
CA ARG B 426 -29.87 8.12 11.10
C ARG B 426 -29.12 6.83 10.83
N VAL B 427 -29.53 6.12 9.77
CA VAL B 427 -28.85 4.93 9.29
C VAL B 427 -28.30 5.18 7.90
N SER B 428 -27.14 4.58 7.62
CA SER B 428 -26.54 4.56 6.29
C SER B 428 -26.35 3.11 5.93
N ILE B 429 -27.17 2.61 5.00
CA ILE B 429 -27.24 1.19 4.69
C ILE B 429 -26.05 0.81 3.80
N GLY B 430 -25.41 -0.31 4.15
CA GLY B 430 -24.30 -0.88 3.39
C GLY B 430 -24.76 -2.02 2.50
N LEU B 431 -23.92 -3.05 2.39
CA LEU B 431 -24.15 -4.16 1.48
C LEU B 431 -24.69 -5.40 2.17
N GLU B 432 -24.98 -5.34 3.48
CA GLU B 432 -25.53 -6.50 4.16
C GLU B 432 -26.89 -6.87 3.57
N HIS B 433 -27.30 -8.11 3.81
CA HIS B 433 -28.59 -8.57 3.31
C HIS B 433 -29.72 -7.87 4.06
N GLU B 434 -30.76 -7.46 3.33
CA GLU B 434 -31.83 -6.71 3.97
C GLU B 434 -32.50 -7.51 5.07
N GLU B 435 -32.58 -8.82 4.93
CA GLU B 435 -33.23 -9.62 5.96
C GLU B 435 -32.45 -9.61 7.26
N ASP B 436 -31.12 -9.51 7.18
CA ASP B 436 -30.30 -9.42 8.39
C ASP B 436 -30.39 -8.04 9.04
N LEU B 437 -30.40 -6.98 8.24
CA LEU B 437 -30.56 -5.64 8.80
C LEU B 437 -31.94 -5.51 9.47
N ILE B 438 -32.99 -5.98 8.81
CA ILE B 438 -34.33 -5.94 9.39
C ILE B 438 -34.38 -6.75 10.67
N ALA B 439 -33.82 -7.96 10.66
CA ALA B 439 -33.77 -8.75 11.89
C ALA B 439 -32.99 -8.02 12.98
N ASP B 440 -31.94 -7.29 12.60
CA ASP B 440 -31.21 -6.53 13.61
C ASP B 440 -32.08 -5.43 14.22
N LEU B 441 -32.78 -4.66 13.37
CA LEU B 441 -33.66 -3.60 13.87
C LEU B 441 -34.81 -4.17 14.68
N ASP B 442 -35.36 -5.32 14.25
CA ASP B 442 -36.40 -5.98 15.02
C ASP B 442 -35.93 -6.29 16.44
N HIS B 443 -34.72 -6.83 16.57
CA HIS B 443 -34.19 -7.14 17.88
C HIS B 443 -34.04 -5.87 18.72
N ALA B 444 -33.66 -4.76 18.09
CA ALA B 444 -33.50 -3.51 18.83
C ALA B 444 -34.83 -3.02 19.40
N PHE B 445 -35.90 -3.08 18.61
CA PHE B 445 -37.21 -2.64 19.14
C PHE B 445 -37.58 -3.43 20.38
N ARG B 446 -37.39 -4.75 20.35
CA ARG B 446 -37.79 -5.60 21.48
C ARG B 446 -36.94 -5.32 22.71
N ARG B 447 -35.62 -5.27 22.55
CA ARG B 447 -34.75 -5.07 23.70
C ARG B 447 -34.78 -3.63 24.23
N SER B 448 -35.54 -2.73 23.61
CA SER B 448 -35.69 -1.36 24.08
C SER B 448 -37.08 -1.11 24.68
N SER C 26 -18.24 -14.26 20.06
CA SER C 26 -18.68 -12.87 20.09
C SER C 26 -18.25 -12.09 18.85
N TYR C 27 -17.08 -12.40 18.33
CA TYR C 27 -16.64 -11.93 17.02
C TYR C 27 -16.83 -12.99 15.94
N HIS C 28 -17.39 -14.15 16.30
CA HIS C 28 -17.74 -15.18 15.33
C HIS C 28 -19.22 -15.53 15.40
N LYS C 29 -20.10 -14.54 15.33
CA LYS C 29 -21.54 -14.80 15.40
C LYS C 29 -22.03 -15.26 14.04
N LYS C 30 -22.67 -16.43 14.00
CA LYS C 30 -23.12 -17.04 12.74
C LYS C 30 -24.61 -16.85 12.47
N ASP C 31 -25.36 -16.31 13.43
CA ASP C 31 -26.80 -16.27 13.31
C ASP C 31 -27.33 -15.01 13.99
N ILE C 32 -28.62 -14.76 13.79
CA ILE C 32 -29.31 -13.64 14.42
C ILE C 32 -30.70 -14.14 14.83
N GLU C 33 -30.97 -14.13 16.14
CA GLU C 33 -32.23 -14.64 16.71
C GLU C 33 -32.55 -16.06 16.24
N GLY C 34 -31.51 -16.83 15.88
CA GLY C 34 -31.64 -18.21 15.43
C GLY C 34 -31.42 -18.43 13.94
N ARG C 35 -31.80 -17.45 13.09
CA ARG C 35 -31.61 -17.65 11.66
C ARG C 35 -30.19 -17.28 11.25
N PRO C 36 -29.55 -18.07 10.39
CA PRO C 36 -28.15 -17.78 10.04
C PRO C 36 -28.02 -16.52 9.19
N LEU C 37 -26.95 -15.78 9.45
CA LEU C 37 -26.67 -14.58 8.68
C LEU C 37 -26.28 -14.95 7.25
N HIS C 38 -26.61 -14.06 6.32
CA HIS C 38 -26.23 -14.26 4.94
C HIS C 38 -24.73 -14.01 4.76
N PRO C 39 -24.10 -14.67 3.78
CA PRO C 39 -22.66 -14.47 3.59
C PRO C 39 -22.27 -13.01 3.34
N GLU C 40 -23.07 -12.25 2.56
CA GLU C 40 -22.69 -10.86 2.29
C GLU C 40 -22.70 -10.02 3.56
N THR C 41 -23.59 -10.34 4.52
CA THR C 41 -23.59 -9.66 5.80
C THR C 41 -22.34 -9.98 6.61
N GLN C 42 -21.94 -11.26 6.59
CA GLN C 42 -20.79 -11.69 7.38
C GLN C 42 -19.50 -11.08 6.88
N MET C 43 -19.41 -10.76 5.60
CA MET C 43 -18.13 -10.30 5.10
C MET C 43 -17.74 -8.91 5.58
N MET C 44 -18.56 -8.25 6.37
CA MET C 44 -18.20 -6.95 6.89
C MET C 44 -17.80 -6.98 8.36
N SER C 45 -17.92 -8.12 9.01
CA SER C 45 -17.62 -8.14 10.43
C SER C 45 -17.04 -9.47 10.93
N TYR C 46 -17.44 -10.59 10.33
CA TYR C 46 -17.12 -11.91 10.89
C TYR C 46 -15.63 -12.05 11.20
N GLY C 47 -15.32 -12.45 12.43
CA GLY C 47 -13.95 -12.67 12.85
C GLY C 47 -13.17 -11.43 13.20
N PHE C 48 -13.81 -10.27 13.32
CA PHE C 48 -13.13 -9.03 13.68
C PHE C 48 -13.94 -8.26 14.70
N ASP C 49 -13.31 -7.94 15.83
CA ASP C 49 -13.90 -7.11 16.88
C ASP C 49 -13.27 -5.74 16.82
N PRO C 50 -13.99 -4.71 16.35
CA PRO C 50 -13.42 -3.37 16.26
C PRO C 50 -12.85 -2.86 17.57
N PHE C 51 -13.41 -3.25 18.70
CA PHE C 51 -13.02 -2.63 19.94
C PHE C 51 -11.81 -3.27 20.58
N LEU C 52 -11.24 -4.29 19.95
CA LEU C 52 -9.88 -4.71 20.24
C LEU C 52 -8.87 -4.03 19.32
N SER C 53 -9.33 -3.13 18.45
CA SER C 53 -8.49 -2.32 17.59
C SER C 53 -8.95 -0.86 17.61
N GLU C 54 -9.24 -0.35 18.81
CA GLU C 54 -9.58 1.05 19.08
C GLU C 54 -10.86 1.49 18.35
N GLY C 55 -11.74 0.57 18.01
CA GLY C 55 -12.97 0.91 17.35
C GLY C 55 -12.89 1.02 15.84
N ALA C 56 -11.69 0.83 15.25
CA ALA C 56 -11.58 0.86 13.80
C ALA C 56 -12.59 -0.08 13.17
N VAL C 57 -13.40 0.43 12.25
CA VAL C 57 -14.45 -0.41 11.68
C VAL C 57 -13.90 -1.42 10.67
N LYS C 58 -12.67 -1.23 10.18
CA LYS C 58 -12.01 -2.20 9.32
C LYS C 58 -10.72 -2.67 9.99
N PRO C 59 -10.25 -3.87 9.71
CA PRO C 59 -9.03 -4.38 10.38
C PRO C 59 -7.81 -3.57 9.99
N PRO C 60 -6.98 -3.17 10.95
CA PRO C 60 -5.70 -2.56 10.60
C PRO C 60 -4.79 -3.58 9.94
N VAL C 61 -3.83 -3.08 9.16
CA VAL C 61 -2.90 -3.94 8.44
C VAL C 61 -1.61 -4.05 9.25
N PHE C 62 -1.26 -5.28 9.64
CA PHE C 62 0.02 -5.57 10.29
C PHE C 62 1.05 -5.85 9.19
N LEU C 63 1.70 -4.78 8.72
CA LEU C 63 2.77 -4.94 7.72
C LEU C 63 4.05 -5.37 8.41
N THR C 64 3.99 -6.52 9.05
CA THR C 64 5.16 -7.11 9.68
C THR C 64 4.84 -8.57 9.92
N SER C 65 5.89 -9.38 9.90
CA SER C 65 5.78 -10.76 10.34
C SER C 65 6.53 -10.99 11.64
N THR C 66 7.12 -9.94 12.22
CA THR C 66 7.93 -10.04 13.42
C THR C 66 7.10 -9.59 14.61
N PHE C 67 6.75 -10.52 15.49
CA PHE C 67 5.97 -10.23 16.68
C PHE C 67 6.80 -10.62 17.91
N ALA C 68 6.96 -9.69 18.84
CA ALA C 68 7.83 -9.88 19.98
C ALA C 68 7.10 -10.67 21.08
N PHE C 69 7.89 -11.33 21.91
CA PHE C 69 7.35 -12.06 23.06
C PHE C 69 7.30 -11.14 24.27
N ARG C 70 6.34 -11.40 25.16
CA ARG C 70 6.27 -10.65 26.40
C ARG C 70 7.40 -11.04 27.36
N SER C 71 7.98 -12.22 27.19
CA SER C 71 9.07 -12.71 28.03
C SER C 71 9.77 -13.84 27.28
N ALA C 72 11.02 -14.10 27.66
CA ALA C 72 11.76 -15.22 27.10
C ALA C 72 11.04 -16.54 27.37
N GLU C 73 10.41 -16.66 28.55
CA GLU C 73 9.65 -17.87 28.83
C GLU C 73 8.52 -18.05 27.84
N ASP C 74 7.84 -16.95 27.48
CA ASP C 74 6.78 -17.02 26.48
C ASP C 74 7.32 -17.51 25.15
N GLY C 75 8.50 -17.01 24.76
CA GLY C 75 9.11 -17.48 23.52
C GLY C 75 9.41 -18.96 23.55
N ALA C 76 9.95 -19.46 24.68
CA ALA C 76 10.24 -20.88 24.80
C ALA C 76 8.96 -21.69 24.81
N ASP C 77 7.94 -21.18 25.52
CA ASP C 77 6.63 -21.80 25.53
C ASP C 77 6.02 -21.82 24.13
N PHE C 78 6.16 -20.71 23.39
CA PHE C 78 5.65 -20.61 22.03
C PHE C 78 6.24 -21.70 21.15
N PHE C 79 7.55 -21.88 21.19
CA PHE C 79 8.18 -22.91 20.36
C PHE C 79 7.94 -24.32 20.89
N ASP C 80 7.74 -24.46 22.20
CA ASP C 80 7.28 -25.74 22.73
C ASP C 80 5.97 -26.15 22.09
N ILE C 81 5.04 -25.21 21.89
CA ILE C 81 3.72 -25.56 21.37
C ILE C 81 3.78 -25.79 19.86
N VAL C 82 4.40 -24.85 19.13
CA VAL C 82 4.45 -24.95 17.68
C VAL C 82 5.08 -26.28 17.26
N SER C 83 6.07 -26.75 18.00
CA SER C 83 6.77 -27.97 17.60
C SER C 83 6.09 -29.23 18.09
N GLY C 84 5.07 -29.12 18.94
CA GLY C 84 4.43 -30.29 19.51
C GLY C 84 5.08 -30.83 20.75
N ARG C 85 6.10 -30.16 21.30
CA ARG C 85 6.71 -30.62 22.54
C ARG C 85 5.79 -30.46 23.75
N LYS C 86 4.84 -29.53 23.69
CA LYS C 86 3.84 -29.35 24.73
C LYS C 86 2.48 -29.10 24.07
N PRO C 87 1.40 -29.70 24.57
CA PRO C 87 0.08 -29.49 23.96
C PRO C 87 -0.48 -28.11 24.29
N LEU C 88 -1.33 -27.62 23.39
CA LEU C 88 -1.87 -26.26 23.51
C LEU C 88 -2.84 -26.13 24.69
N SER C 99 -4.66 -15.25 18.45
CA SER C 99 -3.85 -16.44 18.22
C SER C 99 -2.45 -16.08 17.75
N ARG C 100 -1.46 -16.25 18.63
CA ARG C 100 -0.07 -15.88 18.33
C ARG C 100 0.53 -16.70 17.20
N PHE C 101 -0.11 -17.79 16.79
CA PHE C 101 0.42 -18.71 15.79
C PHE C 101 -0.12 -18.39 14.39
N ASN C 102 -0.79 -17.26 14.23
CA ASN C 102 -1.34 -16.84 12.95
C ASN C 102 -1.08 -15.35 12.81
N HIS C 103 -0.83 -14.92 11.58
CA HIS C 103 -0.77 -13.50 11.34
C HIS C 103 -2.17 -12.92 11.45
N PRO C 104 -2.33 -11.78 12.13
CA PRO C 104 -3.68 -11.24 12.38
C PRO C 104 -4.51 -11.04 11.13
N ASN C 105 -3.91 -10.54 10.05
CA ASN C 105 -4.71 -10.28 8.86
C ASN C 105 -5.02 -11.56 8.10
N LEU C 106 -4.08 -12.51 8.07
CA LEU C 106 -4.37 -13.80 7.43
C LEU C 106 -5.47 -14.54 8.17
N GLU C 107 -5.54 -14.41 9.50
CA GLU C 107 -6.56 -15.13 10.24
C GLU C 107 -7.95 -14.66 9.84
N ILE C 108 -8.13 -13.37 9.59
CA ILE C 108 -9.44 -12.86 9.19
C ILE C 108 -9.82 -13.39 7.82
N VAL C 109 -8.88 -13.35 6.86
CA VAL C 109 -9.20 -13.85 5.52
C VAL C 109 -9.62 -15.30 5.58
N GLU C 110 -8.92 -16.10 6.39
CA GLU C 110 -9.17 -17.54 6.47
C GLU C 110 -10.50 -17.85 7.14
N ASP C 111 -10.80 -17.17 8.25
CA ASP C 111 -12.12 -17.34 8.87
C ASP C 111 -13.24 -17.01 7.89
N ARG C 112 -13.10 -15.92 7.15
CA ARG C 112 -14.18 -15.52 6.25
C ARG C 112 -14.28 -16.45 5.05
N LEU C 113 -13.13 -16.89 4.53
CA LEU C 113 -13.14 -17.77 3.39
C LEU C 113 -13.78 -19.11 3.73
N ALA C 114 -13.41 -19.67 4.89
CA ALA C 114 -14.04 -20.92 5.34
C ALA C 114 -15.53 -20.74 5.56
N LEU C 115 -15.95 -19.56 6.05
CA LEU C 115 -17.38 -19.32 6.23
C LEU C 115 -18.10 -19.32 4.90
N LEU C 116 -17.49 -18.68 3.89
CA LEU C 116 -18.13 -18.57 2.59
C LEU C 116 -18.43 -19.94 1.98
N ASP C 117 -17.54 -20.92 2.17
CA ASP C 117 -17.76 -22.21 1.51
C ASP C 117 -18.12 -23.34 2.46
N GLY C 118 -18.51 -23.04 3.71
CA GLY C 118 -19.00 -24.06 4.62
C GLY C 118 -17.94 -25.01 5.18
N SER C 119 -16.68 -24.59 5.26
CA SER C 119 -15.59 -25.43 5.75
C SER C 119 -15.29 -25.17 7.22
N GLU C 120 -14.61 -26.13 7.84
CA GLU C 120 -14.18 -25.96 9.23
C GLU C 120 -13.03 -24.97 9.38
N ALA C 121 -12.16 -24.87 8.37
CA ALA C 121 -10.89 -24.18 8.53
C ALA C 121 -10.37 -23.83 7.15
N ALA C 122 -9.39 -22.92 7.11
CA ALA C 122 -8.77 -22.46 5.87
C ALA C 122 -7.35 -21.97 6.14
N VAL C 123 -6.52 -22.04 5.10
CA VAL C 123 -5.17 -21.48 5.13
C VAL C 123 -4.93 -20.79 3.78
N VAL C 124 -4.41 -19.57 3.81
CA VAL C 124 -4.18 -18.81 2.57
C VAL C 124 -2.68 -18.73 2.28
N THR C 125 -2.34 -18.79 1.01
CA THR C 125 -0.97 -18.84 0.53
C THR C 125 -0.73 -17.71 -0.49
N SER C 126 0.51 -17.65 -0.97
CA SER C 126 0.92 -16.58 -1.87
C SER C 126 0.20 -16.63 -3.20
N SER C 127 -0.34 -17.79 -3.59
CA SER C 127 -0.91 -17.97 -4.92
C SER C 127 -1.68 -19.28 -4.96
N GLY C 128 -2.55 -19.40 -5.97
CA GLY C 128 -3.22 -20.65 -6.22
C GLY C 128 -2.24 -21.80 -6.39
N MET C 129 -1.15 -21.57 -7.12
CA MET C 129 -0.21 -22.66 -7.35
C MET C 129 0.53 -23.08 -6.07
N SER C 130 0.82 -22.14 -5.17
CA SER C 130 1.44 -22.54 -3.90
C SER C 130 0.43 -23.17 -2.94
N ALA C 131 -0.86 -22.87 -3.09
CA ALA C 131 -1.86 -23.59 -2.32
C ALA C 131 -1.98 -25.04 -2.81
N ILE C 132 -2.07 -25.24 -4.12
CA ILE C 132 -2.08 -26.58 -4.68
C ILE C 132 -0.80 -27.31 -4.31
N SER C 133 0.34 -26.63 -4.42
CA SER C 133 1.62 -27.23 -4.04
C SER C 133 1.60 -27.68 -2.59
N ALA C 134 1.09 -26.83 -1.68
CA ALA C 134 1.10 -27.18 -0.27
C ALA C 134 0.31 -28.46 -0.03
N ILE C 135 -0.81 -28.63 -0.73
CA ILE C 135 -1.60 -29.86 -0.58
C ILE C 135 -0.77 -31.06 -1.04
N PHE C 136 -0.12 -30.95 -2.19
CA PHE C 136 0.68 -32.07 -2.68
C PHE C 136 1.84 -32.38 -1.74
N LEU C 137 2.53 -31.34 -1.25
CA LEU C 137 3.66 -31.55 -0.35
C LEU C 137 3.22 -32.07 1.01
N ALA C 138 2.01 -31.71 1.45
CA ALA C 138 1.56 -32.16 2.76
C ALA C 138 1.20 -33.65 2.77
N PHE C 139 0.77 -34.22 1.63
CA PHE C 139 0.17 -35.54 1.65
C PHE C 139 0.87 -36.60 0.80
N LEU C 140 1.54 -36.22 -0.30
CA LEU C 140 2.20 -37.20 -1.14
C LEU C 140 3.57 -37.57 -0.58
N ARG C 141 3.95 -38.82 -0.81
CA ARG C 141 5.26 -39.39 -0.52
C ARG C 141 5.66 -40.28 -1.69
N PRO C 142 6.94 -40.63 -1.79
CA PRO C 142 7.35 -41.59 -2.84
C PRO C 142 6.54 -42.88 -2.77
N GLY C 143 6.15 -43.38 -3.94
CA GLY C 143 5.29 -44.54 -4.03
C GLY C 143 3.81 -44.25 -3.99
N ASP C 144 3.41 -43.07 -3.53
CA ASP C 144 2.00 -42.72 -3.48
C ASP C 144 1.39 -42.63 -4.88
N GLN C 145 0.09 -42.91 -4.96
CA GLN C 145 -0.69 -42.72 -6.16
C GLN C 145 -1.74 -41.66 -5.93
N LEU C 146 -2.12 -40.98 -7.00
CA LEU C 146 -3.26 -40.09 -6.93
C LEU C 146 -4.19 -40.38 -8.10
N VAL C 147 -5.46 -40.13 -7.87
CA VAL C 147 -6.49 -40.10 -8.89
C VAL C 147 -6.75 -38.64 -9.22
N GLN C 148 -6.97 -38.34 -10.51
CA GLN C 148 -7.21 -36.98 -10.94
C GLN C 148 -8.37 -36.97 -11.93
N SER C 149 -9.10 -35.86 -11.95
CA SER C 149 -9.95 -35.63 -13.09
C SER C 149 -9.11 -35.02 -14.21
N VAL C 150 -9.73 -34.93 -15.39
CA VAL C 150 -9.12 -34.36 -16.59
C VAL C 150 -10.18 -33.47 -17.26
N PRO C 151 -9.82 -32.28 -17.78
CA PRO C 151 -8.52 -31.62 -17.70
C PRO C 151 -8.38 -30.80 -16.41
N LEU C 152 -7.15 -30.64 -15.95
CA LEU C 152 -6.80 -29.78 -14.83
C LEU C 152 -6.18 -28.50 -15.36
N TYR C 153 -6.14 -27.48 -14.50
CA TYR C 153 -5.36 -26.28 -14.80
C TYR C 153 -3.95 -26.69 -15.22
N GLY C 154 -3.41 -25.98 -16.21
CA GLY C 154 -2.10 -26.34 -16.72
C GLY C 154 -1.03 -26.41 -15.65
N GLY C 155 -1.07 -25.48 -14.68
CA GLY C 155 -0.06 -25.49 -13.63
C GLY C 155 -0.12 -26.71 -12.74
N THR C 156 -1.34 -27.14 -12.37
CA THR C 156 -1.52 -28.38 -11.62
C THR C 156 -1.03 -29.59 -12.38
N GLU C 157 -1.37 -29.67 -13.66
CA GLU C 157 -0.92 -30.78 -14.48
C GLU C 157 0.61 -30.82 -14.56
N THR C 158 1.25 -29.65 -14.58
CA THR C 158 2.71 -29.61 -14.61
C THR C 158 3.30 -30.14 -13.30
N LEU C 159 2.68 -29.77 -12.17
CA LEU C 159 3.10 -30.30 -10.88
C LEU C 159 3.02 -31.83 -10.86
N ILE C 160 1.92 -32.39 -11.35
CA ILE C 160 1.70 -33.84 -11.30
C ILE C 160 2.63 -34.55 -12.27
N ALA C 161 2.61 -34.12 -13.54
CA ALA C 161 3.27 -34.89 -14.59
C ALA C 161 4.77 -34.62 -14.66
N LYS C 162 5.24 -33.44 -14.28
CA LYS C 162 6.69 -33.25 -14.27
C LYS C 162 7.26 -33.47 -12.88
N TYR C 163 6.93 -32.61 -11.94
CA TYR C 163 7.68 -32.58 -10.69
C TYR C 163 7.36 -33.77 -9.81
N PHE C 164 6.08 -34.00 -9.50
CA PHE C 164 5.83 -35.08 -8.54
C PHE C 164 5.98 -36.46 -9.16
N ARG C 165 5.78 -36.60 -10.47
CA ARG C 165 6.11 -37.87 -11.12
C ARG C 165 7.59 -38.20 -10.93
N GLU C 166 8.47 -37.20 -11.07
CA GLU C 166 9.90 -37.45 -10.86
C GLU C 166 10.22 -37.75 -9.39
N TRP C 167 9.37 -37.31 -8.46
CA TRP C 167 9.54 -37.65 -7.06
C TRP C 167 8.89 -38.98 -6.70
N GLY C 168 8.41 -39.73 -7.69
CA GLY C 168 7.89 -41.07 -7.46
C GLY C 168 6.40 -41.17 -7.24
N VAL C 169 5.62 -40.19 -7.69
CA VAL C 169 4.16 -40.22 -7.52
C VAL C 169 3.55 -40.61 -8.86
N GLY C 170 2.66 -41.60 -8.84
CA GLY C 170 1.92 -42.00 -10.03
C GLY C 170 0.53 -41.37 -10.03
N ALA C 171 0.02 -41.06 -11.22
CA ALA C 171 -1.28 -40.44 -11.38
C ALA C 171 -2.15 -41.30 -12.27
N HIS C 172 -3.46 -41.26 -11.99
CA HIS C 172 -4.41 -42.09 -12.72
C HIS C 172 -5.64 -41.24 -13.03
N SER C 173 -6.03 -41.19 -14.29
CA SER C 173 -7.06 -40.29 -14.76
C SER C 173 -8.43 -40.95 -14.79
N ILE C 174 -9.44 -40.18 -14.38
CA ILE C 174 -10.83 -40.58 -14.50
C ILE C 174 -11.24 -40.43 -15.96
N ASP C 175 -11.73 -41.52 -16.56
CA ASP C 175 -12.11 -41.49 -17.97
C ASP C 175 -13.32 -40.58 -18.20
N ASN C 176 -14.33 -40.67 -17.33
CA ASN C 176 -15.56 -39.90 -17.52
C ASN C 176 -16.05 -39.43 -16.15
N GLY C 177 -15.88 -38.14 -15.85
CA GLY C 177 -16.22 -37.61 -14.54
C GLY C 177 -17.69 -37.64 -14.20
N LEU C 178 -18.57 -37.79 -15.19
CA LEU C 178 -19.98 -37.95 -14.91
C LEU C 178 -20.35 -39.40 -14.64
N SER C 179 -19.42 -40.34 -14.73
CA SER C 179 -19.69 -41.76 -14.54
C SER C 179 -19.10 -42.23 -13.22
N PRO C 180 -19.91 -42.53 -12.21
CA PRO C 180 -19.35 -43.05 -10.96
C PRO C 180 -18.55 -44.32 -11.15
N GLN C 181 -18.94 -45.17 -12.11
CA GLN C 181 -18.15 -46.37 -12.39
C GLN C 181 -16.75 -46.02 -12.89
N ALA C 182 -16.62 -44.96 -13.70
CA ALA C 182 -15.28 -44.57 -14.16
C ALA C 182 -14.43 -44.03 -13.00
N ILE C 183 -15.05 -43.36 -12.02
CA ILE C 183 -14.30 -42.91 -10.85
C ILE C 183 -13.79 -44.10 -10.04
N GLY C 184 -14.65 -45.10 -9.83
CA GLY C 184 -14.21 -46.27 -9.08
C GLY C 184 -13.08 -47.00 -9.77
N ALA C 185 -13.14 -47.09 -11.11
CA ALA C 185 -12.10 -47.80 -11.87
C ALA C 185 -10.75 -47.10 -11.75
N ALA C 186 -10.74 -45.77 -11.81
CA ALA C 186 -9.48 -45.04 -11.64
C ALA C 186 -8.91 -45.25 -10.25
N LEU C 187 -9.77 -45.25 -9.22
CA LEU C 187 -9.32 -45.51 -7.87
C LEU C 187 -8.73 -46.92 -7.74
N GLU C 188 -9.38 -47.92 -8.35
CA GLU C 188 -8.86 -49.30 -8.29
C GLU C 188 -7.54 -49.43 -9.03
N ALA C 189 -7.44 -48.82 -10.21
CA ALA C 189 -6.18 -48.85 -10.96
C ALA C 189 -5.06 -48.21 -10.16
N ALA C 190 -5.36 -47.11 -9.47
CA ALA C 190 -4.35 -46.47 -8.63
C ALA C 190 -3.93 -47.40 -7.49
N ALA C 191 -4.90 -48.04 -6.84
CA ALA C 191 -4.60 -48.89 -5.71
C ALA C 191 -3.78 -50.11 -6.11
N GLN C 192 -3.85 -50.52 -7.38
CA GLN C 192 -3.01 -51.60 -7.88
C GLN C 192 -1.54 -51.25 -7.78
N GLN C 193 -1.19 -49.97 -7.86
CA GLN C 193 0.20 -49.55 -7.94
C GLN C 193 0.76 -49.04 -6.61
N GLY C 194 -0.10 -48.72 -5.65
CA GLY C 194 0.34 -48.21 -4.38
C GLY C 194 -0.79 -47.55 -3.63
N PRO C 195 -0.47 -46.97 -2.48
CA PRO C 195 -1.51 -46.29 -1.69
C PRO C 195 -2.09 -45.08 -2.44
N VAL C 196 -3.41 -45.03 -2.54
CA VAL C 196 -4.08 -43.91 -3.18
C VAL C 196 -4.23 -42.80 -2.14
N ARG C 197 -3.34 -41.82 -2.18
CA ARG C 197 -3.31 -40.79 -1.14
C ARG C 197 -4.31 -39.69 -1.41
N LEU C 198 -4.49 -39.29 -2.69
CA LEU C 198 -5.32 -38.15 -3.06
C LEU C 198 -6.24 -38.49 -4.22
N CYS C 199 -7.45 -37.92 -4.19
CA CYS C 199 -8.36 -37.89 -5.33
C CYS C 199 -8.62 -36.41 -5.64
N TYR C 200 -7.95 -35.90 -6.69
CA TYR C 200 -7.90 -34.48 -7.01
C TYR C 200 -8.76 -34.21 -8.25
N VAL C 201 -9.84 -33.44 -8.08
CA VAL C 201 -10.72 -33.13 -9.21
C VAL C 201 -10.84 -31.61 -9.36
N GLU C 202 -11.25 -31.20 -10.55
CA GLU C 202 -11.44 -29.79 -10.87
C GLU C 202 -12.74 -29.66 -11.65
N THR C 203 -13.74 -29.01 -11.05
CA THR C 203 -15.03 -28.91 -11.66
C THR C 203 -15.69 -27.57 -11.30
N PRO C 204 -16.24 -26.85 -12.30
CA PRO C 204 -16.22 -27.23 -13.71
C PRO C 204 -14.83 -27.15 -14.33
N ALA C 205 -14.66 -27.81 -15.46
CA ALA C 205 -13.37 -27.85 -16.13
C ALA C 205 -13.22 -26.67 -17.08
N ASN C 206 -12.03 -26.30 -17.30
CA ASN C 206 -11.66 -25.26 -18.24
C ASN C 206 -11.23 -25.88 -19.57
N PRO C 207 -11.77 -25.46 -20.74
CA PRO C 207 -12.70 -24.36 -20.97
C PRO C 207 -14.15 -24.75 -21.29
N THR C 208 -14.50 -26.03 -21.21
CA THR C 208 -15.81 -26.47 -21.66
C THR C 208 -16.86 -26.44 -20.56
N ASN C 209 -16.47 -26.17 -19.31
CA ASN C 209 -17.38 -26.30 -18.17
C ASN C 209 -17.90 -27.74 -17.99
N ALA C 210 -17.17 -28.74 -18.50
CA ALA C 210 -17.46 -30.12 -18.14
C ALA C 210 -17.48 -30.26 -16.63
N LEU C 211 -18.26 -31.23 -16.13
CA LEU C 211 -18.50 -31.42 -14.71
C LEU C 211 -17.93 -32.76 -14.22
N ILE C 212 -17.52 -32.77 -12.96
CA ILE C 212 -17.23 -33.99 -12.21
C ILE C 212 -18.37 -34.18 -11.20
N ASP C 213 -18.92 -35.38 -11.14
CA ASP C 213 -20.01 -35.74 -10.21
C ASP C 213 -19.43 -35.88 -8.81
N LEU C 214 -19.58 -34.84 -7.98
CA LEU C 214 -18.97 -34.84 -6.65
C LEU C 214 -19.66 -35.84 -5.72
N ASP C 215 -20.98 -35.95 -5.80
CA ASP C 215 -21.69 -36.93 -4.97
C ASP C 215 -21.29 -38.35 -5.35
N GLY C 216 -21.17 -38.63 -6.64
CA GLY C 216 -20.74 -39.95 -7.09
C GLY C 216 -19.32 -40.26 -6.68
N MET C 217 -18.45 -39.25 -6.70
CA MET C 217 -17.11 -39.43 -6.18
C MET C 217 -17.16 -39.81 -4.70
N ARG C 218 -18.04 -39.15 -3.94
CA ARG C 218 -18.16 -39.46 -2.51
C ARG C 218 -18.59 -40.90 -2.31
N ARG C 219 -19.59 -41.36 -3.06
CA ARG C 219 -20.05 -42.72 -2.90
C ARG C 219 -19.00 -43.73 -3.37
N GLU C 220 -18.26 -43.41 -4.44
CA GLU C 220 -17.20 -44.32 -4.86
C GLU C 220 -16.05 -44.34 -3.85
N LEU C 221 -15.79 -43.21 -3.21
CA LEU C 221 -14.80 -43.20 -2.14
C LEU C 221 -15.32 -43.93 -0.91
N ASP C 222 -16.64 -43.89 -0.66
CA ASP C 222 -17.20 -44.71 0.42
C ASP C 222 -16.98 -46.20 0.13
N ALA C 223 -17.28 -46.63 -1.10
CA ALA C 223 -17.13 -48.04 -1.43
C ALA C 223 -15.66 -48.43 -1.45
N PHE C 224 -14.80 -47.55 -1.96
CA PHE C 224 -13.36 -47.82 -1.90
C PHE C 224 -12.90 -48.05 -0.46
N GLU C 225 -13.29 -47.15 0.45
CA GLU C 225 -12.89 -47.29 1.84
C GLU C 225 -13.41 -48.60 2.44
N ALA C 226 -14.61 -49.03 2.04
CA ALA C 226 -15.14 -50.29 2.54
C ALA C 226 -14.30 -51.47 2.08
N ARG C 227 -13.74 -51.41 0.87
CA ARG C 227 -12.98 -52.52 0.30
C ARG C 227 -11.56 -52.57 0.83
N HIS C 228 -10.93 -51.40 0.98
CA HIS C 228 -9.50 -51.29 1.28
C HIS C 228 -9.20 -50.85 2.71
N GLY C 229 -10.16 -50.32 3.44
CA GLY C 229 -9.88 -49.95 4.81
C GLY C 229 -9.15 -48.64 4.98
N TYR C 230 -9.05 -47.83 3.93
CA TYR C 230 -8.49 -46.47 4.01
C TYR C 230 -9.20 -45.64 2.95
N ARG C 231 -9.16 -44.31 3.12
CA ARG C 231 -9.90 -43.41 2.23
C ARG C 231 -8.95 -42.38 1.63
N PRO C 232 -8.83 -42.29 0.31
CA PRO C 232 -8.06 -41.19 -0.28
C PRO C 232 -8.65 -39.86 0.12
N ILE C 233 -7.78 -38.89 0.38
CA ILE C 233 -8.24 -37.53 0.63
C ILE C 233 -8.73 -36.93 -0.67
N SER C 234 -9.93 -36.38 -0.66
CA SER C 234 -10.50 -35.77 -1.85
C SER C 234 -10.32 -34.25 -1.80
N VAL C 235 -9.94 -33.67 -2.94
CA VAL C 235 -9.65 -32.26 -3.11
C VAL C 235 -10.34 -31.78 -4.38
N CYS C 236 -10.96 -30.61 -4.32
CA CYS C 236 -11.58 -29.99 -5.50
C CYS C 236 -11.01 -28.62 -5.72
N ASP C 237 -10.43 -28.38 -6.89
CA ASP C 237 -10.08 -27.02 -7.29
C ASP C 237 -11.39 -26.32 -7.64
N ASN C 238 -11.79 -25.38 -6.77
CA ASN C 238 -13.12 -24.79 -6.79
C ASN C 238 -13.08 -23.34 -7.30
N THR C 239 -12.15 -23.06 -8.21
CA THR C 239 -11.90 -21.68 -8.60
C THR C 239 -13.00 -21.10 -9.50
N LEU C 240 -13.57 -21.90 -10.40
CA LEU C 240 -14.50 -21.32 -11.39
C LEU C 240 -15.81 -20.90 -10.75
N LEU C 241 -16.31 -21.65 -9.77
CA LEU C 241 -17.63 -21.42 -9.20
C LEU C 241 -17.63 -21.00 -7.75
N GLY C 242 -16.58 -21.34 -7.00
CA GLY C 242 -16.58 -21.12 -5.59
C GLY C 242 -16.10 -19.74 -5.22
N PRO C 243 -16.40 -19.35 -3.98
CA PRO C 243 -17.13 -20.20 -3.02
C PRO C 243 -18.64 -20.02 -3.02
N ILE C 244 -19.16 -19.14 -3.89
CA ILE C 244 -20.56 -18.71 -3.84
C ILE C 244 -21.48 -19.73 -4.53
N PHE C 245 -21.06 -20.27 -5.68
CA PHE C 245 -21.94 -21.11 -6.50
C PHE C 245 -21.67 -22.61 -6.36
N GLN C 246 -20.66 -23.01 -5.59
CA GLN C 246 -20.37 -24.43 -5.39
C GLN C 246 -19.57 -24.59 -4.10
N LYS C 247 -19.99 -25.52 -3.25
CA LYS C 247 -19.35 -25.74 -1.95
C LYS C 247 -19.04 -27.23 -1.83
N PRO C 248 -17.88 -27.66 -2.30
CA PRO C 248 -17.55 -29.11 -2.21
C PRO C 248 -17.66 -29.68 -0.81
N SER C 249 -17.45 -28.88 0.24
CA SER C 249 -17.59 -29.42 1.59
C SER C 249 -19.02 -29.86 1.90
N GLU C 250 -20.01 -29.29 1.21
CA GLU C 250 -21.36 -29.78 1.37
C GLU C 250 -21.57 -31.14 0.72
N HIS C 251 -20.60 -31.61 -0.05
CA HIS C 251 -20.71 -32.90 -0.71
C HIS C 251 -19.67 -33.87 -0.20
N GLY C 252 -19.13 -33.63 1.01
CA GLY C 252 -18.17 -34.56 1.57
C GLY C 252 -16.78 -34.49 0.97
N VAL C 253 -16.49 -33.46 0.15
CA VAL C 253 -15.13 -33.27 -0.33
C VAL C 253 -14.29 -32.76 0.83
N ASP C 254 -13.09 -33.32 1.00
CA ASP C 254 -12.32 -33.03 2.20
C ASP C 254 -11.76 -31.63 2.18
N MET C 255 -11.25 -31.20 1.03
CA MET C 255 -10.62 -29.90 0.90
C MET C 255 -11.01 -29.29 -0.43
N SER C 256 -11.12 -27.96 -0.44
CA SER C 256 -11.24 -27.16 -1.65
C SER C 256 -9.99 -26.29 -1.78
N VAL C 257 -9.56 -26.07 -3.01
CA VAL C 257 -8.44 -25.18 -3.22
C VAL C 257 -8.91 -24.10 -4.19
N TYR C 258 -8.38 -22.89 -4.00
CA TYR C 258 -8.82 -21.73 -4.77
C TYR C 258 -7.64 -20.91 -5.22
N SER C 259 -7.73 -20.38 -6.44
CA SER C 259 -6.90 -19.25 -6.86
C SER C 259 -7.67 -17.98 -6.50
N LEU C 260 -7.34 -17.39 -5.35
CA LEU C 260 -8.01 -16.18 -4.93
C LEU C 260 -7.74 -15.03 -5.87
N THR C 261 -6.69 -15.17 -6.67
CA THR C 261 -6.34 -14.26 -7.75
C THR C 261 -7.52 -14.02 -8.70
N TYR C 263 -11.78 -14.87 -8.94
CA TYR C 263 -13.02 -14.24 -8.46
C TYR C 263 -13.02 -13.61 -7.06
N VAL C 264 -12.39 -14.24 -6.07
CA VAL C 264 -12.53 -13.75 -4.71
C VAL C 264 -11.86 -12.40 -4.55
N GLY C 265 -10.61 -12.28 -5.06
CA GLY C 265 -9.98 -10.99 -5.22
C GLY C 265 -10.75 -10.16 -6.23
N GLY C 266 -10.90 -10.68 -7.44
CA GLY C 266 -11.85 -10.17 -8.40
C GLY C 266 -11.47 -8.91 -9.12
N HIS C 267 -10.33 -8.27 -8.79
CA HIS C 267 -9.99 -7.00 -9.40
C HIS C 267 -8.68 -7.06 -10.21
N SER C 268 -8.24 -8.27 -10.57
CA SER C 268 -7.00 -8.50 -11.32
C SER C 268 -5.84 -7.68 -10.75
N ASP C 269 -5.72 -7.66 -9.41
N ASP C 269 -5.68 -7.73 -9.43
CA ASP C 269 -4.69 -6.81 -8.83
CA ASP C 269 -4.46 -7.17 -8.84
C ASP C 269 -4.02 -7.41 -7.59
C ASP C 269 -3.76 -8.20 -7.95
N LEU C 270 -4.27 -8.68 -7.28
N LEU C 270 -4.33 -8.51 -6.79
CA LEU C 270 -3.58 -9.36 -6.20
CA LEU C 270 -3.64 -9.40 -5.88
C LEU C 270 -3.45 -10.82 -6.61
C LEU C 270 -3.53 -10.81 -6.47
N VAL C 271 -2.51 -11.52 -6.00
CA VAL C 271 -2.31 -12.93 -6.28
C VAL C 271 -2.39 -13.66 -4.95
N GLY C 272 -3.14 -14.75 -4.90
CA GLY C 272 -3.25 -15.48 -3.65
C GLY C 272 -3.92 -16.83 -3.80
N GLY C 273 -3.62 -17.75 -2.88
CA GLY C 273 -4.28 -19.05 -2.87
C GLY C 273 -5.00 -19.34 -1.58
N GLY C 274 -5.98 -20.25 -1.63
CA GLY C 274 -6.67 -20.66 -0.43
C GLY C 274 -6.96 -22.15 -0.42
N VAL C 275 -6.87 -22.76 0.76
CA VAL C 275 -7.26 -24.15 0.97
C VAL C 275 -8.27 -24.18 2.10
N THR C 276 -9.44 -24.77 1.86
CA THR C 276 -10.46 -24.88 2.89
C THR C 276 -10.77 -26.37 3.10
N GLY C 277 -11.27 -26.69 4.29
CA GLY C 277 -11.72 -28.06 4.51
C GLY C 277 -11.64 -28.46 5.98
N ARG C 278 -11.48 -29.77 6.18
CA ARG C 278 -11.45 -30.32 7.52
C ARG C 278 -10.24 -29.79 8.28
N ARG C 279 -10.43 -29.51 9.57
CA ARG C 279 -9.40 -28.77 10.30
C ARG C 279 -8.09 -29.56 10.37
N ASP C 280 -8.14 -30.88 10.57
CA ASP C 280 -6.92 -31.65 10.72
C ASP C 280 -6.12 -31.71 9.42
N LEU C 281 -6.80 -31.77 8.28
CA LEU C 281 -6.12 -31.78 6.99
C LEU C 281 -5.55 -30.39 6.69
N VAL C 282 -6.35 -29.35 6.95
CA VAL C 282 -5.90 -27.98 6.78
C VAL C 282 -4.69 -27.71 7.66
N ALA C 283 -4.67 -28.31 8.86
CA ALA C 283 -3.51 -28.12 9.73
C ALA C 283 -2.25 -28.70 9.10
N LYS C 284 -2.34 -29.86 8.46
CA LYS C 284 -1.15 -30.40 7.79
C LYS C 284 -0.73 -29.51 6.63
N VAL C 285 -1.71 -28.97 5.90
CA VAL C 285 -1.38 -28.04 4.83
C VAL C 285 -0.73 -26.79 5.40
N ARG C 286 -1.23 -26.31 6.54
CA ARG C 286 -0.66 -25.12 7.16
C ARG C 286 0.78 -25.37 7.58
N ALA C 287 1.06 -26.54 8.16
CA ALA C 287 2.43 -26.86 8.57
C ALA C 287 3.38 -26.79 7.39
N VAL C 288 2.95 -27.32 6.23
CA VAL C 288 3.77 -27.24 5.02
C VAL C 288 3.92 -25.78 4.57
N ARG C 289 2.84 -24.99 4.61
CA ARG C 289 2.93 -23.59 4.23
C ARG C 289 4.02 -22.87 5.01
N SER C 290 4.13 -23.15 6.31
CA SER C 290 5.16 -22.49 7.09
C SER C 290 6.55 -23.01 6.72
N ALA C 291 6.69 -24.32 6.54
CA ALA C 291 8.01 -24.91 6.28
C ALA C 291 8.55 -24.47 4.93
N PHE C 292 7.67 -24.28 3.94
CA PHE C 292 8.09 -23.89 2.61
C PHE C 292 7.93 -22.40 2.37
N GLY C 293 7.50 -21.65 3.38
CA GLY C 293 7.44 -20.19 3.33
C GLY C 293 6.53 -19.59 2.29
N SER C 294 5.33 -20.14 2.12
CA SER C 294 4.42 -19.68 1.07
C SER C 294 3.22 -18.91 1.63
N GLN C 295 3.38 -18.27 2.81
CA GLN C 295 2.31 -17.45 3.37
C GLN C 295 1.98 -16.29 2.43
N LEU C 296 0.70 -15.89 2.41
CA LEU C 296 0.30 -14.67 1.74
C LEU C 296 0.84 -13.45 2.49
N ASP C 297 1.18 -12.41 1.76
CA ASP C 297 1.72 -11.24 2.44
C ASP C 297 0.59 -10.42 3.05
N PRO C 298 0.87 -9.62 4.09
CA PRO C 298 -0.21 -8.83 4.72
C PRO C 298 -0.90 -7.83 3.80
N HIS C 299 -0.16 -7.11 2.95
CA HIS C 299 -0.82 -6.12 2.10
C HIS C 299 -1.87 -6.76 1.19
N SER C 300 -1.54 -7.89 0.58
CA SER C 300 -2.50 -8.63 -0.22
C SER C 300 -3.64 -9.16 0.64
N SER C 301 -3.36 -9.50 1.89
CA SER C 301 -4.44 -9.90 2.80
C SER C 301 -5.41 -8.75 3.04
N TRP C 302 -4.90 -7.54 3.20
CA TRP C 302 -5.78 -6.38 3.34
C TRP C 302 -6.61 -6.16 2.08
N MET C 303 -6.00 -6.33 0.90
CA MET C 303 -6.74 -6.23 -0.35
C MET C 303 -7.80 -7.33 -0.45
N LEU C 304 -7.46 -8.55 -0.01
CA LEU C 304 -8.43 -9.64 -0.03
C LEU C 304 -9.63 -9.35 0.86
N ILE C 305 -9.38 -8.89 2.09
CA ILE C 305 -10.45 -8.51 3.00
C ILE C 305 -11.36 -7.48 2.36
N ARG C 306 -10.78 -6.46 1.73
CA ARG C 306 -11.57 -5.46 1.03
C ARG C 306 -12.40 -6.10 -0.08
N SER C 307 -11.75 -6.97 -0.89
CA SER C 307 -12.43 -7.62 -1.99
C SER C 307 -13.61 -8.44 -1.51
N MET C 308 -13.42 -9.19 -0.40
CA MET C 308 -14.47 -10.10 0.05
C MET C 308 -15.69 -9.35 0.54
N GLU C 309 -15.58 -8.06 0.85
CA GLU C 309 -16.77 -7.28 1.17
C GLU C 309 -17.71 -7.16 -0.02
N THR C 310 -17.24 -7.39 -1.25
CA THR C 310 -18.13 -7.36 -2.41
C THR C 310 -18.15 -8.66 -3.18
N VAL C 311 -17.60 -9.75 -2.64
CA VAL C 311 -17.46 -10.97 -3.45
C VAL C 311 -18.81 -11.55 -3.81
N VAL C 312 -19.77 -11.55 -2.88
CA VAL C 312 -21.12 -12.03 -3.21
C VAL C 312 -21.72 -11.20 -4.34
N LEU C 313 -21.70 -9.89 -4.17
CA LEU C 313 -22.28 -9.01 -5.19
C LEU C 313 -21.59 -9.17 -6.55
N ARG C 314 -20.26 -9.21 -6.57
CA ARG C 314 -19.54 -9.23 -7.84
C ARG C 314 -19.79 -10.53 -8.59
N MET C 315 -19.70 -11.67 -7.87
CA MET C 315 -19.84 -12.95 -8.51
C MET C 315 -21.26 -13.15 -9.04
N LYS C 316 -22.28 -12.71 -8.29
CA LYS C 316 -23.65 -12.87 -8.78
C LYS C 316 -23.90 -11.98 -10.00
N GLN C 317 -23.35 -10.77 -9.99
CA GLN C 317 -23.51 -9.87 -11.13
C GLN C 317 -22.82 -10.44 -12.37
N ALA C 318 -21.59 -10.89 -12.21
CA ALA C 318 -20.89 -11.46 -13.35
C ALA C 318 -21.64 -12.69 -13.89
N ALA C 319 -22.16 -13.55 -13.01
CA ALA C 319 -22.90 -14.72 -13.47
C ALA C 319 -24.19 -14.31 -14.17
N ARG C 320 -24.87 -13.26 -13.66
CA ARG C 320 -26.07 -12.75 -14.30
C ARG C 320 -25.78 -12.33 -15.74
N THR C 321 -24.77 -11.49 -15.93
CA THR C 321 -24.39 -11.03 -17.27
C THR C 321 -23.96 -12.19 -18.16
N ALA C 322 -23.15 -13.11 -17.62
CA ALA C 322 -22.68 -14.24 -18.43
C ALA C 322 -23.84 -15.11 -18.91
N SER C 323 -24.82 -15.32 -18.03
CA SER C 323 -26.00 -16.08 -18.44
C SER C 323 -26.69 -15.41 -19.62
N ALA C 324 -26.87 -14.08 -19.55
CA ALA C 324 -27.51 -13.38 -20.66
C ALA C 324 -26.62 -13.36 -21.91
N VAL C 325 -25.30 -13.19 -21.73
CA VAL C 325 -24.43 -13.18 -22.89
C VAL C 325 -24.41 -14.56 -23.55
N ALA C 326 -24.39 -15.63 -22.74
CA ALA C 326 -24.40 -16.97 -23.29
C ALA C 326 -25.70 -17.25 -24.06
N LYS C 327 -26.84 -16.91 -23.46
CA LYS C 327 -28.10 -17.10 -24.15
C LYS C 327 -28.15 -16.34 -25.46
N TRP C 328 -27.57 -15.13 -25.50
CA TRP C 328 -27.57 -14.37 -26.75
C TRP C 328 -26.71 -15.03 -27.80
N LEU C 329 -25.52 -15.50 -27.43
CA LEU C 329 -24.69 -16.21 -28.37
C LEU C 329 -25.42 -17.42 -28.95
N ALA C 330 -26.18 -18.12 -28.11
CA ALA C 330 -26.81 -19.37 -28.55
C ALA C 330 -27.85 -19.17 -29.64
N THR C 331 -28.40 -17.96 -29.79
CA THR C 331 -29.39 -17.70 -30.84
C THR C 331 -29.05 -16.48 -31.68
N ASN C 332 -27.80 -16.04 -31.67
CA ASN C 332 -27.43 -14.82 -32.37
C ASN C 332 -27.73 -14.98 -33.86
N PRO C 333 -28.05 -13.88 -34.56
CA PRO C 333 -28.47 -13.99 -35.96
C PRO C 333 -27.31 -14.10 -36.95
N HIS C 334 -26.06 -14.15 -36.50
CA HIS C 334 -24.95 -14.11 -37.43
C HIS C 334 -24.45 -15.50 -37.79
N GLN C 335 -24.18 -16.35 -36.79
CA GLN C 335 -23.75 -17.71 -37.09
C GLN C 335 -24.01 -18.61 -35.88
N LYS C 336 -24.58 -19.77 -36.14
CA LYS C 336 -24.79 -20.77 -35.10
C LYS C 336 -23.46 -21.17 -34.51
N VAL C 337 -23.35 -21.11 -33.19
CA VAL C 337 -22.15 -21.53 -32.49
C VAL C 337 -22.56 -22.44 -31.34
N ASP C 338 -21.70 -23.40 -31.00
CA ASP C 338 -21.87 -24.14 -29.76
C ASP C 338 -21.42 -23.27 -28.60
N VAL C 339 -22.21 -23.23 -27.54
CA VAL C 339 -21.93 -22.39 -26.37
C VAL C 339 -21.79 -23.32 -25.16
N TYR C 340 -20.59 -23.37 -24.58
CA TYR C 340 -20.28 -24.27 -23.46
C TYR C 340 -20.45 -23.54 -22.14
N HIS C 341 -21.69 -23.20 -21.87
CA HIS C 341 -22.13 -22.60 -20.64
C HIS C 341 -23.01 -23.58 -19.90
N PRO C 342 -22.83 -23.74 -18.59
CA PRO C 342 -23.57 -24.80 -17.87
C PRO C 342 -25.07 -24.77 -18.09
N GLU C 343 -25.69 -23.59 -18.25
CA GLU C 343 -27.14 -23.57 -18.42
C GLU C 343 -27.60 -23.97 -19.82
N LEU C 344 -26.69 -24.08 -20.78
CA LEU C 344 -27.05 -24.39 -22.15
C LEU C 344 -26.60 -25.79 -22.58
N ILE C 345 -26.00 -26.56 -21.68
CA ILE C 345 -25.56 -27.91 -21.96
C ILE C 345 -26.69 -28.86 -21.57
N VAL C 346 -27.29 -29.52 -22.57
CA VAL C 346 -28.57 -30.22 -22.40
C VAL C 346 -28.46 -31.64 -21.89
N ASP C 347 -27.29 -32.26 -21.98
CA ASP C 347 -27.11 -33.66 -21.55
C ASP C 347 -27.75 -33.91 -20.18
N ASP C 348 -28.50 -35.01 -20.08
CA ASP C 348 -29.27 -35.31 -18.87
C ASP C 348 -28.38 -35.53 -17.65
N ALA C 349 -27.32 -36.33 -17.80
CA ALA C 349 -26.46 -36.60 -16.66
C ALA C 349 -25.76 -35.33 -16.19
N TYR C 350 -25.33 -34.49 -17.13
CA TYR C 350 -24.70 -33.22 -16.79
C TYR C 350 -25.63 -32.37 -15.93
N GLN C 351 -26.87 -32.20 -16.38
CA GLN C 351 -27.80 -31.31 -15.70
C GLN C 351 -28.19 -31.85 -14.33
N ALA C 352 -28.29 -33.18 -14.17
CA ALA C 352 -28.58 -33.72 -12.84
C ALA C 352 -27.44 -33.41 -11.88
N VAL C 353 -26.19 -33.53 -12.35
CA VAL C 353 -25.04 -33.17 -11.52
C VAL C 353 -25.04 -31.66 -11.25
N TYR C 354 -25.27 -30.84 -12.28
CA TYR C 354 -25.23 -29.40 -12.10
C TYR C 354 -26.28 -28.94 -11.08
N LYS C 355 -27.51 -29.43 -11.22
CA LYS C 355 -28.60 -29.02 -10.35
C LYS C 355 -28.33 -29.34 -8.88
N ARG C 356 -27.63 -30.45 -8.60
CA ARG C 356 -27.46 -30.85 -7.21
C ARG C 356 -26.23 -30.24 -6.54
N GLN C 357 -25.16 -29.92 -7.28
CA GLN C 357 -23.95 -29.43 -6.63
C GLN C 357 -23.62 -27.97 -6.93
N CYS C 358 -24.33 -27.30 -7.84
CA CYS C 358 -24.06 -25.90 -8.18
C CYS C 358 -25.29 -25.04 -7.93
N THR C 359 -25.09 -23.80 -7.50
CA THR C 359 -26.20 -22.86 -7.36
C THR C 359 -26.10 -21.71 -8.34
N GLY C 360 -25.19 -21.79 -9.30
CA GLY C 360 -25.04 -20.80 -10.34
C GLY C 360 -23.97 -21.31 -11.29
N ALA C 361 -23.86 -20.65 -12.43
CA ALA C 361 -23.03 -21.14 -13.51
C ALA C 361 -21.69 -20.42 -13.64
N GLY C 362 -21.38 -19.50 -12.73
CA GLY C 362 -20.16 -18.73 -12.88
C GLY C 362 -20.27 -17.75 -14.04
N SER C 363 -19.12 -17.19 -14.43
CA SER C 363 -19.12 -16.23 -15.52
C SER C 363 -18.06 -16.54 -16.58
N THR C 364 -17.36 -17.66 -16.48
CA THR C 364 -16.41 -18.07 -17.51
C THR C 364 -17.05 -19.16 -18.36
N PHE C 365 -17.03 -18.98 -19.68
CA PHE C 365 -17.57 -20.00 -20.58
C PHE C 365 -16.95 -19.80 -21.94
N ALA C 366 -17.17 -20.78 -22.82
CA ALA C 366 -16.56 -20.79 -24.14
C ALA C 366 -17.64 -20.97 -25.19
N PHE C 367 -17.33 -20.51 -26.40
CA PHE C 367 -18.16 -20.77 -27.56
C PHE C 367 -17.24 -21.10 -28.72
N VAL C 368 -17.79 -21.76 -29.72
CA VAL C 368 -16.98 -22.29 -30.82
C VAL C 368 -17.50 -21.70 -32.12
N LEU C 369 -16.68 -20.88 -32.77
CA LEU C 369 -16.97 -20.38 -34.09
C LEU C 369 -16.73 -21.46 -35.14
N ASN C 370 -17.39 -21.30 -36.28
CA ASN C 370 -17.12 -22.14 -37.43
C ASN C 370 -15.82 -21.69 -38.06
N GLY C 371 -15.04 -22.64 -38.56
CA GLY C 371 -13.71 -22.32 -39.02
C GLY C 371 -12.66 -22.62 -37.97
N GLY C 372 -11.57 -21.86 -38.03
CA GLY C 372 -10.42 -22.12 -37.20
C GLY C 372 -9.78 -20.88 -36.61
N ARG C 373 -8.45 -20.92 -36.51
CA ARG C 373 -7.72 -19.84 -35.84
C ARG C 373 -7.96 -18.51 -36.53
N ALA C 374 -7.99 -18.50 -37.87
CA ALA C 374 -8.12 -17.24 -38.60
C ALA C 374 -9.43 -16.53 -38.27
N GLU C 375 -10.53 -17.28 -38.18
CA GLU C 375 -11.81 -16.66 -37.84
C GLU C 375 -11.82 -16.21 -36.38
N ALA C 376 -11.30 -17.06 -35.48
CA ALA C 376 -11.23 -16.68 -34.08
C ALA C 376 -10.40 -15.42 -33.88
N PHE C 377 -9.28 -15.30 -34.60
CA PHE C 377 -8.45 -14.12 -34.43
C PHE C 377 -9.15 -12.87 -34.94
N ARG C 378 -9.82 -12.94 -36.10
CA ARG C 378 -10.55 -11.78 -36.58
C ARG C 378 -11.67 -11.40 -35.60
N PHE C 379 -12.33 -12.39 -35.01
CA PHE C 379 -13.38 -12.09 -34.05
C PHE C 379 -12.83 -11.35 -32.84
N ILE C 380 -11.81 -11.93 -32.19
CA ILE C 380 -11.24 -11.34 -30.98
C ILE C 380 -10.68 -9.94 -31.25
N ASN C 381 -9.97 -9.75 -32.36
CA ASN C 381 -9.35 -8.45 -32.63
C ASN C 381 -10.38 -7.36 -32.89
N ALA C 382 -11.60 -7.73 -33.24
CA ALA C 382 -12.65 -6.76 -33.52
C ALA C 382 -13.33 -6.27 -32.26
N LEU C 383 -13.08 -6.89 -31.11
CA LEU C 383 -13.74 -6.50 -29.88
C LEU C 383 -13.10 -5.26 -29.26
N HIS C 384 -13.91 -4.48 -28.55
CA HIS C 384 -13.46 -3.28 -27.86
C HIS C 384 -13.49 -3.38 -26.35
N LEU C 385 -14.39 -4.20 -25.79
CA LEU C 385 -14.60 -4.27 -24.35
C LEU C 385 -13.93 -5.47 -23.68
N PHE C 386 -13.68 -6.55 -24.41
CA PHE C 386 -12.94 -7.70 -23.89
C PHE C 386 -11.44 -7.48 -24.06
N LYS C 387 -10.67 -7.63 -22.99
CA LYS C 387 -9.22 -7.58 -23.10
C LYS C 387 -8.63 -8.98 -23.34
N SER C 388 -7.64 -9.04 -24.24
CA SER C 388 -6.99 -10.29 -24.61
C SER C 388 -6.00 -10.63 -23.51
N ALA C 389 -6.37 -11.56 -22.63
CA ALA C 389 -5.50 -12.02 -21.56
C ALA C 389 -5.95 -13.41 -21.13
N VAL C 390 -5.08 -14.12 -20.41
CA VAL C 390 -5.36 -15.50 -20.02
C VAL C 390 -6.00 -15.65 -18.65
N SER C 391 -6.12 -14.57 -17.87
CA SER C 391 -6.71 -14.64 -16.54
C SER C 391 -8.24 -14.75 -16.61
N LEU C 392 -8.88 -14.87 -15.45
CA LEU C 392 -10.33 -14.91 -15.46
C LEU C 392 -10.85 -14.34 -14.14
N GLY C 393 -12.14 -14.02 -14.13
CA GLY C 393 -12.75 -13.58 -12.88
C GLY C 393 -12.29 -12.22 -12.40
N GLY C 394 -12.13 -11.27 -13.32
CA GLY C 394 -11.84 -9.90 -12.97
C GLY C 394 -13.08 -9.01 -13.10
N THR C 395 -12.91 -7.76 -12.68
CA THR C 395 -13.97 -6.77 -12.89
C THR C 395 -14.12 -6.45 -14.37
N GLU C 396 -13.03 -6.48 -15.13
CA GLU C 396 -13.08 -6.34 -16.58
C GLU C 396 -13.33 -7.69 -17.23
N SER C 397 -14.09 -7.67 -18.33
CA SER C 397 -14.26 -8.90 -19.12
C SER C 397 -13.01 -9.25 -19.89
N LEU C 398 -12.68 -10.55 -19.94
CA LEU C 398 -11.46 -11.03 -20.59
C LEU C 398 -11.83 -12.09 -21.62
N ILE C 399 -10.95 -12.26 -22.60
CA ILE C 399 -11.20 -13.22 -23.67
C ILE C 399 -9.88 -13.83 -24.10
N CYS C 400 -9.90 -15.11 -24.46
CA CYS C 400 -8.68 -15.68 -25.00
C CYS C 400 -8.99 -16.88 -25.90
N HIS C 401 -7.98 -17.24 -26.68
CA HIS C 401 -8.06 -18.35 -27.62
C HIS C 401 -7.13 -19.44 -27.08
N PRO C 402 -7.67 -20.44 -26.37
CA PRO C 402 -6.78 -21.37 -25.65
C PRO C 402 -5.84 -22.14 -26.53
N ALA C 403 -6.27 -22.52 -27.75
CA ALA C 403 -5.43 -23.37 -28.59
C ALA C 403 -4.11 -22.68 -28.92
N SER C 404 -4.08 -21.36 -29.01
CA SER C 404 -2.86 -20.63 -29.34
C SER C 404 -2.22 -20.00 -28.11
N THR C 405 -2.83 -20.17 -26.94
CA THR C 405 -2.26 -19.59 -25.72
C THR C 405 -2.14 -20.63 -24.61
N THR C 406 -3.15 -20.74 -23.76
CA THR C 406 -3.08 -21.57 -22.56
C THR C 406 -2.80 -23.03 -22.88
N HIS C 407 -3.31 -23.53 -24.00
CA HIS C 407 -3.18 -24.94 -24.36
C HIS C 407 -2.32 -25.12 -25.61
N SER C 408 -1.47 -24.15 -25.93
CA SER C 408 -0.65 -24.28 -27.13
C SER C 408 0.57 -25.17 -26.92
N GLY C 409 1.00 -25.35 -25.67
CA GLY C 409 2.13 -26.19 -25.33
C GLY C 409 1.84 -27.66 -25.17
N VAL C 410 0.57 -28.04 -25.05
CA VAL C 410 0.16 -29.44 -24.91
C VAL C 410 0.06 -30.13 -26.27
N PRO C 411 0.36 -31.42 -26.34
CA PRO C 411 0.11 -32.17 -27.57
C PRO C 411 -1.36 -32.10 -27.98
N GLU C 412 -1.60 -32.35 -29.26
CA GLU C 412 -2.97 -32.29 -29.78
C GLU C 412 -3.90 -33.21 -28.99
N ALA C 413 -3.39 -34.34 -28.51
CA ALA C 413 -4.20 -35.27 -27.73
C ALA C 413 -4.77 -34.62 -26.47
N ALA C 414 -3.93 -33.83 -25.78
CA ALA C 414 -4.40 -33.14 -24.57
C ALA C 414 -5.38 -32.03 -24.91
N ARG C 415 -5.22 -31.37 -26.07
CA ARG C 415 -6.24 -30.42 -26.54
C ARG C 415 -7.57 -31.13 -26.77
N LYS C 416 -7.54 -32.30 -27.42
CA LYS C 416 -8.80 -33.00 -27.64
C LYS C 416 -9.47 -33.36 -26.32
N ALA C 417 -8.68 -33.85 -25.33
CA ALA C 417 -9.24 -34.27 -24.05
C ALA C 417 -9.81 -33.09 -23.26
N ALA C 418 -9.32 -31.89 -23.50
CA ALA C 418 -9.90 -30.72 -22.85
C ALA C 418 -10.98 -30.05 -23.66
N GLY C 419 -11.30 -30.56 -24.87
CA GLY C 419 -12.32 -29.92 -25.69
C GLY C 419 -11.85 -28.68 -26.43
N VAL C 420 -10.54 -28.46 -26.50
CA VAL C 420 -9.94 -27.28 -27.14
C VAL C 420 -9.73 -27.54 -28.64
N SER C 421 -10.51 -26.86 -29.47
CA SER C 421 -10.36 -26.88 -30.91
C SER C 421 -9.93 -25.48 -31.38
N GLU C 422 -9.53 -25.37 -32.65
CA GLU C 422 -9.03 -24.09 -33.14
C GLU C 422 -10.10 -23.01 -33.23
N GLY C 423 -11.38 -23.38 -33.30
CA GLY C 423 -12.42 -22.38 -33.29
C GLY C 423 -12.94 -21.93 -31.93
N LEU C 424 -12.46 -22.51 -30.82
CA LEU C 424 -13.02 -22.24 -29.50
C LEU C 424 -12.46 -20.95 -28.93
N ILE C 425 -13.36 -20.12 -28.39
CA ILE C 425 -13.03 -18.85 -27.76
C ILE C 425 -13.59 -18.89 -26.34
N ARG C 426 -12.77 -18.55 -25.35
CA ARG C 426 -13.21 -18.50 -23.96
C ARG C 426 -13.33 -17.05 -23.50
N VAL C 427 -14.46 -16.71 -22.90
CA VAL C 427 -14.69 -15.40 -22.30
C VAL C 427 -14.89 -15.57 -20.80
N SER C 428 -14.41 -14.58 -20.03
CA SER C 428 -14.66 -14.50 -18.59
C SER C 428 -15.35 -13.16 -18.35
N ILE C 429 -16.63 -13.20 -18.03
CA ILE C 429 -17.45 -11.99 -17.98
C ILE C 429 -17.19 -11.23 -16.67
N GLY C 430 -17.02 -9.92 -16.78
CA GLY C 430 -16.82 -9.05 -15.64
C GLY C 430 -18.10 -8.35 -15.24
N LEU C 431 -17.97 -7.09 -14.81
CA LEU C 431 -19.07 -6.31 -14.23
C LEU C 431 -19.69 -5.35 -15.22
N GLU C 432 -19.23 -5.36 -16.47
CA GLU C 432 -19.81 -4.48 -17.48
C GLU C 432 -21.27 -4.84 -17.70
N HIS C 433 -22.00 -3.91 -18.27
CA HIS C 433 -23.41 -4.10 -18.55
C HIS C 433 -23.60 -5.07 -19.71
N GLU C 434 -24.56 -5.99 -19.55
CA GLU C 434 -24.77 -7.04 -20.55
C GLU C 434 -25.11 -6.45 -21.91
N GLU C 435 -25.84 -5.33 -21.95
CA GLU C 435 -26.17 -4.74 -23.24
C GLU C 435 -24.92 -4.27 -23.98
N ASP C 436 -23.89 -3.81 -23.25
CA ASP C 436 -22.67 -3.37 -23.90
C ASP C 436 -21.83 -4.55 -24.36
N LEU C 437 -21.74 -5.61 -23.56
CA LEU C 437 -20.97 -6.78 -24.00
C LEU C 437 -21.61 -7.40 -25.24
N ILE C 438 -22.94 -7.52 -25.25
CA ILE C 438 -23.62 -8.08 -26.41
C ILE C 438 -23.40 -7.22 -27.64
N ALA C 439 -23.48 -5.90 -27.50
CA ALA C 439 -23.22 -5.02 -28.65
C ALA C 439 -21.80 -5.18 -29.16
N ASP C 440 -20.83 -5.35 -28.24
CA ASP C 440 -19.45 -5.56 -28.67
C ASP C 440 -19.32 -6.87 -29.44
N LEU C 441 -19.93 -7.94 -28.94
CA LEU C 441 -19.90 -9.23 -29.64
C LEU C 441 -20.66 -9.18 -30.96
N ASP C 442 -21.81 -8.52 -30.98
CA ASP C 442 -22.53 -8.33 -32.24
C ASP C 442 -21.67 -7.62 -33.26
N HIS C 443 -20.96 -6.58 -32.83
CA HIS C 443 -20.08 -5.86 -33.74
C HIS C 443 -18.95 -6.76 -34.24
N ALA C 444 -18.45 -7.65 -33.37
CA ALA C 444 -17.37 -8.54 -33.77
C ALA C 444 -17.79 -9.47 -34.90
N PHE C 445 -19.00 -10.05 -34.78
CA PHE C 445 -19.51 -10.92 -35.83
C PHE C 445 -19.58 -10.19 -37.17
N ARG C 446 -20.08 -8.95 -37.16
CA ARG C 446 -20.20 -8.20 -38.41
C ARG C 446 -18.84 -7.87 -39.00
N ARG C 447 -17.92 -7.36 -38.16
CA ARG C 447 -16.62 -6.94 -38.66
C ARG C 447 -15.65 -8.09 -38.96
N SER C 448 -15.99 -9.35 -38.62
CA SER C 448 -15.16 -10.48 -38.99
C SER C 448 -15.82 -11.43 -40.00
N GLY C 449 -17.12 -11.27 -40.25
CA GLY C 449 -17.85 -12.18 -41.12
C GLY C 449 -17.38 -12.11 -42.56
N SER D 26 21.75 1.27 -21.64
CA SER D 26 21.66 2.71 -21.37
C SER D 26 21.14 3.00 -19.95
N TYR D 27 20.20 2.17 -19.47
CA TYR D 27 19.83 2.19 -18.07
C TYR D 27 20.46 1.07 -17.26
N HIS D 28 21.33 0.26 -17.87
CA HIS D 28 22.14 -0.73 -17.17
C HIS D 28 23.61 -0.35 -17.28
N LYS D 29 23.91 0.91 -16.98
CA LYS D 29 25.28 1.41 -17.01
C LYS D 29 25.99 1.06 -15.70
N LYS D 30 27.13 0.39 -15.80
CA LYS D 30 27.82 -0.09 -14.61
C LYS D 30 29.00 0.80 -14.20
N ASP D 31 29.34 1.82 -14.98
CA ASP D 31 30.54 2.59 -14.70
C ASP D 31 30.33 4.05 -15.11
N ILE D 32 31.30 4.87 -14.74
CA ILE D 32 31.35 6.30 -15.07
C ILE D 32 32.81 6.64 -15.39
N GLU D 33 33.05 7.17 -16.59
CA GLU D 33 34.40 7.53 -17.04
C GLU D 33 35.38 6.36 -16.94
N GLY D 34 34.90 5.13 -17.08
CA GLY D 34 35.73 3.95 -17.07
C GLY D 34 35.72 3.17 -15.78
N ARG D 35 35.61 3.86 -14.63
CA ARG D 35 35.60 3.42 -13.24
C ARG D 35 34.18 3.01 -12.85
N PRO D 36 34.03 1.88 -12.16
CA PRO D 36 32.68 1.41 -11.80
C PRO D 36 32.02 2.27 -10.72
N LEU D 37 30.71 2.42 -10.84
CA LEU D 37 29.93 3.15 -9.86
C LEU D 37 29.85 2.37 -8.55
N HIS D 38 29.80 3.09 -7.44
CA HIS D 38 29.66 2.43 -6.14
C HIS D 38 28.24 1.86 -5.98
N PRO D 39 28.07 0.79 -5.20
CA PRO D 39 26.73 0.18 -5.08
C PRO D 39 25.67 1.14 -4.59
N GLU D 40 25.98 2.01 -3.62
CA GLU D 40 24.96 2.94 -3.12
C GLU D 40 24.51 3.91 -4.21
N THR D 41 25.38 4.23 -5.18
CA THR D 41 24.97 5.06 -6.30
C THR D 41 24.01 4.32 -7.22
N GLN D 42 24.33 3.06 -7.54
CA GLN D 42 23.53 2.28 -8.45
C GLN D 42 22.15 1.98 -7.88
N MET D 43 21.98 1.99 -6.56
CA MET D 43 20.67 1.62 -6.04
C MET D 43 19.62 2.70 -6.27
N MET D 44 19.99 3.84 -6.83
CA MET D 44 19.02 4.88 -7.13
C MET D 44 18.65 4.95 -8.59
N SER D 45 19.30 4.19 -9.45
CA SER D 45 18.96 4.28 -10.86
C SER D 45 19.05 2.97 -11.63
N TYR D 46 19.95 2.04 -11.28
CA TYR D 46 20.27 0.90 -12.13
C TYR D 46 19.02 0.14 -12.54
N GLY D 47 18.92 -0.13 -13.84
CA GLY D 47 17.81 -0.91 -14.37
C GLY D 47 16.49 -0.19 -14.52
N PHE D 48 16.47 1.14 -14.39
CA PHE D 48 15.24 1.90 -14.51
C PHE D 48 15.51 3.16 -15.31
N ASP D 49 14.73 3.36 -16.37
CA ASP D 49 14.81 4.56 -17.21
C ASP D 49 13.59 5.43 -16.93
N PRO D 50 13.74 6.53 -16.18
CA PRO D 50 12.59 7.38 -15.85
C PRO D 50 11.80 7.82 -17.08
N PHE D 51 12.47 7.98 -18.22
CA PHE D 51 11.77 8.52 -19.36
C PHE D 51 11.00 7.46 -20.14
N LEU D 52 11.06 6.20 -19.73
CA LEU D 52 10.10 5.20 -20.15
C LEU D 52 8.91 5.09 -19.19
N SER D 53 8.86 5.92 -18.16
CA SER D 53 7.76 5.95 -17.20
C SER D 53 7.34 7.38 -16.90
N GLU D 54 7.17 8.19 -17.94
CA GLU D 54 6.63 9.55 -17.85
C GLU D 54 7.55 10.48 -17.05
N GLY D 55 8.83 10.15 -16.92
CA GLY D 55 9.76 10.98 -16.17
C GLY D 55 9.79 10.73 -14.67
N ALA D 56 8.94 9.82 -14.18
CA ALA D 56 8.94 9.47 -12.77
C ALA D 56 10.33 9.05 -12.32
N VAL D 57 10.83 9.67 -11.26
CA VAL D 57 12.18 9.37 -10.81
C VAL D 57 12.28 8.05 -10.06
N LYS D 58 11.15 7.49 -9.61
CA LYS D 58 11.08 6.15 -9.01
C LYS D 58 10.13 5.27 -9.83
N PRO D 59 10.37 3.96 -9.86
CA PRO D 59 9.54 3.08 -10.70
C PRO D 59 8.12 3.00 -10.19
N PRO D 60 7.12 3.14 -11.05
CA PRO D 60 5.74 2.92 -10.61
C PRO D 60 5.54 1.45 -10.25
N VAL D 61 4.51 1.21 -9.44
CA VAL D 61 4.15 -0.12 -8.94
C VAL D 61 3.03 -0.69 -9.79
N PHE D 62 3.31 -1.82 -10.43
CA PHE D 62 2.33 -2.57 -11.20
C PHE D 62 1.63 -3.55 -10.26
N LEU D 63 0.55 -3.09 -9.61
CA LEU D 63 -0.23 -3.96 -8.72
C LEU D 63 -1.19 -4.82 -9.55
N THR D 64 -0.60 -5.63 -10.41
CA THR D 64 -1.35 -6.63 -11.15
C THR D 64 -0.34 -7.62 -11.69
N SER D 65 -0.80 -8.85 -11.92
CA SER D 65 -0.01 -9.82 -12.66
C SER D 65 -0.62 -10.10 -14.02
N THR D 66 -1.70 -9.38 -14.37
CA THR D 66 -2.42 -9.61 -15.62
C THR D 66 -2.01 -8.54 -16.63
N PHE D 67 -1.33 -8.98 -17.68
CA PHE D 67 -0.85 -8.15 -18.77
C PHE D 67 -1.50 -8.64 -20.06
N ALA D 68 -2.18 -7.73 -20.75
CA ALA D 68 -2.99 -8.03 -21.93
C ALA D 68 -2.16 -7.99 -23.20
N PHE D 69 -2.63 -8.67 -24.23
CA PHE D 69 -2.01 -8.63 -25.53
C PHE D 69 -2.69 -7.58 -26.42
N ARG D 70 -1.90 -6.98 -27.32
CA ARG D 70 -2.46 -5.99 -28.24
C ARG D 70 -3.36 -6.62 -29.30
N SER D 71 -3.21 -7.92 -29.54
CA SER D 71 -3.96 -8.63 -30.56
C SER D 71 -3.90 -10.12 -30.26
N ALA D 72 -4.84 -10.87 -30.84
CA ALA D 72 -4.79 -12.32 -30.71
C ALA D 72 -3.47 -12.88 -31.25
N GLU D 73 -2.96 -12.30 -32.34
CA GLU D 73 -1.66 -12.74 -32.88
C GLU D 73 -0.55 -12.48 -31.88
N ASP D 74 -0.60 -11.33 -31.20
CA ASP D 74 0.37 -11.02 -30.15
C ASP D 74 0.35 -12.09 -29.05
N GLY D 75 -0.84 -12.54 -28.64
CA GLY D 75 -0.91 -13.59 -27.65
C GLY D 75 -0.28 -14.89 -28.13
N ALA D 76 -0.54 -15.28 -29.38
CA ALA D 76 0.02 -16.52 -29.90
C ALA D 76 1.54 -16.45 -29.98
N ASP D 77 2.07 -15.28 -30.38
CA ASP D 77 3.50 -15.05 -30.43
C ASP D 77 4.14 -15.19 -29.05
N PHE D 78 3.50 -14.61 -28.02
CA PHE D 78 4.00 -14.71 -26.66
C PHE D 78 4.17 -16.16 -26.24
N PHE D 79 3.13 -16.98 -26.42
CA PHE D 79 3.25 -18.37 -26.00
C PHE D 79 4.15 -19.18 -26.92
N ASP D 80 4.31 -18.76 -28.17
CA ASP D 80 5.34 -19.34 -29.01
C ASP D 80 6.71 -19.18 -28.35
N ILE D 81 6.95 -18.04 -27.72
CA ILE D 81 8.25 -17.83 -27.09
C ILE D 81 8.35 -18.61 -25.79
N VAL D 82 7.30 -18.55 -24.96
CA VAL D 82 7.29 -19.27 -23.69
C VAL D 82 7.56 -20.76 -23.88
N SER D 83 7.01 -21.34 -24.95
CA SER D 83 7.12 -22.78 -25.19
C SER D 83 8.39 -23.18 -25.94
N GLY D 84 9.18 -22.24 -26.45
CA GLY D 84 10.37 -22.51 -27.22
C GLY D 84 10.18 -22.72 -28.70
N ARG D 85 8.95 -22.58 -29.22
CA ARG D 85 8.74 -22.70 -30.66
C ARG D 85 9.39 -21.54 -31.41
N LYS D 86 9.55 -20.39 -30.74
CA LYS D 86 10.23 -19.26 -31.35
C LYS D 86 11.21 -18.70 -30.34
N PRO D 87 12.44 -18.40 -30.76
CA PRO D 87 13.44 -17.89 -29.82
C PRO D 87 13.13 -16.45 -29.44
N LEU D 88 13.61 -16.06 -28.27
CA LEU D 88 13.24 -14.77 -27.68
C LEU D 88 13.69 -13.57 -28.51
N SER D 99 10.26 -6.18 -21.16
CA SER D 99 10.39 -7.64 -20.99
C SER D 99 9.09 -8.29 -20.53
N ARG D 100 8.42 -8.98 -21.46
CA ARG D 100 7.09 -9.51 -21.22
C ARG D 100 7.09 -10.71 -20.27
N PHE D 101 8.24 -11.33 -20.04
CA PHE D 101 8.34 -12.58 -19.30
C PHE D 101 8.76 -12.36 -17.85
N ASN D 102 8.77 -11.12 -17.38
CA ASN D 102 9.07 -10.81 -16.01
C ASN D 102 8.10 -9.73 -15.57
N HIS D 103 7.72 -9.74 -14.30
CA HIS D 103 6.97 -8.62 -13.77
C HIS D 103 7.90 -7.39 -13.66
N PRO D 104 7.42 -6.20 -14.08
CA PRO D 104 8.31 -5.02 -14.09
C PRO D 104 8.99 -4.71 -12.76
N ASN D 105 8.28 -4.80 -11.63
CA ASN D 105 8.90 -4.45 -10.36
C ASN D 105 9.85 -5.53 -9.86
N LEU D 106 9.51 -6.81 -10.09
CA LEU D 106 10.42 -7.89 -9.71
C LEU D 106 11.70 -7.83 -10.53
N GLU D 107 11.63 -7.41 -11.79
CA GLU D 107 12.83 -7.35 -12.61
C GLU D 107 13.82 -6.33 -12.07
N ILE D 108 13.35 -5.17 -11.61
CA ILE D 108 14.25 -4.16 -11.06
C ILE D 108 14.90 -4.68 -9.79
N VAL D 109 14.10 -5.32 -8.92
CA VAL D 109 14.67 -5.88 -7.70
C VAL D 109 15.78 -6.88 -8.01
N GLU D 110 15.56 -7.73 -9.02
CA GLU D 110 16.50 -8.80 -9.35
C GLU D 110 17.76 -8.24 -9.99
N ASP D 111 17.62 -7.27 -10.91
CA ASP D 111 18.78 -6.62 -11.49
C ASP D 111 19.67 -6.01 -10.40
N ARG D 112 19.05 -5.31 -9.46
CA ARG D 112 19.83 -4.61 -8.44
C ARG D 112 20.44 -5.58 -7.46
N LEU D 113 19.72 -6.64 -7.12
CA LEU D 113 20.25 -7.62 -6.17
C LEU D 113 21.46 -8.34 -6.77
N ALA D 114 21.36 -8.79 -8.03
CA ALA D 114 22.52 -9.43 -8.66
C ALA D 114 23.68 -8.45 -8.75
N LEU D 115 23.39 -7.17 -8.98
CA LEU D 115 24.46 -6.18 -8.99
C LEU D 115 25.11 -6.06 -7.62
N LEU D 116 24.32 -6.07 -6.54
CA LEU D 116 24.90 -5.86 -5.21
C LEU D 116 25.92 -6.95 -4.86
N ASP D 117 25.68 -8.20 -5.28
CA ASP D 117 26.57 -9.29 -4.85
C ASP D 117 27.41 -9.85 -5.97
N GLY D 118 27.47 -9.17 -7.12
CA GLY D 118 28.37 -9.55 -8.20
C GLY D 118 27.98 -10.79 -8.99
N SER D 119 26.70 -11.16 -9.02
CA SER D 119 26.23 -12.36 -9.70
C SER D 119 25.74 -12.03 -11.10
N GLU D 120 25.68 -13.07 -11.94
CA GLU D 120 25.13 -12.86 -13.28
C GLU D 120 23.63 -12.60 -13.26
N ALA D 121 22.89 -13.21 -12.32
CA ALA D 121 21.44 -13.19 -12.44
C ALA D 121 20.83 -13.40 -11.07
N ALA D 122 19.53 -13.09 -10.95
CA ALA D 122 18.82 -13.20 -9.70
C ALA D 122 17.35 -13.48 -9.94
N VAL D 123 16.73 -14.14 -8.96
CA VAL D 123 15.28 -14.36 -8.97
C VAL D 123 14.77 -14.19 -7.54
N VAL D 124 13.68 -13.43 -7.37
CA VAL D 124 13.13 -13.16 -6.05
C VAL D 124 11.85 -13.96 -5.85
N THR D 125 11.64 -14.40 -4.61
CA THR D 125 10.50 -15.24 -4.25
C THR D 125 9.79 -14.62 -3.05
N SER D 126 8.69 -15.28 -2.63
CA SER D 126 7.84 -14.76 -1.58
C SER D 126 8.52 -14.71 -0.22
N SER D 127 9.58 -15.48 -0.02
CA SER D 127 10.20 -15.57 1.30
C SER D 127 11.56 -16.24 1.17
N GLY D 128 12.37 -16.06 2.21
CA GLY D 128 13.61 -16.79 2.29
C GLY D 128 13.40 -18.29 2.17
N MET D 129 12.39 -18.82 2.88
CA MET D 129 12.16 -20.26 2.86
C MET D 129 11.66 -20.75 1.50
N SER D 130 10.88 -19.95 0.78
CA SER D 130 10.48 -20.41 -0.55
C SER D 130 11.61 -20.29 -1.56
N ALA D 131 12.58 -19.41 -1.30
CA ALA D 131 13.76 -19.34 -2.14
C ALA D 131 14.64 -20.56 -1.92
N ILE D 132 14.86 -20.93 -0.66
CA ILE D 132 15.59 -22.15 -0.34
C ILE D 132 14.86 -23.37 -0.90
N SER D 133 13.54 -23.44 -0.69
CA SER D 133 12.74 -24.55 -1.22
C SER D 133 12.88 -24.67 -2.73
N ALA D 134 12.83 -23.53 -3.43
CA ALA D 134 12.93 -23.56 -4.88
C ALA D 134 14.24 -24.21 -5.31
N ILE D 135 15.32 -23.96 -4.56
CA ILE D 135 16.62 -24.56 -4.87
C ILE D 135 16.57 -26.08 -4.67
N PHE D 136 16.04 -26.53 -3.54
CA PHE D 136 15.95 -27.97 -3.27
C PHE D 136 15.03 -28.64 -4.29
N LEU D 137 13.88 -28.02 -4.60
CA LEU D 137 12.97 -28.58 -5.59
C LEU D 137 13.54 -28.53 -7.00
N ALA D 138 14.41 -27.56 -7.29
CA ALA D 138 15.00 -27.48 -8.62
C ALA D 138 16.04 -28.56 -8.85
N PHE D 139 16.74 -29.01 -7.81
CA PHE D 139 17.93 -29.82 -8.02
C PHE D 139 17.89 -31.19 -7.38
N LEU D 140 17.13 -31.39 -6.32
CA LEU D 140 17.12 -32.68 -5.65
C LEU D 140 16.18 -33.66 -6.35
N ARG D 141 16.54 -34.94 -6.31
CA ARG D 141 15.75 -36.04 -6.82
C ARG D 141 15.80 -37.15 -5.78
N PRO D 142 14.87 -38.12 -5.84
CA PRO D 142 14.94 -39.24 -4.89
C PRO D 142 16.27 -39.97 -4.99
N GLY D 143 16.85 -40.25 -3.81
CA GLY D 143 18.16 -40.85 -3.68
C GLY D 143 19.32 -39.88 -3.65
N ASP D 144 19.13 -38.63 -4.08
CA ASP D 144 20.23 -37.68 -4.10
C ASP D 144 20.73 -37.41 -2.69
N GLN D 145 22.01 -37.06 -2.59
CA GLN D 145 22.64 -36.66 -1.35
C GLN D 145 23.03 -35.19 -1.44
N LEU D 146 23.10 -34.55 -0.29
CA LEU D 146 23.63 -33.20 -0.20
C LEU D 146 24.64 -33.14 0.93
N VAL D 147 25.60 -32.23 0.81
CA VAL D 147 26.50 -31.85 1.88
C VAL D 147 26.04 -30.53 2.46
N GLN D 148 26.10 -30.40 3.78
CA GLN D 148 25.68 -29.19 4.46
C GLN D 148 26.70 -28.77 5.51
N SER D 149 26.80 -27.47 5.73
CA SER D 149 27.48 -26.96 6.90
C SER D 149 26.55 -27.02 8.11
N VAL D 150 27.12 -26.82 9.29
CA VAL D 150 26.35 -26.74 10.53
C VAL D 150 26.89 -25.62 11.39
N PRO D 151 26.01 -24.93 12.12
CA PRO D 151 24.55 -25.15 12.09
C PRO D 151 23.87 -24.37 10.99
N LEU D 152 22.71 -24.82 10.54
CA LEU D 152 21.92 -24.09 9.57
C LEU D 152 20.77 -23.36 10.27
N TYR D 153 20.21 -22.40 9.56
CA TYR D 153 18.95 -21.82 9.95
C TYR D 153 17.96 -22.93 10.26
N GLY D 154 17.20 -22.76 11.34
CA GLY D 154 16.27 -23.80 11.77
C GLY D 154 15.30 -24.24 10.68
N GLY D 155 14.76 -23.30 9.90
CA GLY D 155 13.82 -23.66 8.86
C GLY D 155 14.46 -24.49 7.75
N THR D 156 15.71 -24.16 7.39
CA THR D 156 16.43 -24.97 6.43
C THR D 156 16.66 -26.38 6.96
N GLU D 157 17.06 -26.47 8.23
CA GLU D 157 17.33 -27.78 8.81
C GLU D 157 16.07 -28.65 8.78
N THR D 158 14.91 -28.04 8.96
CA THR D 158 13.63 -28.76 8.89
C THR D 158 13.32 -29.22 7.46
N LEU D 159 13.59 -28.39 6.46
CA LEU D 159 13.40 -28.83 5.07
C LEU D 159 14.26 -30.05 4.76
N ILE D 160 15.52 -30.03 5.18
CA ILE D 160 16.42 -31.12 4.87
C ILE D 160 16.06 -32.36 5.68
N ALA D 161 15.99 -32.23 7.00
CA ALA D 161 15.90 -33.40 7.86
C ALA D 161 14.48 -33.96 7.94
N LYS D 162 13.44 -33.14 7.75
CA LYS D 162 12.10 -33.72 7.73
C LYS D 162 11.59 -33.96 6.31
N TYR D 163 11.33 -32.90 5.56
CA TYR D 163 10.56 -33.03 4.31
C TYR D 163 11.37 -33.68 3.20
N PHE D 164 12.58 -33.18 2.92
CA PHE D 164 13.28 -33.79 1.80
C PHE D 164 13.87 -35.15 2.14
N ARG D 165 14.17 -35.40 3.42
CA ARG D 165 14.51 -36.76 3.83
C ARG D 165 13.36 -37.72 3.56
N GLU D 166 12.12 -37.30 3.84
CA GLU D 166 10.99 -38.17 3.57
C GLU D 166 10.79 -38.40 2.08
N TRP D 167 11.27 -37.49 1.23
CA TRP D 167 11.26 -37.66 -0.21
C TRP D 167 12.48 -38.42 -0.73
N GLY D 168 13.32 -38.93 0.15
CA GLY D 168 14.43 -39.76 -0.25
C GLY D 168 15.78 -39.08 -0.41
N VAL D 169 16.00 -37.94 0.25
CA VAL D 169 17.26 -37.20 0.16
C VAL D 169 18.04 -37.37 1.46
N GLY D 170 19.32 -37.73 1.35
CA GLY D 170 20.21 -37.81 2.50
C GLY D 170 21.10 -36.59 2.63
N ALA D 171 21.49 -36.26 3.86
CA ALA D 171 22.34 -35.11 4.14
C ALA D 171 23.57 -35.52 4.95
N HIS D 172 24.68 -34.82 4.72
CA HIS D 172 25.97 -35.14 5.34
C HIS D 172 26.64 -33.86 5.78
N SER D 173 27.07 -33.82 7.04
CA SER D 173 27.54 -32.60 7.67
C SER D 173 29.06 -32.45 7.57
N ILE D 174 29.48 -31.21 7.31
CA ILE D 174 30.88 -30.83 7.41
C ILE D 174 31.21 -30.67 8.89
N ASP D 175 32.19 -31.44 9.38
CA ASP D 175 32.51 -31.39 10.81
C ASP D 175 33.12 -30.05 11.19
N ASN D 176 34.06 -29.56 10.39
CA ASN D 176 34.77 -28.32 10.70
C ASN D 176 34.88 -27.51 9.41
N GLY D 177 34.09 -26.44 9.32
CA GLY D 177 34.04 -25.63 8.11
C GLY D 177 35.32 -24.91 7.76
N LEU D 178 36.23 -24.76 8.70
CA LEU D 178 37.53 -24.17 8.42
C LEU D 178 38.54 -25.19 7.92
N SER D 179 38.15 -26.45 7.83
CA SER D 179 39.05 -27.53 7.43
C SER D 179 38.71 -27.99 6.02
N PRO D 180 39.52 -27.68 5.01
CA PRO D 180 39.25 -28.24 3.69
C PRO D 180 39.20 -29.75 3.72
N GLN D 181 39.97 -30.38 4.61
CA GLN D 181 39.90 -31.84 4.73
C GLN D 181 38.53 -32.28 5.19
N ALA D 182 37.92 -31.55 6.12
CA ALA D 182 36.59 -31.93 6.59
C ALA D 182 35.54 -31.74 5.50
N ILE D 183 35.69 -30.72 4.64
CA ILE D 183 34.77 -30.53 3.53
C ILE D 183 34.89 -31.68 2.53
N GLY D 184 36.13 -32.05 2.18
CA GLY D 184 36.33 -33.17 1.28
C GLY D 184 35.80 -34.47 1.85
N ALA D 185 35.95 -34.66 3.17
CA ALA D 185 35.45 -35.87 3.81
C ALA D 185 33.93 -35.98 3.73
N ALA D 186 33.21 -34.88 3.97
CA ALA D 186 31.76 -34.92 3.88
C ALA D 186 31.30 -35.21 2.46
N LEU D 187 31.96 -34.61 1.46
CA LEU D 187 31.63 -34.90 0.07
C LEU D 187 31.84 -36.38 -0.25
N GLU D 188 32.94 -36.96 0.27
CA GLU D 188 33.20 -38.38 0.06
C GLU D 188 32.17 -39.26 0.78
N ALA D 189 31.81 -38.90 2.01
CA ALA D 189 30.78 -39.66 2.73
C ALA D 189 29.45 -39.58 1.99
N ALA D 190 29.12 -38.40 1.45
CA ALA D 190 27.87 -38.26 0.71
C ALA D 190 27.85 -39.15 -0.53
N ALA D 191 28.95 -39.18 -1.29
CA ALA D 191 28.99 -39.99 -2.49
C ALA D 191 28.88 -41.49 -2.20
N GLN D 192 29.21 -41.91 -0.97
CA GLN D 192 29.09 -43.32 -0.61
C GLN D 192 27.64 -43.79 -0.69
N GLN D 193 26.69 -42.88 -0.51
CA GLN D 193 25.28 -43.21 -0.46
C GLN D 193 24.52 -42.78 -1.70
N GLY D 194 25.12 -41.98 -2.59
CA GLY D 194 24.43 -41.57 -3.79
C GLY D 194 25.02 -40.32 -4.43
N PRO D 195 24.36 -39.83 -5.48
CA PRO D 195 24.85 -38.62 -6.16
C PRO D 195 24.83 -37.42 -5.23
N VAL D 196 25.95 -36.70 -5.20
CA VAL D 196 26.06 -35.47 -4.43
C VAL D 196 25.61 -34.32 -5.33
N ARG D 197 24.34 -33.92 -5.17
CA ARG D 197 23.79 -32.89 -6.04
C ARG D 197 24.15 -31.48 -5.55
N LEU D 198 24.13 -31.28 -4.22
CA LEU D 198 24.31 -29.94 -3.65
C LEU D 198 25.34 -29.97 -2.53
N CYS D 199 26.10 -28.87 -2.43
CA CYS D 199 26.93 -28.56 -1.28
C CYS D 199 26.36 -27.24 -0.74
N TYR D 200 25.57 -27.31 0.34
CA TYR D 200 24.79 -26.19 0.84
C TYR D 200 25.45 -25.69 2.11
N VAL D 201 25.99 -24.47 2.08
CA VAL D 201 26.64 -23.89 3.25
C VAL D 201 25.95 -22.58 3.62
N GLU D 202 26.13 -22.19 4.87
CA GLU D 202 25.60 -20.94 5.41
C GLU D 202 26.73 -20.32 6.22
N THR D 203 27.32 -19.24 5.72
CA THR D 203 28.50 -18.67 6.39
C THR D 203 28.37 -17.14 6.33
N PRO D 204 28.54 -16.45 7.47
CA PRO D 204 28.79 -17.03 8.79
C PRO D 204 27.60 -17.82 9.28
N ALA D 205 27.80 -18.70 10.25
CA ALA D 205 26.69 -19.52 10.69
C ALA D 205 25.86 -18.76 11.71
N ASN D 206 24.58 -19.09 11.73
CA ASN D 206 23.64 -18.56 12.69
C ASN D 206 23.46 -19.60 13.80
N PRO D 207 23.74 -19.27 15.07
CA PRO D 207 24.10 -17.97 15.67
C PRO D 207 25.56 -17.77 16.09
N THR D 208 26.46 -18.68 15.76
CA THR D 208 27.80 -18.63 16.33
C THR D 208 28.79 -17.83 15.51
N ASN D 209 28.42 -17.41 14.30
CA ASN D 209 29.34 -16.78 13.34
C ASN D 209 30.51 -17.72 12.98
N ALA D 210 30.37 -19.02 13.15
CA ALA D 210 31.31 -19.96 12.56
C ALA D 210 31.40 -19.75 11.06
N LEU D 211 32.54 -20.08 10.48
CA LEU D 211 32.80 -19.79 9.08
C LEU D 211 32.98 -21.08 8.28
N ILE D 212 32.60 -21.00 6.99
CA ILE D 212 32.99 -21.98 5.98
C ILE D 212 34.03 -21.34 5.07
N ASP D 213 35.15 -22.03 4.88
CA ASP D 213 36.21 -21.61 3.97
C ASP D 213 35.72 -21.77 2.53
N LEU D 214 35.29 -20.67 1.92
CA LEU D 214 34.69 -20.75 0.59
C LEU D 214 35.73 -21.08 -0.47
N ASP D 215 36.93 -20.50 -0.38
CA ASP D 215 37.96 -20.83 -1.37
C ASP D 215 38.36 -22.29 -1.26
N GLY D 216 38.53 -22.80 -0.04
CA GLY D 216 38.80 -24.21 0.14
C GLY D 216 37.66 -25.09 -0.32
N MET D 217 36.41 -24.61 -0.15
CA MET D 217 35.28 -25.38 -0.64
C MET D 217 35.33 -25.52 -2.16
N ARG D 218 35.65 -24.43 -2.87
CA ARG D 218 35.77 -24.51 -4.32
C ARG D 218 36.86 -25.49 -4.72
N ARG D 219 38.01 -25.43 -4.05
CA ARG D 219 39.12 -26.33 -4.37
C ARG D 219 38.77 -27.78 -4.02
N GLU D 220 38.03 -28.00 -2.93
CA GLU D 220 37.64 -29.38 -2.62
C GLU D 220 36.66 -29.92 -3.64
N LEU D 221 35.78 -29.05 -4.17
CA LEU D 221 34.85 -29.47 -5.21
C LEU D 221 35.55 -29.69 -6.54
N ASP D 222 36.63 -28.93 -6.82
CA ASP D 222 37.42 -29.20 -8.02
C ASP D 222 38.02 -30.61 -7.96
N ALA D 223 38.61 -30.96 -6.81
CA ALA D 223 39.20 -32.29 -6.66
C ALA D 223 38.12 -33.37 -6.69
N PHE D 224 36.96 -33.10 -6.07
CA PHE D 224 35.85 -34.04 -6.15
C PHE D 224 35.46 -34.30 -7.60
N GLU D 225 35.37 -33.23 -8.40
CA GLU D 225 34.98 -33.38 -9.80
C GLU D 225 35.97 -34.24 -10.56
N ALA D 226 37.26 -34.14 -10.22
CA ALA D 226 38.28 -34.99 -10.84
C ALA D 226 38.12 -36.46 -10.47
N ARG D 227 37.68 -36.76 -9.24
CA ARG D 227 37.55 -38.16 -8.82
C ARG D 227 36.27 -38.80 -9.37
N HIS D 228 35.18 -38.05 -9.41
CA HIS D 228 33.86 -38.62 -9.70
C HIS D 228 33.31 -38.25 -11.07
N GLY D 229 33.86 -37.24 -11.73
CA GLY D 229 33.40 -36.85 -13.05
C GLY D 229 32.14 -36.02 -13.07
N TYR D 230 31.70 -35.54 -11.91
CA TYR D 230 30.58 -34.62 -11.81
C TYR D 230 30.82 -33.69 -10.63
N ARG D 231 30.19 -32.53 -10.66
CA ARG D 231 30.46 -31.48 -9.69
C ARG D 231 29.18 -31.09 -8.95
N PRO D 232 29.16 -31.24 -7.62
CA PRO D 232 28.00 -30.74 -6.84
C PRO D 232 27.84 -29.23 -7.01
N ILE D 233 26.59 -28.79 -7.08
CA ILE D 233 26.29 -27.36 -7.09
C ILE D 233 26.49 -26.81 -5.68
N SER D 234 27.25 -25.73 -5.58
CA SER D 234 27.48 -25.09 -4.29
C SER D 234 26.53 -23.92 -4.09
N VAL D 235 25.98 -23.81 -2.89
CA VAL D 235 24.99 -22.79 -2.53
C VAL D 235 25.40 -22.21 -1.19
N CYS D 236 25.38 -20.89 -1.09
CA CYS D 236 25.70 -20.24 0.17
C CYS D 236 24.51 -19.38 0.59
N ASP D 237 23.92 -19.68 1.74
CA ASP D 237 22.98 -18.76 2.35
C ASP D 237 23.77 -17.56 2.89
N ASN D 238 23.59 -16.40 2.25
CA ASN D 238 24.43 -15.22 2.44
C ASN D 238 23.69 -14.14 3.22
N THR D 239 22.78 -14.57 4.10
CA THR D 239 21.88 -13.64 4.76
C THR D 239 22.61 -12.80 5.81
N LEU D 240 23.55 -13.40 6.56
CA LEU D 240 24.13 -12.68 7.69
C LEU D 240 25.02 -11.54 7.23
N LEU D 241 25.73 -11.71 6.13
CA LEU D 241 26.69 -10.71 5.68
C LEU D 241 26.35 -10.10 4.34
N GLY D 242 25.57 -10.77 3.50
CA GLY D 242 25.36 -10.30 2.16
C GLY D 242 24.24 -9.28 2.06
N PRO D 243 24.21 -8.55 0.95
CA PRO D 243 25.20 -8.72 -0.14
C PRO D 243 26.42 -7.79 0.01
N ILE D 244 26.41 -7.00 1.07
CA ILE D 244 27.35 -5.90 1.23
C ILE D 244 28.70 -6.38 1.75
N PHE D 245 28.72 -7.31 2.70
CA PHE D 245 29.95 -7.71 3.36
C PHE D 245 30.52 -9.04 2.89
N GLN D 246 29.85 -9.73 1.96
CA GLN D 246 30.35 -11.00 1.44
C GLN D 246 29.68 -11.27 0.11
N LYS D 247 30.48 -11.64 -0.88
CA LYS D 247 29.99 -11.91 -2.23
C LYS D 247 30.48 -13.30 -2.63
N PRO D 248 29.72 -14.35 -2.29
CA PRO D 248 30.15 -15.72 -2.60
C PRO D 248 30.49 -15.96 -4.08
N SER D 249 29.89 -15.21 -5.00
CA SER D 249 30.18 -15.41 -6.42
C SER D 249 31.63 -15.10 -6.74
N GLU D 250 32.27 -14.24 -5.94
CA GLU D 250 33.69 -13.95 -6.12
C GLU D 250 34.59 -15.09 -5.66
N HIS D 251 34.03 -16.09 -4.99
CA HIS D 251 34.79 -17.23 -4.51
C HIS D 251 34.31 -18.52 -5.17
N GLY D 252 33.69 -18.41 -6.34
CA GLY D 252 33.28 -19.56 -7.11
C GLY D 252 32.05 -20.28 -6.62
N VAL D 253 31.30 -19.72 -5.68
CA VAL D 253 30.05 -20.33 -5.24
C VAL D 253 29.01 -20.17 -6.34
N ASP D 254 28.28 -21.24 -6.62
CA ASP D 254 27.40 -21.23 -7.78
C ASP D 254 26.18 -20.35 -7.54
N MET D 255 25.61 -20.40 -6.34
CA MET D 255 24.42 -19.64 -6.02
C MET D 255 24.50 -19.15 -4.58
N SER D 256 23.92 -17.97 -4.34
CA SER D 256 23.65 -17.46 -3.00
C SER D 256 22.13 -17.36 -2.83
N VAL D 257 21.68 -17.62 -1.63
CA VAL D 257 20.27 -17.48 -1.30
C VAL D 257 20.19 -16.53 -0.11
N TYR D 258 19.14 -15.70 -0.10
CA TYR D 258 18.96 -14.65 0.89
C TYR D 258 17.56 -14.70 1.45
N SER D 259 17.45 -14.43 2.76
CA SER D 259 16.17 -14.01 3.34
C SER D 259 16.16 -12.49 3.28
N LEU D 260 15.55 -11.94 2.22
CA LEU D 260 15.50 -10.49 2.06
C LEU D 260 14.69 -9.85 3.18
N THR D 261 13.91 -10.66 3.89
CA THR D 261 13.22 -10.25 5.09
C THR D 261 14.17 -9.58 6.09
N TYR D 263 18.31 -8.10 6.36
CA TYR D 263 19.00 -6.83 6.08
C TYR D 263 18.54 -6.06 4.83
N VAL D 264 18.30 -6.77 3.72
CA VAL D 264 18.05 -6.05 2.47
C VAL D 264 16.76 -5.24 2.58
N GLY D 265 15.67 -5.86 3.04
CA GLY D 265 14.49 -5.14 3.42
C GLY D 265 14.75 -4.21 4.60
N GLY D 266 15.23 -4.77 5.71
CA GLY D 266 15.81 -4.03 6.80
C GLY D 266 14.84 -3.35 7.74
N HIS D 267 13.53 -3.37 7.46
CA HIS D 267 12.59 -2.62 8.30
C HIS D 267 11.58 -3.52 9.00
N SER D 268 11.85 -4.83 9.06
CA SER D 268 10.95 -5.80 9.67
C SER D 268 9.51 -5.60 9.23
N ASP D 269 9.32 -5.26 7.96
N ASP D 269 9.32 -5.34 7.95
CA ASP D 269 7.97 -4.97 7.45
CA ASP D 269 7.98 -5.38 7.39
C ASP D 269 7.65 -5.60 6.10
C ASP D 269 7.88 -6.46 6.31
N LEU D 270 8.52 -6.45 5.58
N LEU D 270 8.43 -6.21 5.14
CA LEU D 270 8.24 -7.21 4.37
CA LEU D 270 8.28 -7.14 4.03
C LEU D 270 8.90 -8.58 4.52
C LEU D 270 8.98 -8.48 4.31
N VAL D 271 8.39 -9.54 3.76
CA VAL D 271 8.97 -10.88 3.71
C VAL D 271 9.32 -11.16 2.26
N GLY D 272 10.52 -11.67 2.03
CA GLY D 272 10.94 -11.98 0.67
C GLY D 272 12.22 -12.79 0.61
N GLY D 273 12.39 -13.55 -0.47
CA GLY D 273 13.61 -14.30 -0.67
C GLY D 273 14.27 -13.98 -2.01
N GLY D 274 15.58 -14.24 -2.11
CA GLY D 274 16.33 -14.04 -3.35
C GLY D 274 17.34 -15.15 -3.57
N VAL D 275 17.53 -15.53 -4.84
CA VAL D 275 18.58 -16.45 -5.25
C VAL D 275 19.38 -15.74 -6.35
N THR D 276 20.70 -15.68 -6.17
CA THR D 276 21.59 -15.04 -7.13
C THR D 276 22.65 -16.03 -7.56
N GLY D 277 23.18 -15.83 -8.74
CA GLY D 277 24.29 -16.68 -9.16
C GLY D 277 24.31 -16.83 -10.67
N ARG D 278 24.84 -17.98 -11.09
CA ARG D 278 25.03 -18.26 -12.50
C ARG D 278 23.70 -18.26 -13.25
N ARG D 279 23.73 -17.70 -14.46
CA ARG D 279 22.50 -17.44 -15.19
C ARG D 279 21.72 -18.73 -15.44
N ASP D 280 22.41 -19.80 -15.82
CA ASP D 280 21.70 -21.04 -16.11
C ASP D 280 21.07 -21.65 -14.85
N LEU D 281 21.74 -21.52 -13.70
CA LEU D 281 21.19 -22.07 -12.46
C LEU D 281 20.00 -21.24 -11.97
N VAL D 282 20.13 -19.92 -12.01
CA VAL D 282 19.02 -19.06 -11.62
C VAL D 282 17.80 -19.34 -12.50
N ALA D 283 18.01 -19.60 -13.79
CA ALA D 283 16.91 -19.90 -14.68
C ALA D 283 16.16 -21.16 -14.26
N LYS D 284 16.88 -22.19 -13.81
CA LYS D 284 16.19 -23.39 -13.34
C LYS D 284 15.40 -23.12 -12.05
N VAL D 285 15.96 -22.32 -11.14
CA VAL D 285 15.24 -21.95 -9.92
C VAL D 285 14.00 -21.15 -10.26
N ARG D 286 14.11 -20.25 -11.25
CA ARG D 286 12.97 -19.43 -11.67
C ARG D 286 11.85 -20.30 -12.22
N ALA D 287 12.18 -21.33 -13.03
CA ALA D 287 11.13 -22.21 -13.53
C ALA D 287 10.41 -22.92 -12.37
N VAL D 288 11.15 -23.35 -11.35
CA VAL D 288 10.53 -23.93 -10.17
C VAL D 288 9.68 -22.90 -9.44
N ARG D 289 10.22 -21.70 -9.27
CA ARG D 289 9.47 -20.62 -8.61
C ARG D 289 8.12 -20.42 -9.25
N SER D 290 8.08 -20.39 -10.57
CA SER D 290 6.81 -20.17 -11.25
C SER D 290 5.92 -21.40 -11.15
N ALA D 291 6.49 -22.60 -11.27
CA ALA D 291 5.66 -23.80 -11.24
C ALA D 291 5.06 -24.03 -9.86
N PHE D 292 5.74 -23.63 -8.80
CA PHE D 292 5.23 -23.82 -7.45
C PHE D 292 4.59 -22.56 -6.87
N GLY D 293 4.45 -21.51 -7.69
CA GLY D 293 3.75 -20.29 -7.34
C GLY D 293 4.37 -19.47 -6.25
N SER D 294 5.70 -19.26 -6.30
CA SER D 294 6.45 -18.61 -5.23
C SER D 294 6.88 -17.19 -5.58
N GLN D 295 6.19 -16.52 -6.51
CA GLN D 295 6.56 -15.15 -6.88
C GLN D 295 6.44 -14.22 -5.68
N LEU D 296 7.35 -13.26 -5.61
CA LEU D 296 7.15 -12.15 -4.68
C LEU D 296 6.05 -11.26 -5.20
N ASP D 297 5.26 -10.68 -4.28
CA ASP D 297 4.19 -9.81 -4.75
C ASP D 297 4.72 -8.42 -5.13
N PRO D 298 4.02 -7.70 -6.01
CA PRO D 298 4.53 -6.38 -6.47
C PRO D 298 4.66 -5.35 -5.36
N HIS D 299 3.72 -5.28 -4.42
CA HIS D 299 3.82 -4.28 -3.37
C HIS D 299 5.10 -4.48 -2.55
N SER D 300 5.38 -5.73 -2.18
CA SER D 300 6.62 -6.01 -1.46
C SER D 300 7.84 -5.70 -2.30
N SER D 301 7.74 -5.88 -3.63
CA SER D 301 8.84 -5.53 -4.54
C SER D 301 9.10 -4.03 -4.51
N TRP D 302 8.03 -3.23 -4.51
CA TRP D 302 8.20 -1.79 -4.38
C TRP D 302 8.85 -1.41 -3.06
N MET D 303 8.44 -2.06 -1.96
CA MET D 303 9.09 -1.82 -0.67
C MET D 303 10.56 -2.24 -0.72
N LEU D 304 10.86 -3.32 -1.44
CA LEU D 304 12.24 -3.78 -1.57
C LEU D 304 13.08 -2.76 -2.34
N ILE D 305 12.55 -2.26 -3.46
CA ILE D 305 13.23 -1.20 -4.19
C ILE D 305 13.51 -0.01 -3.27
N ARG D 306 12.50 0.38 -2.49
CA ARG D 306 12.69 1.50 -1.54
C ARG D 306 13.75 1.18 -0.51
N SER D 307 13.71 -0.03 0.05
CA SER D 307 14.69 -0.46 1.03
C SER D 307 16.11 -0.47 0.47
N MET D 308 16.30 -0.95 -0.77
CA MET D 308 17.66 -1.10 -1.29
C MET D 308 18.34 0.26 -1.49
N GLU D 309 17.57 1.35 -1.54
CA GLU D 309 18.16 2.68 -1.59
C GLU D 309 18.95 3.02 -0.34
N THR D 310 18.73 2.30 0.78
CA THR D 310 19.55 2.52 1.98
C THR D 310 20.25 1.26 2.47
N VAL D 311 20.29 0.18 1.70
CA VAL D 311 20.85 -1.06 2.24
C VAL D 311 22.34 -0.92 2.56
N VAL D 312 23.10 -0.26 1.67
CA VAL D 312 24.53 -0.03 1.97
C VAL D 312 24.67 0.77 3.26
N LEU D 313 23.95 1.89 3.33
CA LEU D 313 24.03 2.78 4.50
C LEU D 313 23.62 2.07 5.77
N ARG D 314 22.49 1.37 5.73
CA ARG D 314 21.97 0.71 6.93
C ARG D 314 22.89 -0.43 7.38
N MET D 315 23.37 -1.26 6.44
CA MET D 315 24.21 -2.39 6.83
C MET D 315 25.55 -1.94 7.42
N LYS D 316 26.14 -0.88 6.87
CA LYS D 316 27.40 -0.40 7.43
C LYS D 316 27.21 0.23 8.79
N GLN D 317 26.11 0.97 8.98
CA GLN D 317 25.84 1.56 10.29
C GLN D 317 25.64 0.48 11.34
N ALA D 318 24.77 -0.49 11.05
CA ALA D 318 24.57 -1.58 11.99
C ALA D 318 25.87 -2.30 12.28
N ALA D 319 26.72 -2.51 11.26
CA ALA D 319 27.97 -3.21 11.47
C ALA D 319 28.89 -2.41 12.38
N ARG D 320 28.98 -1.10 12.16
CA ARG D 320 29.78 -0.24 13.02
C ARG D 320 29.32 -0.35 14.47
N THR D 321 28.02 -0.21 14.70
CA THR D 321 27.47 -0.28 16.05
C THR D 321 27.71 -1.64 16.69
N ALA D 322 27.54 -2.72 15.91
CA ALA D 322 27.73 -4.06 16.47
C ALA D 322 29.18 -4.28 16.91
N SER D 323 30.15 -3.76 16.15
CA SER D 323 31.55 -3.86 16.58
C SER D 323 31.75 -3.24 17.95
N ALA D 324 31.17 -2.05 18.16
CA ALA D 324 31.33 -1.35 19.43
C ALA D 324 30.62 -2.10 20.55
N VAL D 325 29.41 -2.61 20.28
CA VAL D 325 28.65 -3.32 21.28
C VAL D 325 29.34 -4.63 21.65
N ALA D 326 29.85 -5.35 20.66
CA ALA D 326 30.57 -6.59 20.94
C ALA D 326 31.84 -6.31 21.73
N LYS D 327 32.59 -5.28 21.34
CA LYS D 327 33.80 -4.93 22.10
C LYS D 327 33.46 -4.58 23.56
N TRP D 328 32.38 -3.84 23.78
CA TRP D 328 31.98 -3.52 25.16
C TRP D 328 31.57 -4.78 25.92
N LEU D 329 30.80 -5.67 25.27
CA LEU D 329 30.44 -6.94 25.90
C LEU D 329 31.69 -7.74 26.26
N ALA D 330 32.70 -7.72 25.38
CA ALA D 330 33.88 -8.55 25.59
C ALA D 330 34.69 -8.10 26.81
N THR D 331 34.53 -6.85 27.25
CA THR D 331 35.21 -6.30 28.41
C THR D 331 34.23 -5.62 29.36
N ASN D 332 32.96 -6.03 29.33
CA ASN D 332 31.94 -5.36 30.12
C ASN D 332 32.30 -5.41 31.61
N PRO D 333 31.82 -4.45 32.40
CA PRO D 333 32.24 -4.38 33.82
C PRO D 333 31.52 -5.34 34.75
N HIS D 334 30.62 -6.18 34.25
CA HIS D 334 29.76 -7.01 35.11
C HIS D 334 30.18 -8.46 35.19
N GLN D 335 30.43 -9.10 34.05
CA GLN D 335 30.68 -10.53 34.03
C GLN D 335 31.46 -10.88 32.78
N LYS D 336 32.54 -11.65 32.94
CA LYS D 336 33.30 -12.13 31.80
C LYS D 336 32.42 -13.04 30.95
N VAL D 337 32.26 -12.70 29.66
CA VAL D 337 31.45 -13.50 28.73
C VAL D 337 32.23 -13.71 27.44
N ASP D 338 32.00 -14.86 26.83
CA ASP D 338 32.56 -15.12 25.51
C ASP D 338 31.71 -14.43 24.45
N VAL D 339 32.36 -13.77 23.49
CA VAL D 339 31.67 -13.01 22.46
C VAL D 339 32.02 -13.62 21.11
N TYR D 340 31.01 -14.19 20.42
CA TYR D 340 31.23 -14.83 19.13
C TYR D 340 30.89 -13.84 18.01
N HIS D 341 31.70 -12.81 17.93
CA HIS D 341 31.71 -11.79 16.90
C HIS D 341 32.98 -11.92 16.06
N PRO D 342 32.86 -11.82 14.73
CA PRO D 342 34.02 -12.11 13.87
C PRO D 342 35.28 -11.34 14.23
N GLU D 343 35.17 -10.09 14.71
CA GLU D 343 36.37 -9.35 15.08
C GLU D 343 36.92 -9.75 16.42
N LEU D 344 36.20 -10.56 17.19
CA LEU D 344 36.66 -10.96 18.51
C LEU D 344 37.02 -12.44 18.63
N ILE D 345 36.95 -13.19 17.54
CA ILE D 345 37.36 -14.58 17.50
C ILE D 345 38.81 -14.62 17.00
N VAL D 346 39.76 -14.94 17.88
CA VAL D 346 41.17 -14.68 17.59
C VAL D 346 41.88 -15.78 16.80
N ASP D 347 41.27 -16.97 16.70
CA ASP D 347 41.87 -18.11 15.99
C ASP D 347 42.44 -17.74 14.62
N ASP D 348 43.65 -18.24 14.34
CA ASP D 348 44.37 -17.90 13.12
C ASP D 348 43.64 -18.38 11.85
N ALA D 349 43.19 -19.64 11.85
CA ALA D 349 42.51 -20.15 10.68
C ALA D 349 41.25 -19.35 10.41
N TYR D 350 40.52 -19.00 11.46
CA TYR D 350 39.30 -18.20 11.34
C TYR D 350 39.58 -16.87 10.65
N GLN D 351 40.59 -16.15 11.13
CA GLN D 351 40.85 -14.80 10.64
C GLN D 351 41.35 -14.80 9.20
N ALA D 352 42.16 -15.79 8.82
CA ALA D 352 42.61 -15.87 7.42
C ALA D 352 41.41 -16.09 6.49
N VAL D 353 40.47 -16.94 6.89
CA VAL D 353 39.25 -17.11 6.10
C VAL D 353 38.45 -15.82 6.09
N TYR D 354 38.28 -15.21 7.27
CA TYR D 354 37.45 -14.02 7.37
C TYR D 354 38.00 -12.86 6.53
N LYS D 355 39.30 -12.59 6.66
CA LYS D 355 39.91 -11.49 5.90
C LYS D 355 39.80 -11.74 4.41
N ARG D 356 39.77 -13.01 4.00
CA ARG D 356 39.82 -13.33 2.58
C ARG D 356 38.46 -13.22 1.91
N GLN D 357 37.38 -13.54 2.62
CA GLN D 357 36.10 -13.58 1.95
C GLN D 357 35.06 -12.61 2.48
N CYS D 358 35.34 -11.90 3.57
CA CYS D 358 34.41 -10.94 4.16
C CYS D 358 35.05 -9.55 4.19
N THR D 359 34.24 -8.51 3.98
CA THR D 359 34.72 -7.14 4.08
C THR D 359 34.10 -6.40 5.25
N GLY D 360 33.38 -7.11 6.11
CA GLY D 360 32.79 -6.54 7.32
C GLY D 360 32.16 -7.68 8.09
N ALA D 361 31.78 -7.39 9.34
CA ALA D 361 31.37 -8.47 10.23
C ALA D 361 29.86 -8.58 10.42
N GLY D 362 29.06 -7.75 9.72
CA GLY D 362 27.62 -7.77 9.93
C GLY D 362 27.24 -7.20 11.29
N SER D 363 25.99 -7.43 11.69
CA SER D 363 25.52 -6.90 12.97
C SER D 363 24.82 -7.95 13.83
N THR D 364 24.81 -9.22 13.42
CA THR D 364 24.26 -10.30 14.23
C THR D 364 25.41 -11.10 14.85
N PHE D 365 25.34 -11.31 16.16
CA PHE D 365 26.35 -12.10 16.84
C PHE D 365 25.78 -12.60 18.15
N ALA D 366 26.55 -13.44 18.83
CA ALA D 366 26.13 -14.07 20.06
C ALA D 366 27.15 -13.82 21.16
N PHE D 367 26.69 -13.92 22.40
CA PHE D 367 27.57 -14.00 23.56
C PHE D 367 26.99 -15.03 24.53
N VAL D 368 27.84 -15.55 25.41
CA VAL D 368 27.49 -16.68 26.27
C VAL D 368 27.63 -16.25 27.74
N LEU D 369 26.52 -16.27 28.46
CA LEU D 369 26.51 -16.12 29.92
C LEU D 369 26.88 -17.43 30.60
N ASN D 370 27.37 -17.32 31.84
CA ASN D 370 27.64 -18.53 32.63
C ASN D 370 26.41 -19.15 33.28
N GLY D 371 25.32 -18.40 33.42
CA GLY D 371 24.22 -18.89 34.25
C GLY D 371 23.21 -19.83 33.58
N GLY D 372 23.56 -20.36 32.42
CA GLY D 372 22.69 -21.20 31.58
C GLY D 372 21.39 -20.51 31.20
N ARG D 373 20.35 -21.33 30.96
CA ARG D 373 19.08 -20.82 30.45
C ARG D 373 18.43 -19.85 31.44
N ALA D 374 18.49 -20.16 32.74
CA ALA D 374 17.84 -19.34 33.75
C ALA D 374 18.38 -17.90 33.75
N GLU D 375 19.70 -17.73 33.72
CA GLU D 375 20.26 -16.38 33.71
C GLU D 375 20.04 -15.70 32.36
N ALA D 376 20.17 -16.45 31.26
CA ALA D 376 19.87 -15.89 29.94
C ALA D 376 18.44 -15.34 29.89
N PHE D 377 17.50 -16.05 30.49
CA PHE D 377 16.13 -15.55 30.51
C PHE D 377 16.03 -14.28 31.35
N ARG D 378 16.69 -14.24 32.50
CA ARG D 378 16.65 -13.03 33.31
C ARG D 378 17.26 -11.84 32.57
N PHE D 379 18.33 -12.10 31.82
CA PHE D 379 18.98 -11.03 31.06
C PHE D 379 18.04 -10.46 29.99
N ILE D 380 17.49 -11.34 29.13
CA ILE D 380 16.64 -10.88 28.04
C ILE D 380 15.44 -10.11 28.58
N ASN D 381 14.85 -10.58 29.69
CA ASN D 381 13.65 -9.94 30.21
C ASN D 381 13.90 -8.53 30.79
N ALA D 382 15.15 -8.20 31.14
CA ALA D 382 15.45 -6.91 31.76
C ALA D 382 15.67 -5.79 30.76
N LEU D 383 15.76 -6.13 29.47
CA LEU D 383 16.09 -5.16 28.43
C LEU D 383 14.87 -4.35 28.02
N HIS D 384 15.11 -3.09 27.65
CA HIS D 384 14.06 -2.18 27.21
C HIS D 384 14.15 -1.77 25.74
N LEU D 385 15.36 -1.76 25.16
CA LEU D 385 15.53 -1.34 23.77
C LEU D 385 15.62 -2.49 22.79
N PHE D 386 16.19 -3.63 23.19
CA PHE D 386 16.20 -4.80 22.32
C PHE D 386 14.82 -5.45 22.37
N LYS D 387 14.20 -5.67 21.22
CA LYS D 387 12.93 -6.37 21.23
C LYS D 387 13.18 -7.87 21.26
N SER D 388 12.39 -8.56 22.09
CA SER D 388 12.49 -10.01 22.28
C SER D 388 11.76 -10.68 21.11
N ALA D 389 12.50 -11.04 20.07
CA ALA D 389 11.91 -11.62 18.86
C ALA D 389 13.00 -12.41 18.15
N VAL D 390 12.57 -13.27 17.21
CA VAL D 390 13.49 -14.21 16.57
C VAL D 390 14.02 -13.71 15.23
N SER D 391 13.56 -12.56 14.75
CA SER D 391 14.08 -12.07 13.48
C SER D 391 15.49 -11.48 13.65
N LEU D 392 16.07 -11.05 12.54
CA LEU D 392 17.36 -10.38 12.58
C LEU D 392 17.42 -9.35 11.45
N GLY D 393 18.37 -8.43 11.57
CA GLY D 393 18.61 -7.44 10.52
C GLY D 393 17.52 -6.42 10.28
N GLY D 394 16.86 -5.94 11.35
CA GLY D 394 15.89 -4.87 11.23
C GLY D 394 16.48 -3.52 11.63
N THR D 395 15.67 -2.47 11.48
CA THR D 395 16.10 -1.17 11.98
C THR D 395 16.19 -1.17 13.50
N GLU D 396 15.31 -1.93 14.17
CA GLU D 396 15.36 -2.09 15.62
C GLU D 396 16.28 -3.26 15.97
N SER D 397 16.97 -3.13 17.12
CA SER D 397 17.78 -4.24 17.64
C SER D 397 16.89 -5.35 18.21
N LEU D 398 17.33 -6.59 18.01
CA LEU D 398 16.60 -7.77 18.44
C LEU D 398 17.50 -8.68 19.26
N ILE D 399 16.87 -9.49 20.12
CA ILE D 399 17.57 -10.42 20.98
C ILE D 399 16.70 -11.66 21.15
N CYS D 400 17.32 -12.83 21.18
CA CYS D 400 16.64 -14.09 21.46
C CYS D 400 17.65 -15.08 22.01
N HIS D 401 17.10 -16.19 22.53
CA HIS D 401 17.84 -17.29 23.14
C HIS D 401 17.72 -18.50 22.21
N PRO D 402 18.72 -18.76 21.36
CA PRO D 402 18.52 -19.74 20.28
C PRO D 402 18.19 -21.16 20.76
N ALA D 403 18.75 -21.60 21.88
CA ALA D 403 18.52 -22.98 22.30
C ALA D 403 17.04 -23.24 22.58
N SER D 404 16.28 -22.22 22.99
CA SER D 404 14.85 -22.39 23.26
C SER D 404 13.96 -21.82 22.16
N THR D 405 14.53 -21.20 21.12
CA THR D 405 13.71 -20.65 20.06
C THR D 405 14.20 -21.10 18.69
N THR D 406 15.07 -20.29 18.07
CA THR D 406 15.45 -20.50 16.69
C THR D 406 16.01 -21.89 16.46
N HIS D 407 16.71 -22.44 17.45
CA HIS D 407 17.35 -23.74 17.31
C HIS D 407 16.78 -24.76 18.27
N SER D 408 15.58 -24.52 18.78
CA SER D 408 14.97 -25.46 19.70
C SER D 408 14.44 -26.69 18.98
N GLY D 409 14.27 -26.60 17.66
CA GLY D 409 13.80 -27.71 16.86
C GLY D 409 14.89 -28.69 16.43
N VAL D 410 16.15 -28.32 16.62
CA VAL D 410 17.30 -29.18 16.31
C VAL D 410 17.50 -30.13 17.49
N PRO D 411 17.88 -31.39 17.28
CA PRO D 411 18.16 -32.27 18.43
C PRO D 411 19.25 -31.67 19.30
N GLU D 412 19.16 -31.94 20.60
CA GLU D 412 20.06 -31.32 21.57
C GLU D 412 21.52 -31.64 21.29
N ALA D 413 21.81 -32.86 20.84
CA ALA D 413 23.20 -33.22 20.53
C ALA D 413 23.77 -32.36 19.42
N ALA D 414 23.03 -32.22 18.31
CA ALA D 414 23.52 -31.42 17.21
C ALA D 414 23.62 -29.95 17.59
N ARG D 415 22.69 -29.49 18.42
CA ARG D 415 22.75 -28.13 18.95
C ARG D 415 24.03 -27.93 19.76
N LYS D 416 24.28 -28.81 20.74
CA LYS D 416 25.47 -28.65 21.58
C LYS D 416 26.76 -28.79 20.78
N ALA D 417 26.82 -29.75 19.86
CA ALA D 417 28.03 -29.95 19.06
C ALA D 417 28.32 -28.78 18.13
N ALA D 418 27.32 -27.99 17.77
CA ALA D 418 27.51 -26.80 16.95
C ALA D 418 27.77 -25.52 17.79
N GLY D 419 27.91 -25.65 19.10
CA GLY D 419 28.17 -24.50 19.96
C GLY D 419 26.95 -23.70 20.39
N VAL D 420 25.73 -24.15 20.10
CA VAL D 420 24.54 -23.45 20.56
C VAL D 420 24.26 -24.00 21.96
N SER D 421 24.67 -23.26 22.98
CA SER D 421 24.60 -23.72 24.35
C SER D 421 23.48 -23.00 25.09
N GLU D 422 23.15 -23.53 26.28
CA GLU D 422 22.04 -22.98 27.05
C GLU D 422 22.31 -21.57 27.55
N GLY D 423 23.56 -21.18 27.65
CA GLY D 423 23.86 -19.82 28.03
C GLY D 423 23.95 -18.84 26.89
N LEU D 424 23.77 -19.28 25.65
CA LEU D 424 24.05 -18.44 24.51
C LEU D 424 22.87 -17.53 24.18
N ILE D 425 23.18 -16.25 23.97
CA ILE D 425 22.21 -15.21 23.65
C ILE D 425 22.63 -14.60 22.31
N ARG D 426 21.68 -14.45 21.40
CA ARG D 426 21.97 -13.87 20.09
C ARG D 426 21.37 -12.47 20.00
N VAL D 427 22.17 -11.52 19.58
CA VAL D 427 21.68 -10.17 19.33
C VAL D 427 21.84 -9.88 17.85
N SER D 428 20.92 -9.07 17.34
CA SER D 428 21.01 -8.52 16.00
C SER D 428 20.87 -7.01 16.10
N ILE D 429 21.98 -6.30 15.88
CA ILE D 429 22.05 -4.86 16.12
C ILE D 429 21.37 -4.12 14.98
N GLY D 430 20.52 -3.15 15.32
CA GLY D 430 19.85 -2.27 14.37
C GLY D 430 20.52 -0.91 14.26
N LEU D 431 19.70 0.12 14.09
CA LEU D 431 20.20 1.46 13.82
C LEU D 431 20.23 2.35 15.07
N GLU D 432 19.93 1.79 16.24
CA GLU D 432 19.99 2.61 17.46
C GLU D 432 21.42 3.04 17.74
N HIS D 433 21.54 4.09 18.53
CA HIS D 433 22.86 4.59 18.88
C HIS D 433 23.54 3.62 19.83
N GLU D 434 24.83 3.36 19.58
CA GLU D 434 25.57 2.35 20.32
C GLU D 434 25.58 2.65 21.81
N GLU D 435 25.60 3.92 22.20
CA GLU D 435 25.60 4.25 23.61
C GLU D 435 24.29 3.86 24.28
N ASP D 436 23.19 3.89 23.53
CA ASP D 436 21.91 3.50 24.12
C ASP D 436 21.81 1.98 24.26
N LEU D 437 22.28 1.24 23.25
CA LEU D 437 22.28 -0.22 23.32
C LEU D 437 23.17 -0.73 24.46
N ILE D 438 24.37 -0.14 24.62
CA ILE D 438 25.26 -0.51 25.72
C ILE D 438 24.61 -0.23 27.07
N ALA D 439 23.96 0.92 27.21
CA ALA D 439 23.27 1.24 28.47
C ALA D 439 22.16 0.23 28.77
N ASP D 440 21.47 -0.23 27.72
CA ASP D 440 20.43 -1.23 27.89
C ASP D 440 21.02 -2.57 28.35
N LEU D 441 22.13 -2.99 27.73
CA LEU D 441 22.78 -4.22 28.16
C LEU D 441 23.34 -4.08 29.57
N ASP D 442 23.94 -2.92 29.86
CA ASP D 442 24.44 -2.65 31.22
C ASP D 442 23.33 -2.79 32.25
N HIS D 443 22.15 -2.23 31.96
CA HIS D 443 21.03 -2.36 32.89
C HIS D 443 20.60 -3.81 33.05
N ALA D 444 20.64 -4.59 31.97
CA ALA D 444 20.22 -5.98 32.04
C ALA D 444 21.14 -6.79 32.95
N PHE D 445 22.46 -6.58 32.85
CA PHE D 445 23.39 -7.23 33.76
C PHE D 445 23.05 -6.92 35.21
N ARG D 446 22.74 -5.65 35.51
CA ARG D 446 22.41 -5.30 36.88
C ARG D 446 21.09 -5.92 37.32
N ARG D 447 20.04 -5.73 36.52
CA ARG D 447 18.73 -6.23 36.93
C ARG D 447 18.64 -7.74 36.86
N SER D 448 19.67 -8.43 36.38
CA SER D 448 19.68 -9.88 36.40
C SER D 448 20.68 -10.41 37.43
#